data_2L2O
#
_entry.id   2L2O
#
_entity_poly.entity_id   1
_entity_poly.type   'polypeptide(L)'
_entity_poly.pdbx_seq_one_letter_code
;MNVDHEVNLLVEEIHRLGSKNADGKLSVKFGVLFRDDKSANLFEALVGTLKAAKRRKIVTYPGELLLQGVHDDVDIILLQ
DLEHHHHHH
;
_entity_poly.pdbx_strand_id   A
#
# COMPACT_ATOMS: atom_id res chain seq x y z
N MET A 1 6.82 -14.62 -0.62
CA MET A 1 5.96 -15.73 -0.15
C MET A 1 5.75 -15.61 1.35
N ASN A 2 6.78 -15.19 2.07
CA ASN A 2 6.65 -14.84 3.46
C ASN A 2 6.25 -13.37 3.56
N VAL A 3 5.06 -13.11 4.10
CA VAL A 3 4.46 -11.78 4.12
C VAL A 3 5.42 -10.74 4.72
N ASP A 4 6.34 -11.20 5.53
CA ASP A 4 7.33 -10.32 6.16
C ASP A 4 8.13 -9.55 5.12
N HIS A 5 8.39 -10.18 3.97
CA HIS A 5 9.15 -9.54 2.91
C HIS A 5 8.22 -8.64 2.10
N GLU A 6 7.01 -9.12 1.93
CA GLU A 6 6.00 -8.46 1.15
C GLU A 6 5.67 -7.07 1.71
N VAL A 7 5.66 -6.97 3.03
CA VAL A 7 5.45 -5.69 3.71
C VAL A 7 6.48 -4.66 3.23
N ASN A 8 7.75 -5.04 3.21
CA ASN A 8 8.81 -4.14 2.78
C ASN A 8 8.76 -3.92 1.27
N LEU A 9 8.32 -4.93 0.54
CA LEU A 9 8.12 -4.79 -0.89
C LEU A 9 7.05 -3.73 -1.15
N LEU A 10 5.98 -3.81 -0.36
CA LEU A 10 4.86 -2.88 -0.45
C LEU A 10 5.33 -1.44 -0.26
N VAL A 11 6.09 -1.20 0.80
CA VAL A 11 6.53 0.15 1.12
C VAL A 11 7.48 0.71 0.06
N GLU A 12 8.23 -0.18 -0.59
CA GLU A 12 9.09 0.23 -1.69
C GLU A 12 8.24 0.64 -2.90
N GLU A 13 7.27 -0.21 -3.25
CA GLU A 13 6.38 0.07 -4.37
C GLU A 13 5.61 1.36 -4.13
N ILE A 14 5.16 1.56 -2.89
CA ILE A 14 4.47 2.79 -2.50
C ILE A 14 5.40 4.00 -2.63
N HIS A 15 6.70 3.78 -2.39
CA HIS A 15 7.67 4.85 -2.53
C HIS A 15 7.79 5.33 -3.98
N ARG A 16 7.64 4.40 -4.92
CA ARG A 16 7.70 4.75 -6.34
C ARG A 16 6.34 5.21 -6.89
N LEU A 17 5.28 4.46 -6.57
CA LEU A 17 3.95 4.75 -7.10
C LEU A 17 3.25 5.86 -6.34
N GLY A 18 3.65 6.07 -5.09
CA GLY A 18 2.96 7.00 -4.22
C GLY A 18 3.38 8.43 -4.44
N SER A 19 2.46 9.32 -4.17
CA SER A 19 2.70 10.76 -4.27
C SER A 19 2.44 11.40 -2.91
N LYS A 20 3.09 12.52 -2.63
CA LYS A 20 2.98 13.14 -1.31
C LYS A 20 1.68 13.89 -1.13
N ASN A 21 1.01 13.61 -0.02
CA ASN A 21 -0.21 14.31 0.34
C ASN A 21 0.14 15.57 1.14
N ALA A 22 -0.89 16.25 1.65
CA ALA A 22 -0.71 17.52 2.35
C ALA A 22 0.18 17.38 3.58
N ASP A 23 0.17 16.19 4.17
CA ASP A 23 0.94 15.93 5.39
C ASP A 23 2.42 15.68 5.05
N GLY A 24 2.74 15.71 3.76
CA GLY A 24 4.13 15.57 3.33
C GLY A 24 4.56 14.13 3.19
N LYS A 25 3.65 13.22 3.47
CA LYS A 25 3.95 11.79 3.40
C LYS A 25 3.46 11.20 2.09
N LEU A 26 4.11 10.14 1.65
CA LEU A 26 3.75 9.46 0.41
C LEU A 26 2.45 8.69 0.58
N SER A 27 1.59 8.80 -0.41
CA SER A 27 0.34 8.08 -0.43
C SER A 27 0.00 7.68 -1.86
N VAL A 28 -0.55 6.49 -2.03
CA VAL A 28 -0.95 6.02 -3.34
C VAL A 28 -2.36 5.44 -3.28
N LYS A 29 -3.17 5.77 -4.27
CA LYS A 29 -4.54 5.27 -4.31
C LYS A 29 -4.57 3.79 -4.61
N PHE A 30 -5.48 3.08 -3.95
CA PHE A 30 -5.63 1.63 -4.09
C PHE A 30 -5.76 1.24 -5.57
N GLY A 31 -6.53 2.03 -6.31
CA GLY A 31 -6.75 1.74 -7.71
C GLY A 31 -5.47 1.76 -8.53
N VAL A 32 -4.55 2.63 -8.16
CA VAL A 32 -3.29 2.76 -8.88
C VAL A 32 -2.39 1.56 -8.61
N LEU A 33 -2.27 1.20 -7.34
CA LEU A 33 -1.45 0.06 -6.93
C LEU A 33 -2.07 -1.23 -7.46
N PHE A 34 -3.38 -1.36 -7.32
CA PHE A 34 -4.10 -2.54 -7.78
C PHE A 34 -3.94 -2.72 -9.29
N ARG A 35 -3.95 -1.60 -10.00
CA ARG A 35 -3.76 -1.60 -11.45
C ARG A 35 -2.45 -2.29 -11.83
N ASP A 36 -1.38 -1.90 -11.15
CA ASP A 36 -0.05 -2.47 -11.41
C ASP A 36 0.01 -3.92 -11.01
N ASP A 37 -0.60 -4.25 -9.87
CA ASP A 37 -0.60 -5.63 -9.38
C ASP A 37 -1.40 -6.54 -10.30
N LYS A 38 -2.44 -6.01 -10.94
CA LYS A 38 -3.23 -6.81 -11.87
C LYS A 38 -2.39 -7.25 -13.07
N SER A 39 -1.30 -6.54 -13.33
CA SER A 39 -0.44 -6.88 -14.45
C SER A 39 0.63 -7.91 -14.03
N ALA A 40 1.30 -7.66 -12.91
CA ALA A 40 2.44 -8.48 -12.49
C ALA A 40 2.06 -9.48 -11.41
N ASN A 41 1.03 -9.16 -10.66
CA ASN A 41 0.64 -9.92 -9.47
C ASN A 41 1.82 -10.07 -8.53
N LEU A 42 2.22 -8.95 -7.96
CA LEU A 42 3.36 -8.89 -7.06
C LEU A 42 2.93 -9.35 -5.68
N PHE A 43 1.75 -8.93 -5.28
CA PHE A 43 1.21 -9.27 -3.98
C PHE A 43 0.07 -10.26 -4.16
N GLU A 44 0.37 -11.54 -3.93
CA GLU A 44 -0.62 -12.60 -4.07
C GLU A 44 -1.80 -12.35 -3.14
N ALA A 45 -1.53 -11.71 -2.01
CA ALA A 45 -2.57 -11.25 -1.11
C ALA A 45 -2.36 -9.77 -0.80
N LEU A 46 -2.87 -8.92 -1.66
CA LEU A 46 -2.67 -7.48 -1.54
C LEU A 46 -3.34 -6.94 -0.28
N VAL A 47 -4.57 -7.39 -0.04
CA VAL A 47 -5.32 -6.95 1.13
C VAL A 47 -4.58 -7.34 2.41
N GLY A 48 -4.10 -8.59 2.45
CA GLY A 48 -3.36 -9.06 3.60
C GLY A 48 -2.06 -8.31 3.80
N THR A 49 -1.41 -7.92 2.71
CA THR A 49 -0.18 -7.14 2.79
C THR A 49 -0.47 -5.74 3.34
N LEU A 50 -1.56 -5.15 2.88
CA LEU A 50 -2.01 -3.86 3.39
C LEU A 50 -2.31 -3.93 4.88
N LYS A 51 -3.02 -5.00 5.27
CA LYS A 51 -3.35 -5.23 6.67
C LYS A 51 -2.08 -5.34 7.51
N ALA A 52 -1.11 -6.10 7.02
CA ALA A 52 0.15 -6.32 7.73
C ALA A 52 0.83 -4.99 8.04
N ALA A 53 0.91 -4.12 7.04
CA ALA A 53 1.57 -2.84 7.19
C ALA A 53 0.72 -1.87 8.02
N LYS A 54 -0.59 -2.04 7.97
CA LYS A 54 -1.49 -1.21 8.76
C LYS A 54 -1.41 -1.59 10.24
N ARG A 55 -1.17 -2.88 10.49
CA ARG A 55 -0.98 -3.38 11.86
C ARG A 55 0.37 -2.95 12.42
N ARG A 56 1.34 -2.79 11.53
CA ARG A 56 2.66 -2.29 11.91
C ARG A 56 2.68 -0.77 11.93
N LYS A 57 1.52 -0.17 11.64
CA LYS A 57 1.36 1.29 11.62
C LYS A 57 2.34 1.92 10.63
N ILE A 58 2.66 1.18 9.59
CA ILE A 58 3.53 1.66 8.54
C ILE A 58 2.72 2.46 7.54
N VAL A 59 1.53 1.95 7.23
CA VAL A 59 0.62 2.64 6.34
C VAL A 59 -0.77 2.67 6.94
N THR A 60 -1.56 3.64 6.52
CA THR A 60 -2.95 3.68 6.91
C THR A 60 -3.82 3.98 5.70
N TYR A 61 -5.02 3.43 5.71
CA TYR A 61 -5.96 3.65 4.63
C TYR A 61 -7.37 3.41 5.14
N PRO A 62 -8.31 4.29 4.78
CA PRO A 62 -9.71 4.12 5.15
C PRO A 62 -10.29 2.81 4.61
N GLY A 63 -11.08 2.14 5.42
CA GLY A 63 -11.67 0.89 5.00
C GLY A 63 -11.16 -0.28 5.82
N GLU A 64 -12.04 -1.24 6.04
CA GLU A 64 -11.70 -2.44 6.79
C GLU A 64 -11.53 -3.62 5.85
N LEU A 65 -12.58 -3.88 5.07
CA LEU A 65 -12.55 -4.93 4.06
C LEU A 65 -13.12 -4.42 2.76
N LEU A 66 -12.73 -5.02 1.65
CA LEU A 66 -13.21 -4.61 0.33
C LEU A 66 -13.12 -5.77 -0.65
N LEU A 67 -14.01 -5.77 -1.62
CA LEU A 67 -14.02 -6.81 -2.65
C LEU A 67 -14.04 -6.18 -4.04
N GLN A 68 -14.84 -5.14 -4.18
CA GLN A 68 -14.96 -4.43 -5.44
C GLN A 68 -14.02 -3.23 -5.46
N GLY A 69 -13.72 -2.73 -6.65
CA GLY A 69 -12.82 -1.61 -6.79
C GLY A 69 -13.49 -0.27 -6.49
N VAL A 70 -14.32 -0.25 -5.47
CA VAL A 70 -15.01 0.96 -5.06
C VAL A 70 -14.14 1.73 -4.05
N HIS A 71 -13.09 1.06 -3.59
CA HIS A 71 -12.15 1.67 -2.65
C HIS A 71 -10.89 2.11 -3.40
N ASP A 72 -11.00 2.18 -4.72
CA ASP A 72 -9.84 2.47 -5.57
C ASP A 72 -9.35 3.91 -5.37
N ASP A 73 -10.22 4.78 -4.87
CA ASP A 73 -9.87 6.18 -4.64
C ASP A 73 -9.23 6.36 -3.27
N VAL A 74 -9.17 5.28 -2.50
CA VAL A 74 -8.60 5.32 -1.17
C VAL A 74 -7.07 5.41 -1.25
N ASP A 75 -6.53 6.48 -0.70
CA ASP A 75 -5.09 6.68 -0.68
C ASP A 75 -4.48 5.94 0.50
N ILE A 76 -3.51 5.10 0.20
CA ILE A 76 -2.76 4.39 1.23
C ILE A 76 -1.63 5.30 1.69
N ILE A 77 -1.75 5.82 2.91
CA ILE A 77 -0.81 6.81 3.42
C ILE A 77 0.32 6.13 4.19
N LEU A 78 1.55 6.45 3.81
CA LEU A 78 2.72 5.94 4.51
C LEU A 78 2.97 6.76 5.77
N LEU A 79 2.73 6.14 6.92
CA LEU A 79 2.90 6.81 8.20
C LEU A 79 4.33 6.65 8.70
N GLN A 80 4.84 5.44 8.57
CA GLN A 80 6.18 5.13 9.04
C GLN A 80 7.07 4.80 7.86
N ASP A 81 8.24 5.40 7.81
CA ASP A 81 9.14 5.21 6.69
C ASP A 81 10.44 4.57 7.13
N LEU A 82 10.70 3.39 6.60
CA LEU A 82 11.96 2.70 6.82
C LEU A 82 12.62 2.43 5.49
N GLU A 83 11.99 2.91 4.42
CA GLU A 83 12.42 2.60 3.07
C GLU A 83 13.26 3.73 2.50
N HIS A 84 14.59 3.59 2.65
CA HIS A 84 15.60 4.40 1.94
C HIS A 84 16.85 4.53 2.79
N HIS A 85 17.99 4.43 2.16
CA HIS A 85 19.26 4.63 2.83
C HIS A 85 19.94 5.88 2.30
N MET A 1 5.91 -13.77 -1.60
CA MET A 1 5.13 -14.85 -0.97
C MET A 1 5.00 -14.62 0.53
N ASN A 2 6.13 -14.62 1.24
CA ASN A 2 6.10 -14.43 2.68
C ASN A 2 5.78 -12.98 3.02
N VAL A 3 4.93 -12.79 4.01
CA VAL A 3 4.40 -11.47 4.34
C VAL A 3 5.51 -10.46 4.63
N ASP A 4 6.62 -10.92 5.20
CA ASP A 4 7.74 -10.03 5.53
C ASP A 4 8.26 -9.34 4.28
N HIS A 5 8.33 -10.09 3.18
CA HIS A 5 8.80 -9.57 1.91
C HIS A 5 7.71 -8.77 1.21
N GLU A 6 6.47 -9.18 1.41
CA GLU A 6 5.34 -8.50 0.81
C GLU A 6 5.23 -7.07 1.32
N VAL A 7 5.42 -6.91 2.63
CA VAL A 7 5.36 -5.59 3.26
C VAL A 7 6.42 -4.66 2.70
N ASN A 8 7.64 -5.16 2.55
CA ASN A 8 8.72 -4.38 1.97
C ASN A 8 8.37 -3.98 0.55
N LEU A 9 7.82 -4.93 -0.19
CA LEU A 9 7.43 -4.68 -1.56
C LEU A 9 6.33 -3.63 -1.60
N LEU A 10 5.46 -3.65 -0.60
CA LEU A 10 4.40 -2.66 -0.47
C LEU A 10 5.01 -1.26 -0.32
N VAL A 11 5.93 -1.12 0.62
CA VAL A 11 6.57 0.17 0.87
C VAL A 11 7.44 0.59 -0.31
N GLU A 12 8.00 -0.40 -1.01
CA GLU A 12 8.77 -0.14 -2.23
C GLU A 12 7.88 0.52 -3.29
N GLU A 13 6.73 -0.08 -3.54
CA GLU A 13 5.80 0.44 -4.54
C GLU A 13 5.23 1.78 -4.11
N ILE A 14 4.90 1.91 -2.82
CA ILE A 14 4.38 3.17 -2.28
C ILE A 14 5.40 4.29 -2.47
N HIS A 15 6.68 3.96 -2.39
CA HIS A 15 7.73 4.93 -2.61
C HIS A 15 7.72 5.48 -4.03
N ARG A 16 7.72 4.57 -5.00
CA ARG A 16 7.90 4.94 -6.40
C ARG A 16 6.57 5.27 -7.12
N LEU A 17 5.47 4.72 -6.64
CA LEU A 17 4.16 5.01 -7.23
C LEU A 17 3.43 6.09 -6.45
N GLY A 18 3.88 6.36 -5.24
CA GLY A 18 3.19 7.29 -4.37
C GLY A 18 3.80 8.67 -4.39
N SER A 19 3.04 9.64 -3.91
CA SER A 19 3.47 11.02 -3.86
C SER A 19 3.35 11.54 -2.44
N LYS A 20 4.13 12.56 -2.11
CA LYS A 20 4.12 13.11 -0.75
C LYS A 20 3.03 14.17 -0.60
N ASN A 21 2.29 14.06 0.49
CA ASN A 21 1.21 14.99 0.78
C ASN A 21 1.74 16.21 1.54
N ALA A 22 0.83 17.08 1.96
CA ALA A 22 1.20 18.30 2.66
C ALA A 22 1.92 18.00 3.97
N ASP A 23 1.65 16.84 4.54
CA ASP A 23 2.28 16.43 5.80
C ASP A 23 3.70 15.92 5.56
N GLY A 24 4.00 15.60 4.31
CA GLY A 24 5.31 15.08 3.97
C GLY A 24 5.34 13.57 3.92
N LYS A 25 4.17 12.96 4.09
CA LYS A 25 4.05 11.51 4.02
C LYS A 25 3.71 11.07 2.62
N LEU A 26 4.16 9.87 2.24
CA LEU A 26 3.85 9.30 0.95
C LEU A 26 2.43 8.75 0.94
N SER A 27 1.76 8.87 -0.19
CA SER A 27 0.46 8.27 -0.36
C SER A 27 0.31 7.77 -1.79
N VAL A 28 -0.34 6.63 -1.94
CA VAL A 28 -0.55 6.04 -3.26
C VAL A 28 -2.01 5.63 -3.41
N LYS A 29 -2.60 5.91 -4.56
CA LYS A 29 -4.01 5.61 -4.77
C LYS A 29 -4.21 4.12 -4.96
N PHE A 30 -5.15 3.57 -4.20
CA PHE A 30 -5.42 2.14 -4.18
C PHE A 30 -5.74 1.61 -5.58
N GLY A 31 -6.52 2.37 -6.34
CA GLY A 31 -6.88 1.94 -7.68
C GLY A 31 -5.68 1.71 -8.56
N VAL A 32 -4.68 2.57 -8.44
CA VAL A 32 -3.47 2.47 -9.24
C VAL A 32 -2.63 1.27 -8.77
N LEU A 33 -2.41 1.18 -7.47
CA LEU A 33 -1.61 0.10 -6.90
C LEU A 33 -2.28 -1.25 -7.14
N PHE A 34 -3.59 -1.33 -6.90
CA PHE A 34 -4.33 -2.57 -7.07
C PHE A 34 -4.30 -3.03 -8.52
N ARG A 35 -4.58 -2.12 -9.43
CA ARG A 35 -4.65 -2.44 -10.84
C ARG A 35 -3.27 -2.82 -11.37
N ASP A 36 -2.24 -2.16 -10.85
CA ASP A 36 -0.87 -2.46 -11.25
C ASP A 36 -0.46 -3.83 -10.73
N ASP A 37 -0.69 -4.06 -9.45
CA ASP A 37 -0.37 -5.33 -8.82
C ASP A 37 -1.10 -6.49 -9.49
N LYS A 38 -2.37 -6.32 -9.76
CA LYS A 38 -3.15 -7.38 -10.39
C LYS A 38 -2.68 -7.67 -11.81
N SER A 39 -1.96 -6.71 -12.40
CA SER A 39 -1.41 -6.90 -13.74
C SER A 39 -0.02 -7.53 -13.67
N ALA A 40 0.75 -7.19 -12.64
CA ALA A 40 2.12 -7.67 -12.51
C ALA A 40 2.21 -8.92 -11.64
N ASN A 41 1.30 -9.01 -10.67
CA ASN A 41 1.31 -10.07 -9.65
C ASN A 41 2.50 -9.89 -8.73
N LEU A 42 2.53 -8.75 -8.08
CA LEU A 42 3.62 -8.41 -7.17
C LEU A 42 3.40 -9.05 -5.81
N PHE A 43 2.20 -8.89 -5.29
CA PHE A 43 1.86 -9.40 -3.96
C PHE A 43 1.06 -10.69 -4.09
N GLU A 44 1.54 -11.74 -3.43
CA GLU A 44 0.81 -13.00 -3.42
C GLU A 44 -0.43 -12.86 -2.57
N ALA A 45 -0.31 -12.05 -1.52
CA ALA A 45 -1.44 -11.75 -0.66
C ALA A 45 -1.53 -10.24 -0.45
N LEU A 46 -2.17 -9.56 -1.38
CA LEU A 46 -2.30 -8.11 -1.32
C LEU A 46 -3.01 -7.66 -0.05
N VAL A 47 -4.13 -8.30 0.24
CA VAL A 47 -4.90 -8.00 1.44
C VAL A 47 -4.08 -8.26 2.69
N GLY A 48 -3.37 -9.39 2.71
CA GLY A 48 -2.50 -9.72 3.83
C GLY A 48 -1.40 -8.70 4.02
N THR A 49 -0.85 -8.22 2.91
CA THR A 49 0.18 -7.21 2.93
C THR A 49 -0.35 -5.91 3.53
N LEU A 50 -1.54 -5.51 3.08
CA LEU A 50 -2.19 -4.30 3.57
C LEU A 50 -2.43 -4.37 5.07
N LYS A 51 -2.96 -5.50 5.52
CA LYS A 51 -3.26 -5.70 6.93
C LYS A 51 -1.99 -5.66 7.78
N ALA A 52 -0.95 -6.33 7.31
CA ALA A 52 0.32 -6.38 8.01
C ALA A 52 0.85 -4.98 8.28
N ALA A 53 0.92 -4.18 7.24
CA ALA A 53 1.47 -2.83 7.35
C ALA A 53 0.53 -1.90 8.11
N LYS A 54 -0.77 -2.10 7.97
CA LYS A 54 -1.74 -1.28 8.67
C LYS A 54 -1.65 -1.51 10.18
N ARG A 55 -1.43 -2.77 10.57
CA ARG A 55 -1.31 -3.10 11.98
C ARG A 55 0.06 -2.70 12.54
N ARG A 56 1.04 -2.53 11.66
CA ARG A 56 2.36 -2.08 12.08
C ARG A 56 2.43 -0.55 12.08
N LYS A 57 1.32 0.09 11.71
CA LYS A 57 1.26 1.53 11.52
C LYS A 57 2.27 1.97 10.47
N ILE A 58 2.52 1.09 9.51
CA ILE A 58 3.34 1.42 8.36
C ILE A 58 2.51 2.27 7.41
N VAL A 59 1.29 1.83 7.20
CA VAL A 59 0.35 2.52 6.32
C VAL A 59 -1.02 2.58 6.99
N THR A 60 -1.89 3.41 6.45
CA THR A 60 -3.25 3.51 6.93
C THR A 60 -4.21 3.78 5.77
N TYR A 61 -5.42 3.26 5.91
CA TYR A 61 -6.47 3.50 4.92
C TYR A 61 -7.82 3.17 5.53
N PRO A 62 -8.81 4.07 5.34
CA PRO A 62 -10.16 3.89 5.87
C PRO A 62 -10.97 2.89 5.06
N GLY A 63 -11.74 2.07 5.75
CA GLY A 63 -12.58 1.10 5.07
C GLY A 63 -11.78 -0.04 4.48
N GLU A 64 -11.34 -0.96 5.32
CA GLU A 64 -10.59 -2.13 4.84
C GLU A 64 -11.55 -3.22 4.39
N LEU A 65 -12.81 -3.08 4.79
CA LEU A 65 -13.85 -3.99 4.34
C LEU A 65 -14.45 -3.46 3.04
N LEU A 66 -13.77 -3.74 1.94
CA LEU A 66 -14.22 -3.30 0.63
C LEU A 66 -14.73 -4.47 -0.19
N LEU A 67 -15.29 -4.18 -1.35
CA LEU A 67 -15.87 -5.22 -2.20
C LEU A 67 -15.52 -4.96 -3.67
N GLN A 68 -15.47 -3.68 -4.05
CA GLN A 68 -15.20 -3.31 -5.42
C GLN A 68 -14.13 -2.23 -5.50
N GLY A 69 -13.88 -1.73 -6.70
CA GLY A 69 -12.90 -0.69 -6.89
C GLY A 69 -13.44 0.69 -6.57
N VAL A 70 -14.22 0.78 -5.50
CA VAL A 70 -14.76 2.06 -5.05
C VAL A 70 -13.67 2.84 -4.33
N HIS A 71 -12.63 2.13 -3.94
CA HIS A 71 -11.50 2.73 -3.26
C HIS A 71 -10.41 3.11 -4.27
N ASP A 72 -10.79 3.15 -5.54
CA ASP A 72 -9.87 3.42 -6.64
C ASP A 72 -9.12 4.74 -6.43
N ASP A 73 -9.82 5.74 -5.91
CA ASP A 73 -9.24 7.07 -5.71
C ASP A 73 -8.73 7.25 -4.28
N VAL A 74 -8.92 6.22 -3.47
CA VAL A 74 -8.54 6.29 -2.06
C VAL A 74 -7.03 6.18 -1.91
N ASP A 75 -6.45 7.20 -1.29
CA ASP A 75 -5.02 7.25 -1.08
C ASP A 75 -4.62 6.43 0.14
N ILE A 76 -3.73 5.47 -0.07
CA ILE A 76 -3.16 4.69 1.01
C ILE A 76 -1.96 5.46 1.56
N ILE A 77 -2.07 5.93 2.79
CA ILE A 77 -1.08 6.82 3.35
C ILE A 77 -0.01 6.06 4.12
N LEU A 78 1.25 6.38 3.82
CA LEU A 78 2.38 5.79 4.49
C LEU A 78 2.70 6.56 5.77
N LEU A 79 2.49 5.91 6.91
CA LEU A 79 2.74 6.54 8.20
C LEU A 79 4.20 6.38 8.60
N GLN A 80 4.75 5.21 8.37
CA GLN A 80 6.14 4.94 8.69
C GLN A 80 6.92 4.61 7.42
N ASP A 81 8.07 5.24 7.26
CA ASP A 81 8.87 5.02 6.06
C ASP A 81 9.95 3.99 6.33
N LEU A 82 9.79 2.82 5.73
CA LEU A 82 10.76 1.75 5.88
C LEU A 82 11.99 2.03 5.02
N GLU A 83 11.74 2.32 3.75
CA GLU A 83 12.80 2.48 2.77
C GLU A 83 13.37 3.91 2.83
N HIS A 84 13.44 4.47 4.03
CA HIS A 84 13.84 5.86 4.22
C HIS A 84 15.31 6.07 3.86
N HIS A 85 15.53 6.54 2.65
CA HIS A 85 16.85 6.91 2.19
C HIS A 85 16.72 8.03 1.16
N MET A 1 5.15 -14.78 0.04
CA MET A 1 6.04 -15.76 0.72
C MET A 1 6.28 -15.35 2.17
N ASN A 2 7.23 -14.44 2.37
CA ASN A 2 7.50 -13.93 3.71
C ASN A 2 6.79 -12.60 3.88
N VAL A 3 5.72 -12.60 4.67
CA VAL A 3 4.84 -11.44 4.78
C VAL A 3 5.59 -10.22 5.29
N ASP A 4 6.59 -10.44 6.14
CA ASP A 4 7.40 -9.35 6.67
C ASP A 4 8.10 -8.60 5.55
N HIS A 5 8.65 -9.34 4.61
CA HIS A 5 9.35 -8.74 3.48
C HIS A 5 8.37 -8.25 2.42
N GLU A 6 7.20 -8.87 2.37
CA GLU A 6 6.15 -8.44 1.45
C GLU A 6 5.66 -7.06 1.85
N VAL A 7 5.73 -6.75 3.15
CA VAL A 7 5.43 -5.42 3.65
C VAL A 7 6.47 -4.42 3.12
N ASN A 8 7.74 -4.82 3.13
CA ASN A 8 8.81 -3.99 2.59
C ASN A 8 8.65 -3.83 1.08
N LEU A 9 8.12 -4.84 0.44
CA LEU A 9 7.83 -4.76 -0.97
C LEU A 9 6.69 -3.78 -1.21
N LEU A 10 5.66 -3.89 -0.36
CA LEU A 10 4.50 -3.01 -0.42
C LEU A 10 4.90 -1.54 -0.31
N VAL A 11 5.77 -1.23 0.65
CA VAL A 11 6.20 0.13 0.87
C VAL A 11 7.04 0.64 -0.31
N GLU A 12 7.81 -0.26 -0.92
CA GLU A 12 8.65 0.10 -2.06
C GLU A 12 7.78 0.55 -3.23
N GLU A 13 6.68 -0.18 -3.45
CA GLU A 13 5.73 0.16 -4.48
C GLU A 13 5.14 1.55 -4.21
N ILE A 14 4.86 1.84 -2.95
CA ILE A 14 4.31 3.14 -2.56
C ILE A 14 5.35 4.25 -2.75
N HIS A 15 6.62 3.91 -2.52
CA HIS A 15 7.71 4.86 -2.77
C HIS A 15 7.75 5.28 -4.24
N ARG A 16 7.42 4.33 -5.10
CA ARG A 16 7.51 4.53 -6.54
C ARG A 16 6.22 5.15 -7.09
N LEU A 17 5.08 4.60 -6.70
CA LEU A 17 3.80 4.99 -7.28
C LEU A 17 3.16 6.15 -6.52
N GLY A 18 3.55 6.31 -5.28
CA GLY A 18 2.92 7.30 -4.44
C GLY A 18 3.64 8.63 -4.48
N SER A 19 2.95 9.66 -4.00
CA SER A 19 3.50 11.00 -3.95
C SER A 19 3.49 11.51 -2.52
N LYS A 20 4.44 12.37 -2.19
CA LYS A 20 4.56 12.89 -0.84
C LYS A 20 3.54 13.98 -0.58
N ASN A 21 2.75 13.78 0.46
CA ASN A 21 1.74 14.75 0.87
C ASN A 21 2.38 15.96 1.54
N ALA A 22 1.55 16.82 2.10
CA ALA A 22 2.01 18.03 2.77
C ALA A 22 2.95 17.70 3.92
N ASP A 23 2.77 16.54 4.54
CA ASP A 23 3.61 16.11 5.65
C ASP A 23 4.86 15.39 5.14
N GLY A 24 4.84 15.03 3.86
CA GLY A 24 5.92 14.25 3.30
C GLY A 24 5.62 12.77 3.29
N LYS A 25 4.39 12.41 3.68
CA LYS A 25 3.97 11.02 3.67
C LYS A 25 3.51 10.62 2.28
N LEU A 26 4.03 9.50 1.79
CA LEU A 26 3.69 8.99 0.47
C LEU A 26 2.32 8.35 0.48
N SER A 27 1.48 8.78 -0.43
CA SER A 27 0.18 8.18 -0.58
C SER A 27 -0.07 7.81 -2.03
N VAL A 28 -0.76 6.72 -2.22
CA VAL A 28 -1.14 6.32 -3.54
C VAL A 28 -2.52 5.68 -3.50
N LYS A 29 -3.35 6.00 -4.48
CA LYS A 29 -4.69 5.45 -4.54
C LYS A 29 -4.64 3.96 -4.83
N PHE A 30 -5.43 3.22 -4.06
CA PHE A 30 -5.48 1.77 -4.17
C PHE A 30 -5.91 1.35 -5.57
N GLY A 31 -6.66 2.22 -6.24
CA GLY A 31 -7.06 1.94 -7.61
C GLY A 31 -5.87 1.82 -8.54
N VAL A 32 -4.86 2.65 -8.29
CA VAL A 32 -3.65 2.64 -9.10
C VAL A 32 -2.77 1.45 -8.73
N LEU A 33 -2.56 1.26 -7.42
CA LEU A 33 -1.75 0.17 -6.91
C LEU A 33 -2.32 -1.17 -7.37
N PHE A 34 -3.64 -1.33 -7.24
CA PHE A 34 -4.31 -2.56 -7.65
C PHE A 34 -4.13 -2.79 -9.14
N ARG A 35 -4.29 -1.73 -9.91
CA ARG A 35 -4.14 -1.78 -11.36
C ARG A 35 -2.73 -2.25 -11.75
N ASP A 36 -1.73 -1.66 -11.11
CA ASP A 36 -0.34 -1.98 -11.41
C ASP A 36 0.00 -3.40 -10.97
N ASP A 37 -0.54 -3.82 -9.82
CA ASP A 37 -0.30 -5.18 -9.34
C ASP A 37 -1.00 -6.19 -10.25
N LYS A 38 -2.12 -5.81 -10.84
CA LYS A 38 -2.84 -6.70 -11.75
C LYS A 38 -1.93 -7.16 -12.90
N SER A 39 -0.92 -6.36 -13.20
CA SER A 39 0.00 -6.68 -14.28
C SER A 39 1.17 -7.56 -13.82
N ALA A 40 1.48 -7.53 -12.53
CA ALA A 40 2.66 -8.23 -12.03
C ALA A 40 2.32 -9.28 -10.98
N ASN A 41 1.30 -8.99 -10.18
CA ASN A 41 0.97 -9.78 -9.00
C ASN A 41 2.20 -10.03 -8.16
N LEU A 42 2.70 -8.97 -7.54
CA LEU A 42 3.85 -9.06 -6.67
C LEU A 42 3.39 -9.56 -5.31
N PHE A 43 2.15 -9.23 -4.99
CA PHE A 43 1.54 -9.68 -3.75
C PHE A 43 0.49 -10.73 -4.08
N GLU A 44 0.59 -11.90 -3.47
CA GLU A 44 -0.39 -12.94 -3.71
C GLU A 44 -1.72 -12.55 -3.06
N ALA A 45 -1.63 -11.93 -1.90
CA ALA A 45 -2.79 -11.40 -1.22
C ALA A 45 -2.55 -9.94 -0.85
N LEU A 46 -2.84 -9.05 -1.79
CA LEU A 46 -2.58 -7.62 -1.63
C LEU A 46 -3.31 -7.06 -0.40
N VAL A 47 -4.55 -7.50 -0.20
CA VAL A 47 -5.33 -7.06 0.94
C VAL A 47 -4.70 -7.56 2.24
N GLY A 48 -4.05 -8.72 2.16
CA GLY A 48 -3.38 -9.29 3.30
C GLY A 48 -2.10 -8.53 3.63
N THR A 49 -1.35 -8.17 2.61
CA THR A 49 -0.15 -7.36 2.78
C THR A 49 -0.49 -6.03 3.45
N LEU A 50 -1.64 -5.45 3.06
CA LEU A 50 -2.12 -4.21 3.66
C LEU A 50 -2.38 -4.39 5.15
N LYS A 51 -2.96 -5.53 5.50
CA LYS A 51 -3.29 -5.84 6.90
C LYS A 51 -2.03 -5.77 7.75
N ALA A 52 -0.98 -6.42 7.29
CA ALA A 52 0.29 -6.47 8.02
C ALA A 52 0.85 -5.08 8.25
N ALA A 53 0.93 -4.30 7.18
CA ALA A 53 1.54 -2.99 7.25
C ALA A 53 0.65 -2.01 8.01
N LYS A 54 -0.65 -2.09 7.82
CA LYS A 54 -1.58 -1.20 8.51
C LYS A 54 -1.49 -1.43 10.02
N ARG A 55 -1.43 -2.69 10.42
CA ARG A 55 -1.40 -3.04 11.83
C ARG A 55 -0.02 -2.81 12.43
N ARG A 56 0.98 -2.65 11.56
CA ARG A 56 2.32 -2.30 12.00
C ARG A 56 2.51 -0.79 12.00
N LYS A 57 1.44 -0.05 11.69
CA LYS A 57 1.49 1.39 11.56
C LYS A 57 2.45 1.81 10.45
N ILE A 58 2.65 0.92 9.49
CA ILE A 58 3.49 1.20 8.35
C ILE A 58 2.69 2.05 7.36
N VAL A 59 1.45 1.66 7.14
CA VAL A 59 0.55 2.38 6.25
C VAL A 59 -0.82 2.52 6.90
N THR A 60 -1.63 3.41 6.38
CA THR A 60 -3.00 3.55 6.84
C THR A 60 -3.91 3.85 5.67
N TYR A 61 -5.15 3.38 5.76
CA TYR A 61 -6.14 3.62 4.73
C TYR A 61 -7.54 3.44 5.31
N PRO A 62 -8.52 4.22 4.84
CA PRO A 62 -9.90 4.13 5.31
C PRO A 62 -10.51 2.75 5.09
N GLY A 63 -11.27 2.28 6.06
CA GLY A 63 -11.87 0.97 5.96
C GLY A 63 -10.87 -0.14 6.22
N GLU A 64 -11.23 -1.35 5.85
CA GLU A 64 -10.35 -2.50 6.04
C GLU A 64 -10.56 -3.53 4.93
N LEU A 65 -11.80 -3.64 4.46
CA LEU A 65 -12.11 -4.59 3.40
C LEU A 65 -12.44 -3.84 2.10
N LEU A 66 -11.42 -3.60 1.29
CA LEU A 66 -11.60 -2.91 0.03
C LEU A 66 -11.54 -3.88 -1.14
N LEU A 67 -12.68 -4.47 -1.45
CA LEU A 67 -12.76 -5.46 -2.52
C LEU A 67 -13.43 -4.87 -3.75
N GLN A 68 -14.52 -4.16 -3.53
CA GLN A 68 -15.29 -3.60 -4.64
C GLN A 68 -14.58 -2.40 -5.25
N GLY A 69 -15.07 -1.96 -6.42
CA GLY A 69 -14.38 -0.94 -7.19
C GLY A 69 -14.53 0.46 -6.64
N VAL A 70 -14.98 0.57 -5.40
CA VAL A 70 -15.09 1.86 -4.74
C VAL A 70 -13.77 2.22 -4.06
N HIS A 71 -12.83 1.29 -4.12
CA HIS A 71 -11.55 1.43 -3.42
C HIS A 71 -10.56 2.25 -4.25
N ASP A 72 -10.99 2.74 -5.40
CA ASP A 72 -10.07 3.35 -6.37
C ASP A 72 -9.54 4.70 -5.90
N ASP A 73 -10.34 5.42 -5.13
CA ASP A 73 -9.94 6.75 -4.69
C ASP A 73 -9.30 6.70 -3.30
N VAL A 74 -9.16 5.50 -2.77
CA VAL A 74 -8.62 5.32 -1.43
C VAL A 74 -7.11 5.52 -1.44
N ASP A 75 -6.64 6.55 -0.76
CA ASP A 75 -5.20 6.79 -0.64
C ASP A 75 -4.61 5.92 0.45
N ILE A 76 -3.70 5.05 0.06
CA ILE A 76 -2.95 4.28 1.03
C ILE A 76 -1.75 5.10 1.45
N ILE A 77 -1.79 5.60 2.68
CA ILE A 77 -0.76 6.52 3.15
C ILE A 77 0.33 5.79 3.93
N LEU A 78 1.55 5.97 3.48
CA LEU A 78 2.71 5.39 4.13
C LEU A 78 3.09 6.23 5.34
N LEU A 79 2.90 5.67 6.53
CA LEU A 79 3.17 6.37 7.77
C LEU A 79 4.63 6.21 8.17
N GLN A 80 5.16 5.02 7.94
CA GLN A 80 6.54 4.72 8.30
C GLN A 80 7.40 4.75 7.05
N ASP A 81 8.52 5.46 7.11
CA ASP A 81 9.45 5.51 5.99
C ASP A 81 10.75 4.86 6.42
N LEU A 82 10.97 3.64 5.97
CA LEU A 82 12.11 2.86 6.38
C LEU A 82 13.38 3.27 5.65
N GLU A 83 13.31 3.20 4.33
CA GLU A 83 14.48 3.45 3.50
C GLU A 83 14.72 4.94 3.35
N HIS A 84 13.65 5.73 3.47
CA HIS A 84 13.70 7.17 3.24
C HIS A 84 14.15 7.45 1.82
N HIS A 85 13.22 7.26 0.89
CA HIS A 85 13.54 7.35 -0.54
C HIS A 85 12.34 7.94 -1.28
N MET A 1 9.75 -13.14 -0.10
CA MET A 1 9.08 -14.43 0.21
C MET A 1 8.66 -14.49 1.68
N ASN A 2 9.27 -13.64 2.50
CA ASN A 2 8.87 -13.50 3.89
C ASN A 2 7.90 -12.33 4.00
N VAL A 3 6.73 -12.55 4.58
CA VAL A 3 5.67 -11.53 4.58
C VAL A 3 6.17 -10.18 5.13
N ASP A 4 7.08 -10.25 6.11
CA ASP A 4 7.68 -9.04 6.67
C ASP A 4 8.41 -8.24 5.59
N HIS A 5 9.11 -8.96 4.73
CA HIS A 5 9.87 -8.34 3.66
C HIS A 5 8.94 -7.95 2.51
N GLU A 6 7.83 -8.67 2.38
CA GLU A 6 6.83 -8.34 1.36
C GLU A 6 6.18 -7.00 1.69
N VAL A 7 6.11 -6.67 2.97
CA VAL A 7 5.64 -5.36 3.41
C VAL A 7 6.60 -4.28 2.92
N ASN A 8 7.90 -4.60 2.95
CA ASN A 8 8.92 -3.70 2.40
C ASN A 8 8.70 -3.57 0.90
N LEU A 9 8.32 -4.67 0.27
CA LEU A 9 8.02 -4.68 -1.15
C LEU A 9 6.82 -3.78 -1.41
N LEU A 10 5.84 -3.83 -0.51
CA LEU A 10 4.67 -2.97 -0.57
C LEU A 10 5.04 -1.50 -0.50
N VAL A 11 5.85 -1.15 0.49
CA VAL A 11 6.24 0.25 0.69
C VAL A 11 7.09 0.77 -0.46
N GLU A 12 7.85 -0.13 -1.10
CA GLU A 12 8.62 0.24 -2.29
C GLU A 12 7.69 0.69 -3.41
N GLU A 13 6.60 -0.05 -3.58
CA GLU A 13 5.60 0.28 -4.59
C GLU A 13 4.87 1.57 -4.25
N ILE A 14 4.65 1.79 -2.96
CA ILE A 14 4.07 3.04 -2.48
C ILE A 14 4.99 4.21 -2.82
N HIS A 15 6.29 3.97 -2.72
CA HIS A 15 7.29 4.96 -3.09
C HIS A 15 7.34 5.16 -4.61
N ARG A 16 7.03 4.10 -5.35
CA ARG A 16 7.16 4.11 -6.80
C ARG A 16 5.93 4.72 -7.49
N LEU A 17 4.75 4.33 -7.03
CA LEU A 17 3.50 4.76 -7.68
C LEU A 17 2.79 5.83 -6.86
N GLY A 18 3.34 6.16 -5.71
CA GLY A 18 2.70 7.13 -4.84
C GLY A 18 3.39 8.48 -4.86
N SER A 19 2.90 9.38 -4.03
CA SER A 19 3.45 10.72 -3.92
C SER A 19 3.36 11.19 -2.48
N LYS A 20 4.21 12.14 -2.09
CA LYS A 20 4.23 12.63 -0.73
C LYS A 20 3.17 13.71 -0.51
N ASN A 21 2.48 13.61 0.60
CA ASN A 21 1.47 14.58 0.99
C ASN A 21 2.12 15.72 1.77
N ALA A 22 1.29 16.65 2.26
CA ALA A 22 1.79 17.82 2.97
C ALA A 22 2.43 17.46 4.30
N ASP A 23 2.20 16.23 4.76
CA ASP A 23 2.74 15.78 6.04
C ASP A 23 4.14 15.20 5.84
N GLY A 24 4.49 14.94 4.58
CA GLY A 24 5.79 14.37 4.27
C GLY A 24 5.72 12.87 4.13
N LYS A 25 4.53 12.33 4.23
CA LYS A 25 4.30 10.91 4.12
C LYS A 25 3.88 10.53 2.72
N LEU A 26 4.25 9.33 2.28
CA LEU A 26 3.84 8.83 0.99
C LEU A 26 2.37 8.47 1.02
N SER A 27 1.72 8.65 -0.10
CA SER A 27 0.37 8.17 -0.29
C SER A 27 0.21 7.69 -1.71
N VAL A 28 -0.53 6.61 -1.89
CA VAL A 28 -0.71 6.03 -3.20
C VAL A 28 -2.14 5.58 -3.38
N LYS A 29 -2.67 5.75 -4.58
CA LYS A 29 -4.04 5.35 -4.87
C LYS A 29 -4.13 3.84 -4.96
N PHE A 30 -5.11 3.30 -4.25
CA PHE A 30 -5.33 1.86 -4.22
C PHE A 30 -5.59 1.33 -5.62
N GLY A 31 -6.36 2.09 -6.38
CA GLY A 31 -6.69 1.72 -7.74
C GLY A 31 -5.46 1.54 -8.61
N VAL A 32 -4.46 2.37 -8.38
CA VAL A 32 -3.22 2.32 -9.16
C VAL A 32 -2.44 1.06 -8.79
N LEU A 33 -2.28 0.85 -7.49
CA LEU A 33 -1.57 -0.32 -6.99
C LEU A 33 -2.25 -1.61 -7.40
N PHE A 34 -3.56 -1.67 -7.21
CA PHE A 34 -4.33 -2.88 -7.47
C PHE A 34 -4.24 -3.26 -8.95
N ARG A 35 -4.30 -2.25 -9.81
CA ARG A 35 -4.26 -2.48 -11.25
C ARG A 35 -2.88 -2.96 -11.70
N ASP A 36 -1.84 -2.23 -11.31
CA ASP A 36 -0.48 -2.56 -11.74
C ASP A 36 -0.02 -3.86 -11.11
N ASP A 37 -0.41 -4.08 -9.85
CA ASP A 37 -0.09 -5.31 -9.16
C ASP A 37 -0.76 -6.50 -9.81
N LYS A 38 -2.03 -6.41 -10.10
CA LYS A 38 -2.74 -7.53 -10.70
C LYS A 38 -2.29 -7.76 -12.14
N SER A 39 -1.59 -6.79 -12.70
CA SER A 39 -1.01 -6.92 -14.03
C SER A 39 0.38 -7.56 -13.97
N ALA A 40 1.06 -7.42 -12.82
CA ALA A 40 2.41 -7.93 -12.66
C ALA A 40 2.45 -9.18 -11.77
N ASN A 41 1.51 -9.23 -10.84
CA ASN A 41 1.37 -10.33 -9.87
C ASN A 41 2.51 -10.30 -8.86
N LEU A 42 2.72 -9.13 -8.28
CA LEU A 42 3.72 -8.97 -7.23
C LEU A 42 3.16 -9.41 -5.89
N PHE A 43 1.96 -8.93 -5.58
CA PHE A 43 1.26 -9.30 -4.37
C PHE A 43 -0.04 -10.00 -4.72
N GLU A 44 -0.05 -11.31 -4.70
CA GLU A 44 -1.28 -12.06 -4.95
C GLU A 44 -2.37 -11.58 -3.99
N ALA A 45 -2.01 -11.48 -2.72
CA ALA A 45 -2.91 -10.92 -1.72
C ALA A 45 -2.43 -9.54 -1.30
N LEU A 46 -2.80 -8.53 -2.08
CA LEU A 46 -2.41 -7.15 -1.79
C LEU A 46 -3.02 -6.68 -0.48
N VAL A 47 -4.27 -7.08 -0.25
CA VAL A 47 -4.99 -6.69 0.95
C VAL A 47 -4.31 -7.26 2.20
N GLY A 48 -3.84 -8.50 2.09
CA GLY A 48 -3.17 -9.14 3.21
C GLY A 48 -1.93 -8.40 3.64
N THR A 49 -1.09 -8.07 2.67
CA THR A 49 0.11 -7.26 2.92
C THR A 49 -0.27 -5.91 3.53
N LEU A 50 -1.37 -5.33 3.05
CA LEU A 50 -1.85 -4.05 3.57
C LEU A 50 -2.29 -4.18 5.01
N LYS A 51 -3.02 -5.25 5.34
CA LYS A 51 -3.49 -5.46 6.70
C LYS A 51 -2.32 -5.64 7.65
N ALA A 52 -1.30 -6.36 7.18
CA ALA A 52 -0.08 -6.54 7.95
C ALA A 52 0.52 -5.20 8.34
N ALA A 53 0.69 -4.34 7.35
CA ALA A 53 1.30 -3.05 7.56
C ALA A 53 0.37 -2.08 8.27
N LYS A 54 -0.93 -2.28 8.12
CA LYS A 54 -1.92 -1.42 8.78
C LYS A 54 -1.95 -1.71 10.27
N ARG A 55 -1.74 -2.97 10.64
CA ARG A 55 -1.69 -3.37 12.04
C ARG A 55 -0.37 -2.94 12.67
N ARG A 56 0.66 -2.84 11.84
CA ARG A 56 1.95 -2.35 12.31
C ARG A 56 2.03 -0.83 12.19
N LYS A 57 0.93 -0.24 11.73
CA LYS A 57 0.83 1.19 11.49
C LYS A 57 1.98 1.71 10.63
N ILE A 58 2.35 0.88 9.67
CA ILE A 58 3.31 1.27 8.65
C ILE A 58 2.57 2.03 7.57
N VAL A 59 1.35 1.58 7.30
CA VAL A 59 0.46 2.25 6.36
C VAL A 59 -0.91 2.43 6.99
N THR A 60 -1.69 3.33 6.43
CA THR A 60 -3.04 3.54 6.89
C THR A 60 -3.95 3.91 5.73
N TYR A 61 -5.20 3.49 5.81
CA TYR A 61 -6.19 3.80 4.81
C TYR A 61 -7.58 3.59 5.42
N PRO A 62 -8.61 4.27 4.89
CA PRO A 62 -9.96 4.21 5.46
C PRO A 62 -10.58 2.82 5.42
N GLY A 63 -11.25 2.45 6.50
CA GLY A 63 -11.95 1.18 6.58
C GLY A 63 -11.02 -0.03 6.50
N GLU A 64 -11.62 -1.18 6.26
CA GLU A 64 -10.89 -2.41 6.04
C GLU A 64 -11.50 -3.20 4.89
N LEU A 65 -12.78 -2.94 4.64
CA LEU A 65 -13.50 -3.62 3.56
C LEU A 65 -13.75 -2.65 2.42
N LEU A 66 -12.72 -2.36 1.65
CA LEU A 66 -12.85 -1.49 0.49
C LEU A 66 -13.71 -2.15 -0.57
N LEU A 67 -14.90 -1.61 -0.78
CA LEU A 67 -15.83 -2.16 -1.75
C LEU A 67 -15.55 -1.60 -3.15
N GLN A 68 -16.11 -2.26 -4.16
CA GLN A 68 -15.88 -1.88 -5.55
C GLN A 68 -16.40 -0.47 -5.83
N GLY A 69 -15.61 0.31 -6.54
CA GLY A 69 -16.01 1.65 -6.91
C GLY A 69 -15.19 2.72 -6.22
N VAL A 70 -14.92 2.53 -4.94
CA VAL A 70 -14.23 3.54 -4.14
C VAL A 70 -12.73 3.27 -4.05
N HIS A 71 -12.27 2.17 -4.64
CA HIS A 71 -10.87 1.73 -4.46
C HIS A 71 -9.88 2.73 -5.05
N ASP A 72 -10.18 3.22 -6.24
CA ASP A 72 -9.21 3.98 -7.03
C ASP A 72 -8.73 5.24 -6.34
N ASP A 73 -9.62 5.92 -5.64
CA ASP A 73 -9.26 7.21 -5.04
C ASP A 73 -8.89 7.05 -3.57
N VAL A 74 -8.81 5.82 -3.10
CA VAL A 74 -8.38 5.55 -1.73
C VAL A 74 -6.88 5.74 -1.61
N ASP A 75 -6.47 6.72 -0.80
CA ASP A 75 -5.05 6.97 -0.56
C ASP A 75 -4.55 6.05 0.54
N ILE A 76 -3.60 5.20 0.19
CA ILE A 76 -2.90 4.41 1.17
C ILE A 76 -1.72 5.24 1.68
N ILE A 77 -1.82 5.71 2.92
CA ILE A 77 -0.83 6.62 3.45
C ILE A 77 0.24 5.87 4.23
N LEU A 78 1.48 6.13 3.90
CA LEU A 78 2.63 5.50 4.55
C LEU A 78 3.00 6.27 5.81
N LEU A 79 2.75 5.67 6.97
CA LEU A 79 3.03 6.31 8.24
C LEU A 79 4.49 6.07 8.64
N GLN A 80 4.93 4.84 8.43
CA GLN A 80 6.29 4.46 8.74
C GLN A 80 7.05 4.26 7.45
N ASP A 81 8.23 4.85 7.35
CA ASP A 81 9.00 4.76 6.12
C ASP A 81 10.30 4.01 6.36
N LEU A 82 10.37 2.80 5.82
CA LEU A 82 11.55 1.96 5.97
C LEU A 82 12.46 2.13 4.76
N GLU A 83 11.84 2.22 3.59
CA GLU A 83 12.58 2.34 2.35
C GLU A 83 12.97 3.79 2.13
N HIS A 84 14.06 4.20 2.77
CA HIS A 84 14.47 5.59 2.75
C HIS A 84 15.99 5.71 2.64
N HIS A 85 16.66 4.57 2.54
CA HIS A 85 18.12 4.56 2.46
C HIS A 85 18.57 3.69 1.30
N MET A 1 4.24 -14.27 -1.23
CA MET A 1 4.80 -15.55 -0.71
C MET A 1 5.10 -15.44 0.78
N ASN A 2 6.13 -14.70 1.13
CA ASN A 2 6.48 -14.48 2.53
C ASN A 2 6.00 -13.11 2.97
N VAL A 3 5.06 -13.09 3.91
CA VAL A 3 4.32 -11.89 4.27
C VAL A 3 5.25 -10.72 4.67
N ASP A 4 6.35 -11.03 5.33
CA ASP A 4 7.28 -9.98 5.75
C ASP A 4 7.94 -9.31 4.54
N HIS A 5 8.22 -10.11 3.52
CA HIS A 5 8.74 -9.58 2.26
C HIS A 5 7.68 -8.75 1.56
N GLU A 6 6.44 -9.24 1.60
CA GLU A 6 5.32 -8.52 0.97
C GLU A 6 5.20 -7.12 1.53
N VAL A 7 5.37 -6.99 2.84
CA VAL A 7 5.26 -5.71 3.53
C VAL A 7 6.30 -4.71 3.01
N ASN A 8 7.54 -5.15 2.90
CA ASN A 8 8.61 -4.27 2.41
C ASN A 8 8.43 -3.99 0.93
N LEU A 9 7.99 -4.99 0.20
CA LEU A 9 7.70 -4.82 -1.21
C LEU A 9 6.61 -3.76 -1.38
N LEU A 10 5.62 -3.81 -0.49
CA LEU A 10 4.53 -2.84 -0.48
C LEU A 10 5.07 -1.42 -0.34
N VAL A 11 5.91 -1.20 0.67
CA VAL A 11 6.43 0.13 0.95
C VAL A 11 7.33 0.62 -0.18
N GLU A 12 8.01 -0.31 -0.86
CA GLU A 12 8.83 0.03 -2.01
C GLU A 12 7.95 0.50 -3.16
N GLU A 13 6.87 -0.24 -3.40
CA GLU A 13 5.94 0.10 -4.48
C GLU A 13 5.25 1.43 -4.21
N ILE A 14 4.92 1.70 -2.96
CA ILE A 14 4.32 2.98 -2.59
C ILE A 14 5.31 4.12 -2.86
N HIS A 15 6.60 3.83 -2.68
CA HIS A 15 7.66 4.80 -2.96
C HIS A 15 7.70 5.17 -4.45
N ARG A 16 7.52 4.18 -5.33
CA ARG A 16 7.61 4.42 -6.77
C ARG A 16 6.28 4.87 -7.35
N LEU A 17 5.19 4.32 -6.84
CA LEU A 17 3.89 4.51 -7.45
C LEU A 17 3.13 5.68 -6.83
N GLY A 18 3.54 6.09 -5.65
CA GLY A 18 2.82 7.10 -4.92
C GLY A 18 3.42 8.49 -5.08
N SER A 19 2.90 9.42 -4.30
CA SER A 19 3.37 10.79 -4.30
C SER A 19 3.31 11.32 -2.87
N LYS A 20 4.11 12.32 -2.56
CA LYS A 20 4.16 12.86 -1.20
C LYS A 20 3.06 13.88 -0.97
N ASN A 21 2.41 13.75 0.16
CA ASN A 21 1.34 14.66 0.56
C ASN A 21 1.94 15.93 1.16
N ALA A 22 1.06 16.86 1.53
CA ALA A 22 1.49 18.09 2.20
C ALA A 22 1.97 17.79 3.61
N ASP A 23 1.66 16.58 4.07
CA ASP A 23 2.14 16.09 5.36
C ASP A 23 3.59 15.63 5.22
N GLY A 24 4.01 15.39 3.98
CA GLY A 24 5.34 14.89 3.74
C GLY A 24 5.38 13.38 3.62
N LYS A 25 4.23 12.74 3.76
CA LYS A 25 4.14 11.29 3.69
C LYS A 25 3.68 10.84 2.31
N LEU A 26 4.09 9.63 1.92
CA LEU A 26 3.70 9.07 0.63
C LEU A 26 2.24 8.63 0.65
N SER A 27 1.57 8.76 -0.47
CA SER A 27 0.22 8.23 -0.61
C SER A 27 0.02 7.69 -2.02
N VAL A 28 -0.87 6.73 -2.17
CA VAL A 28 -1.18 6.20 -3.48
C VAL A 28 -2.60 5.62 -3.52
N LYS A 29 -3.29 5.81 -4.64
CA LYS A 29 -4.63 5.24 -4.82
C LYS A 29 -4.57 3.72 -4.80
N PHE A 30 -5.52 3.12 -4.10
CA PHE A 30 -5.63 1.66 -4.05
C PHE A 30 -5.73 1.08 -5.45
N GLY A 31 -6.54 1.73 -6.28
CA GLY A 31 -6.72 1.30 -7.66
C GLY A 31 -5.43 1.35 -8.46
N VAL A 32 -4.60 2.36 -8.20
CA VAL A 32 -3.34 2.51 -8.91
C VAL A 32 -2.37 1.41 -8.51
N LEU A 33 -2.25 1.19 -7.21
CA LEU A 33 -1.35 0.16 -6.69
C LEU A 33 -1.79 -1.22 -7.18
N PHE A 34 -3.10 -1.47 -7.09
CA PHE A 34 -3.66 -2.73 -7.53
C PHE A 34 -3.41 -2.95 -9.02
N ARG A 35 -3.64 -1.91 -9.81
CA ARG A 35 -3.44 -1.98 -11.26
C ARG A 35 -2.00 -2.34 -11.60
N ASP A 36 -1.05 -1.62 -11.02
CA ASP A 36 0.36 -1.83 -11.36
C ASP A 36 0.82 -3.19 -10.84
N ASP A 37 0.35 -3.57 -9.65
CA ASP A 37 0.65 -4.89 -9.10
C ASP A 37 0.26 -5.99 -10.07
N LYS A 38 -0.97 -5.92 -10.57
CA LYS A 38 -1.53 -6.96 -11.44
C LYS A 38 -0.69 -7.22 -12.68
N SER A 39 0.24 -6.32 -12.98
CA SER A 39 1.14 -6.51 -14.11
C SER A 39 2.05 -7.72 -13.85
N ALA A 40 2.46 -7.89 -12.60
CA ALA A 40 3.34 -8.99 -12.22
C ALA A 40 2.68 -9.88 -11.17
N ASN A 41 1.67 -9.33 -10.52
CA ASN A 41 1.04 -9.94 -9.34
C ASN A 41 2.11 -10.23 -8.30
N LEU A 42 2.65 -9.16 -7.74
CA LEU A 42 3.72 -9.24 -6.77
C LEU A 42 3.14 -9.58 -5.42
N PHE A 43 1.97 -9.05 -5.14
CA PHE A 43 1.26 -9.31 -3.91
C PHE A 43 0.22 -10.40 -4.14
N GLU A 44 0.41 -11.54 -3.51
CA GLU A 44 -0.53 -12.65 -3.62
C GLU A 44 -1.91 -12.19 -3.13
N ALA A 45 -1.91 -11.50 -2.00
CA ALA A 45 -3.11 -10.89 -1.48
C ALA A 45 -2.81 -9.48 -0.99
N LEU A 46 -3.06 -8.50 -1.85
CA LEU A 46 -2.74 -7.10 -1.55
C LEU A 46 -3.43 -6.63 -0.28
N VAL A 47 -4.67 -7.09 -0.08
CA VAL A 47 -5.43 -6.75 1.12
C VAL A 47 -4.69 -7.22 2.37
N GLY A 48 -4.13 -8.43 2.31
CA GLY A 48 -3.40 -8.98 3.44
C GLY A 48 -2.13 -8.20 3.71
N THR A 49 -1.43 -7.84 2.66
CA THR A 49 -0.24 -7.01 2.77
C THR A 49 -0.57 -5.68 3.45
N LEU A 50 -1.72 -5.11 3.10
CA LEU A 50 -2.19 -3.87 3.71
C LEU A 50 -2.49 -4.10 5.19
N LYS A 51 -3.18 -5.19 5.50
CA LYS A 51 -3.50 -5.56 6.87
C LYS A 51 -2.25 -5.61 7.73
N ALA A 52 -1.21 -6.24 7.20
CA ALA A 52 0.06 -6.39 7.91
C ALA A 52 0.70 -5.04 8.20
N ALA A 53 0.80 -4.20 7.18
CA ALA A 53 1.47 -2.92 7.31
C ALA A 53 0.62 -1.92 8.09
N LYS A 54 -0.69 -2.10 8.07
CA LYS A 54 -1.57 -1.20 8.82
C LYS A 54 -1.43 -1.46 10.31
N ARG A 55 -1.28 -2.72 10.70
CA ARG A 55 -1.09 -3.06 12.11
C ARG A 55 0.30 -2.67 12.58
N ARG A 56 1.25 -2.62 11.64
CA ARG A 56 2.59 -2.15 11.96
C ARG A 56 2.66 -0.63 11.86
N LYS A 57 1.51 -0.01 11.58
CA LYS A 57 1.39 1.44 11.48
C LYS A 57 2.30 2.01 10.41
N ILE A 58 2.57 1.19 9.40
CA ILE A 58 3.39 1.59 8.29
C ILE A 58 2.53 2.30 7.25
N VAL A 59 1.31 1.83 7.08
CA VAL A 59 0.36 2.46 6.17
C VAL A 59 -0.99 2.63 6.84
N THR A 60 -1.81 3.51 6.29
CA THR A 60 -3.16 3.69 6.79
C THR A 60 -4.13 3.93 5.64
N TYR A 61 -5.34 3.46 5.81
CA TYR A 61 -6.42 3.66 4.85
C TYR A 61 -7.75 3.42 5.55
N PRO A 62 -8.79 4.23 5.24
CA PRO A 62 -10.12 4.10 5.86
C PRO A 62 -10.64 2.66 5.84
N GLY A 63 -11.25 2.26 6.95
CA GLY A 63 -11.70 0.90 7.09
C GLY A 63 -10.54 -0.06 7.25
N GLU A 64 -10.80 -1.35 7.05
CA GLU A 64 -9.74 -2.35 7.07
C GLU A 64 -10.14 -3.56 6.25
N LEU A 65 -11.21 -3.39 5.47
CA LEU A 65 -11.73 -4.45 4.63
C LEU A 65 -12.53 -3.85 3.48
N LEU A 66 -12.24 -4.29 2.27
CA LEU A 66 -12.96 -3.84 1.10
C LEU A 66 -12.89 -4.89 -0.01
N LEU A 67 -14.03 -5.19 -0.60
CA LEU A 67 -14.10 -6.17 -1.68
C LEU A 67 -14.97 -5.63 -2.82
N GLN A 68 -15.94 -4.81 -2.46
CA GLN A 68 -16.90 -4.27 -3.42
C GLN A 68 -16.22 -3.45 -4.52
N GLY A 69 -15.13 -2.77 -4.16
CA GLY A 69 -14.41 -1.95 -5.12
C GLY A 69 -14.78 -0.48 -5.01
N VAL A 70 -15.67 -0.18 -4.08
CA VAL A 70 -16.14 1.19 -3.88
C VAL A 70 -15.12 2.04 -3.14
N HIS A 71 -14.00 1.44 -2.77
CA HIS A 71 -12.96 2.13 -2.03
C HIS A 71 -11.74 2.41 -2.90
N ASP A 72 -11.91 2.31 -4.23
CA ASP A 72 -10.83 2.60 -5.17
C ASP A 72 -10.24 3.99 -4.96
N ASP A 73 -11.09 4.91 -4.52
CA ASP A 73 -10.69 6.31 -4.36
C ASP A 73 -10.06 6.53 -2.99
N VAL A 74 -9.81 5.45 -2.27
CA VAL A 74 -9.10 5.52 -1.01
C VAL A 74 -7.60 5.56 -1.26
N ASP A 75 -6.96 6.57 -0.70
CA ASP A 75 -5.52 6.72 -0.81
C ASP A 75 -4.84 6.02 0.35
N ILE A 76 -3.91 5.13 0.03
CA ILE A 76 -3.15 4.42 1.05
C ILE A 76 -1.96 5.28 1.46
N ILE A 77 -2.02 5.81 2.66
CA ILE A 77 -1.00 6.75 3.12
C ILE A 77 0.09 6.02 3.91
N LEU A 78 1.33 6.28 3.54
CA LEU A 78 2.48 5.69 4.21
C LEU A 78 2.80 6.50 5.47
N LEU A 79 2.56 5.89 6.63
CA LEU A 79 2.76 6.57 7.90
C LEU A 79 4.18 6.36 8.40
N GLN A 80 4.77 5.23 8.05
CA GLN A 80 6.09 4.88 8.54
C GLN A 80 6.98 4.52 7.36
N ASP A 81 8.18 5.07 7.32
CA ASP A 81 9.06 4.88 6.17
C ASP A 81 10.32 4.12 6.55
N LEU A 82 10.30 2.82 6.26
CA LEU A 82 11.46 1.97 6.52
C LEU A 82 12.25 1.79 5.23
N GLU A 83 11.67 2.22 4.12
CA GLU A 83 12.27 2.03 2.81
C GLU A 83 13.26 3.17 2.54
N HIS A 84 14.44 3.04 3.12
CA HIS A 84 15.44 4.10 3.06
C HIS A 84 16.58 3.72 2.12
N HIS A 85 16.95 4.66 1.26
CA HIS A 85 18.07 4.45 0.34
C HIS A 85 19.23 5.32 0.76
N MET A 1 5.71 -16.24 0.35
CA MET A 1 5.41 -16.83 1.67
C MET A 1 5.31 -15.75 2.74
N ASN A 2 6.44 -15.10 3.02
CA ASN A 2 6.50 -14.11 4.10
C ASN A 2 5.76 -12.84 3.73
N VAL A 3 4.66 -12.59 4.44
CA VAL A 3 3.89 -11.38 4.24
C VAL A 3 4.75 -10.16 4.61
N ASP A 4 5.71 -10.39 5.50
CA ASP A 4 6.65 -9.35 5.89
C ASP A 4 7.40 -8.81 4.68
N HIS A 5 7.74 -9.71 3.77
CA HIS A 5 8.46 -9.33 2.56
C HIS A 5 7.54 -8.59 1.62
N GLU A 6 6.26 -8.97 1.63
CA GLU A 6 5.25 -8.27 0.85
C GLU A 6 5.10 -6.83 1.35
N VAL A 7 5.16 -6.66 2.67
CA VAL A 7 5.05 -5.34 3.28
C VAL A 7 6.20 -4.44 2.84
N ASN A 8 7.40 -4.99 2.80
CA ASN A 8 8.57 -4.24 2.37
C ASN A 8 8.46 -3.91 0.88
N LEU A 9 7.82 -4.80 0.15
CA LEU A 9 7.56 -4.55 -1.24
C LEU A 9 6.48 -3.47 -1.38
N LEU A 10 5.49 -3.52 -0.50
CA LEU A 10 4.41 -2.55 -0.45
C LEU A 10 4.97 -1.14 -0.26
N VAL A 11 5.81 -0.98 0.76
CA VAL A 11 6.40 0.33 1.04
C VAL A 11 7.23 0.82 -0.15
N GLU A 12 7.90 -0.11 -0.83
CA GLU A 12 8.67 0.22 -2.01
C GLU A 12 7.74 0.72 -3.12
N GLU A 13 6.64 0.02 -3.33
CA GLU A 13 5.66 0.40 -4.33
C GLU A 13 5.02 1.74 -4.02
N ILE A 14 4.90 2.05 -2.74
CA ILE A 14 4.36 3.34 -2.32
C ILE A 14 5.35 4.46 -2.69
N HIS A 15 6.63 4.15 -2.60
CA HIS A 15 7.67 5.09 -3.04
C HIS A 15 7.67 5.21 -4.57
N ARG A 16 7.36 4.10 -5.24
CA ARG A 16 7.43 4.03 -6.70
C ARG A 16 6.20 4.62 -7.38
N LEU A 17 5.02 4.22 -6.94
CA LEU A 17 3.78 4.65 -7.59
C LEU A 17 3.11 5.77 -6.81
N GLY A 18 3.59 6.01 -5.61
CA GLY A 18 2.96 6.99 -4.75
C GLY A 18 3.56 8.36 -4.90
N SER A 19 2.80 9.35 -4.49
CA SER A 19 3.22 10.73 -4.55
C SER A 19 3.20 11.28 -3.12
N LYS A 20 3.95 12.34 -2.87
CA LYS A 20 4.00 12.88 -1.52
C LYS A 20 2.76 13.67 -1.16
N ASN A 21 2.30 13.40 0.03
CA ASN A 21 1.10 14.01 0.60
C ASN A 21 1.36 15.46 0.96
N ALA A 22 0.35 16.09 1.53
CA ALA A 22 0.49 17.45 2.06
C ALA A 22 1.28 17.39 3.36
N ASP A 23 1.22 16.23 3.99
CA ASP A 23 1.91 15.98 5.25
C ASP A 23 3.39 15.66 5.02
N GLY A 24 3.72 15.31 3.78
CA GLY A 24 5.07 14.88 3.47
C GLY A 24 5.20 13.38 3.48
N LYS A 25 4.08 12.71 3.73
CA LYS A 25 4.02 11.25 3.72
C LYS A 25 3.71 10.73 2.32
N LEU A 26 4.33 9.64 1.91
CA LEU A 26 4.01 9.02 0.63
C LEU A 26 2.60 8.48 0.66
N SER A 27 1.86 8.72 -0.41
CA SER A 27 0.50 8.21 -0.51
C SER A 27 0.20 7.79 -1.93
N VAL A 28 -0.55 6.70 -2.07
CA VAL A 28 -0.92 6.20 -3.38
C VAL A 28 -2.33 5.61 -3.32
N LYS A 29 -3.12 5.89 -4.35
CA LYS A 29 -4.48 5.36 -4.40
C LYS A 29 -4.45 3.87 -4.67
N PHE A 30 -5.30 3.13 -3.94
CA PHE A 30 -5.38 1.69 -4.08
C PHE A 30 -5.60 1.27 -5.54
N GLY A 31 -6.38 2.07 -6.25
CA GLY A 31 -6.68 1.77 -7.64
C GLY A 31 -5.43 1.70 -8.50
N VAL A 32 -4.50 2.62 -8.28
CA VAL A 32 -3.27 2.67 -9.05
C VAL A 32 -2.35 1.51 -8.67
N LEU A 33 -2.23 1.29 -7.36
CA LEU A 33 -1.37 0.23 -6.84
C LEU A 33 -1.89 -1.14 -7.30
N PHE A 34 -3.20 -1.34 -7.19
CA PHE A 34 -3.82 -2.60 -7.56
C PHE A 34 -3.68 -2.84 -9.06
N ARG A 35 -3.77 -1.77 -9.84
CA ARG A 35 -3.64 -1.85 -11.29
C ARG A 35 -2.30 -2.46 -11.68
N ASP A 36 -1.23 -1.97 -11.08
CA ASP A 36 0.11 -2.40 -11.42
C ASP A 36 0.34 -3.83 -10.98
N ASP A 37 -0.21 -4.18 -9.83
CA ASP A 37 -0.09 -5.54 -9.29
C ASP A 37 -0.80 -6.54 -10.19
N LYS A 38 -1.89 -6.11 -10.84
CA LYS A 38 -2.58 -6.98 -11.78
C LYS A 38 -1.70 -7.29 -12.99
N SER A 39 -0.78 -6.38 -13.29
CA SER A 39 0.10 -6.56 -14.43
C SER A 39 1.36 -7.35 -14.04
N ALA A 40 1.98 -6.96 -12.94
CA ALA A 40 3.24 -7.57 -12.51
C ALA A 40 3.02 -8.80 -11.63
N ASN A 41 1.92 -8.80 -10.88
CA ASN A 41 1.61 -9.88 -9.94
C ASN A 41 2.69 -9.98 -8.87
N LEU A 42 2.90 -8.87 -8.16
CA LEU A 42 3.93 -8.79 -7.14
C LEU A 42 3.46 -9.39 -5.83
N PHE A 43 2.25 -9.02 -5.42
CA PHE A 43 1.75 -9.41 -4.11
C PHE A 43 0.90 -10.68 -4.23
N GLU A 44 1.28 -11.70 -3.48
CA GLU A 44 0.51 -12.93 -3.44
C GLU A 44 -0.80 -12.70 -2.68
N ALA A 45 -0.73 -11.86 -1.66
CA ALA A 45 -1.91 -11.44 -0.93
C ALA A 45 -1.87 -9.94 -0.66
N LEU A 46 -2.30 -9.14 -1.62
CA LEU A 46 -2.24 -7.68 -1.50
C LEU A 46 -3.08 -7.18 -0.33
N VAL A 47 -4.26 -7.74 -0.16
CA VAL A 47 -5.11 -7.40 0.97
C VAL A 47 -4.41 -7.73 2.29
N GLY A 48 -3.66 -8.83 2.28
CA GLY A 48 -2.90 -9.21 3.46
C GLY A 48 -1.75 -8.27 3.70
N THR A 49 -1.12 -7.82 2.62
CA THR A 49 -0.05 -6.85 2.69
C THR A 49 -0.56 -5.56 3.36
N LEU A 50 -1.74 -5.12 2.92
CA LEU A 50 -2.38 -3.92 3.48
C LEU A 50 -2.66 -4.11 4.97
N LYS A 51 -3.31 -5.22 5.30
CA LYS A 51 -3.66 -5.54 6.68
C LYS A 51 -2.42 -5.56 7.56
N ALA A 52 -1.39 -6.25 7.10
CA ALA A 52 -0.15 -6.37 7.84
C ALA A 52 0.46 -5.01 8.14
N ALA A 53 0.64 -4.21 7.09
CA ALA A 53 1.30 -2.92 7.23
C ALA A 53 0.47 -1.94 8.04
N LYS A 54 -0.85 -1.96 7.85
CA LYS A 54 -1.73 -1.04 8.56
C LYS A 54 -1.66 -1.30 10.06
N ARG A 55 -1.75 -2.57 10.43
CA ARG A 55 -1.74 -2.97 11.83
C ARG A 55 -0.33 -2.92 12.41
N ARG A 56 0.66 -2.84 11.54
CA ARG A 56 2.05 -2.70 11.94
C ARG A 56 2.42 -1.22 12.04
N LYS A 57 1.42 -0.36 11.78
CA LYS A 57 1.58 1.09 11.84
C LYS A 57 2.54 1.58 10.78
N ILE A 58 2.62 0.84 9.69
CA ILE A 58 3.45 1.19 8.57
C ILE A 58 2.68 2.02 7.55
N VAL A 59 1.40 1.70 7.40
CA VAL A 59 0.52 2.45 6.51
C VAL A 59 -0.83 2.67 7.18
N THR A 60 -1.59 3.61 6.65
CA THR A 60 -2.92 3.85 7.15
C THR A 60 -3.86 4.13 5.98
N TYR A 61 -5.10 3.71 6.14
CA TYR A 61 -6.12 3.95 5.14
C TYR A 61 -7.49 3.64 5.73
N PRO A 62 -8.54 4.37 5.31
CA PRO A 62 -9.91 4.13 5.77
C PRO A 62 -10.35 2.70 5.48
N GLY A 63 -11.07 2.11 6.42
CA GLY A 63 -11.54 0.75 6.26
C GLY A 63 -10.54 -0.28 6.75
N GLU A 64 -11.05 -1.34 7.36
CA GLU A 64 -10.20 -2.43 7.83
C GLU A 64 -10.32 -3.61 6.87
N LEU A 65 -11.46 -3.68 6.21
CA LEU A 65 -11.70 -4.68 5.18
C LEU A 65 -12.59 -4.06 4.12
N LEU A 66 -12.03 -3.84 2.92
CA LEU A 66 -12.75 -3.13 1.88
C LEU A 66 -12.90 -4.00 0.63
N LEU A 67 -13.60 -3.45 -0.34
CA LEU A 67 -13.80 -4.11 -1.63
C LEU A 67 -13.00 -3.38 -2.71
N GLN A 68 -13.46 -3.51 -3.96
CA GLN A 68 -12.77 -2.90 -5.09
C GLN A 68 -13.25 -1.46 -5.31
N GLY A 69 -14.47 -1.33 -5.82
CA GLY A 69 -14.99 -0.05 -6.30
C GLY A 69 -14.83 1.12 -5.34
N VAL A 70 -15.16 0.91 -4.07
CA VAL A 70 -15.15 2.01 -3.11
C VAL A 70 -13.74 2.26 -2.57
N HIS A 71 -12.81 1.39 -2.92
CA HIS A 71 -11.47 1.44 -2.36
C HIS A 71 -10.46 1.96 -3.38
N ASP A 72 -10.84 1.97 -4.65
CA ASP A 72 -9.95 2.39 -5.73
C ASP A 72 -9.47 3.82 -5.55
N ASP A 73 -10.36 4.69 -5.08
CA ASP A 73 -10.05 6.11 -4.96
C ASP A 73 -9.48 6.43 -3.57
N VAL A 74 -9.33 5.40 -2.75
CA VAL A 74 -8.80 5.55 -1.41
C VAL A 74 -7.28 5.65 -1.44
N ASP A 75 -6.76 6.73 -0.85
CA ASP A 75 -5.33 6.96 -0.79
C ASP A 75 -4.72 6.22 0.40
N ILE A 76 -3.79 5.33 0.11
CA ILE A 76 -3.08 4.62 1.15
C ILE A 76 -1.88 5.46 1.60
N ILE A 77 -1.89 5.87 2.86
CA ILE A 77 -0.86 6.78 3.36
C ILE A 77 0.21 6.03 4.15
N LEU A 78 1.46 6.28 3.79
CA LEU A 78 2.59 5.64 4.45
C LEU A 78 2.91 6.35 5.76
N LEU A 79 2.89 5.60 6.85
CA LEU A 79 3.19 6.14 8.18
C LEU A 79 4.62 5.82 8.57
N GLN A 80 5.08 4.63 8.18
CA GLN A 80 6.42 4.18 8.51
C GLN A 80 7.12 3.72 7.24
N ASP A 81 8.36 4.14 7.06
CA ASP A 81 9.14 3.72 5.91
C ASP A 81 10.03 2.55 6.31
N LEU A 82 9.54 1.33 6.05
CA LEU A 82 10.24 0.12 6.47
C LEU A 82 11.62 0.03 5.86
N GLU A 83 11.65 -0.10 4.54
CA GLU A 83 12.90 -0.29 3.82
C GLU A 83 13.79 0.96 3.97
N HIS A 84 13.31 2.08 3.42
CA HIS A 84 14.03 3.36 3.46
C HIS A 84 15.32 3.28 2.64
N HIS A 85 15.75 4.40 2.09
CA HIS A 85 17.01 4.44 1.36
C HIS A 85 17.81 5.68 1.78
N MET A 1 6.49 -13.68 -1.97
CA MET A 1 5.59 -14.63 -1.27
C MET A 1 5.87 -14.65 0.23
N ASN A 2 7.12 -14.40 0.59
CA ASN A 2 7.49 -14.26 2.00
C ASN A 2 6.94 -12.94 2.54
N VAL A 3 6.02 -13.04 3.50
CA VAL A 3 5.26 -11.86 3.95
C VAL A 3 6.16 -10.71 4.42
N ASP A 4 7.31 -11.04 5.00
CA ASP A 4 8.29 -10.01 5.38
C ASP A 4 8.67 -9.17 4.17
N HIS A 5 8.99 -9.87 3.09
CA HIS A 5 9.36 -9.24 1.84
C HIS A 5 8.17 -8.53 1.21
N GLU A 6 6.99 -9.13 1.33
CA GLU A 6 5.77 -8.55 0.76
C GLU A 6 5.53 -7.16 1.33
N VAL A 7 5.74 -7.02 2.65
CA VAL A 7 5.57 -5.74 3.32
C VAL A 7 6.56 -4.72 2.78
N ASN A 8 7.82 -5.12 2.67
CA ASN A 8 8.86 -4.25 2.12
C ASN A 8 8.51 -3.86 0.70
N LEU A 9 8.02 -4.83 -0.07
CA LEU A 9 7.61 -4.61 -1.44
C LEU A 9 6.46 -3.60 -1.51
N LEU A 10 5.48 -3.78 -0.63
CA LEU A 10 4.37 -2.86 -0.52
C LEU A 10 4.87 -1.45 -0.25
N VAL A 11 5.78 -1.34 0.71
CA VAL A 11 6.40 -0.07 1.06
C VAL A 11 7.13 0.53 -0.14
N GLU A 12 7.84 -0.31 -0.87
CA GLU A 12 8.54 0.12 -2.08
C GLU A 12 7.56 0.68 -3.10
N GLU A 13 6.49 -0.07 -3.37
CA GLU A 13 5.51 0.33 -4.37
C GLU A 13 4.86 1.66 -4.00
N ILE A 14 4.46 1.79 -2.74
CA ILE A 14 3.84 3.03 -2.27
C ILE A 14 4.85 4.18 -2.36
N HIS A 15 6.11 3.88 -2.13
CA HIS A 15 7.16 4.89 -2.15
C HIS A 15 7.36 5.45 -3.57
N ARG A 16 7.35 4.56 -4.56
CA ARG A 16 7.61 4.96 -5.93
C ARG A 16 6.34 5.43 -6.65
N LEU A 17 5.21 4.77 -6.38
CA LEU A 17 3.98 5.08 -7.10
C LEU A 17 3.21 6.20 -6.40
N GLY A 18 3.64 6.55 -5.20
CA GLY A 18 2.94 7.56 -4.44
C GLY A 18 3.67 8.89 -4.44
N SER A 19 3.14 9.84 -3.68
CA SER A 19 3.73 11.16 -3.54
C SER A 19 3.49 11.65 -2.12
N LYS A 20 4.41 12.44 -1.59
CA LYS A 20 4.28 12.93 -0.22
C LYS A 20 3.34 14.13 -0.15
N ASN A 21 2.38 14.03 0.76
CA ASN A 21 1.39 15.07 0.96
C ASN A 21 1.93 16.20 1.84
N ALA A 22 1.06 17.11 2.26
CA ALA A 22 1.46 18.28 3.02
C ALA A 22 2.01 17.90 4.40
N ASP A 23 1.67 16.71 4.86
CA ASP A 23 2.13 16.22 6.15
C ASP A 23 3.51 15.59 6.01
N GLY A 24 3.89 15.31 4.77
CA GLY A 24 5.17 14.68 4.51
C GLY A 24 5.05 13.18 4.38
N LYS A 25 3.82 12.69 4.34
CA LYS A 25 3.59 11.25 4.20
C LYS A 25 3.27 10.92 2.76
N LEU A 26 3.68 9.75 2.35
CA LEU A 26 3.41 9.28 1.00
C LEU A 26 2.00 8.75 0.92
N SER A 27 1.35 8.94 -0.22
CA SER A 27 0.04 8.39 -0.44
C SER A 27 -0.11 7.94 -1.88
N VAL A 28 -0.79 6.83 -2.08
CA VAL A 28 -1.08 6.33 -3.42
C VAL A 28 -2.44 5.63 -3.40
N LYS A 29 -3.25 5.87 -4.41
CA LYS A 29 -4.59 5.30 -4.42
C LYS A 29 -4.54 3.84 -4.81
N PHE A 30 -5.43 3.06 -4.19
CA PHE A 30 -5.48 1.61 -4.35
C PHE A 30 -5.50 1.19 -5.81
N GLY A 31 -6.29 1.90 -6.62
CA GLY A 31 -6.43 1.57 -8.03
C GLY A 31 -5.13 1.68 -8.78
N VAL A 32 -4.29 2.64 -8.40
CA VAL A 32 -3.03 2.88 -9.09
C VAL A 32 -2.04 1.76 -8.80
N LEU A 33 -1.94 1.38 -7.52
CA LEU A 33 -1.03 0.33 -7.10
C LEU A 33 -1.55 -1.03 -7.58
N PHE A 34 -2.86 -1.23 -7.45
CA PHE A 34 -3.49 -2.49 -7.84
C PHE A 34 -3.34 -2.74 -9.33
N ARG A 35 -3.30 -1.66 -10.11
CA ARG A 35 -3.15 -1.77 -11.57
C ARG A 35 -1.89 -2.55 -11.93
N ASP A 36 -0.78 -2.16 -11.31
CA ASP A 36 0.50 -2.82 -11.57
C ASP A 36 0.51 -4.23 -10.99
N ASP A 37 -0.01 -4.36 -9.77
CA ASP A 37 -0.07 -5.66 -9.10
C ASP A 37 -0.92 -6.65 -9.86
N LYS A 38 -2.02 -6.18 -10.43
CA LYS A 38 -2.94 -7.04 -11.16
C LYS A 38 -2.20 -7.80 -12.27
N SER A 39 -1.30 -7.10 -12.94
CA SER A 39 -0.60 -7.68 -14.08
C SER A 39 0.40 -8.76 -13.66
N ALA A 40 1.14 -8.50 -12.58
CA ALA A 40 2.21 -9.40 -12.17
C ALA A 40 1.75 -10.39 -11.11
N ASN A 41 0.72 -10.01 -10.37
CA ASN A 41 0.27 -10.74 -9.19
C ASN A 41 1.41 -10.85 -8.19
N LEU A 42 1.82 -9.71 -7.69
CA LEU A 42 2.90 -9.64 -6.72
C LEU A 42 2.35 -9.98 -5.35
N PHE A 43 1.26 -9.33 -5.00
CA PHE A 43 0.63 -9.56 -3.73
C PHE A 43 -0.56 -10.49 -3.90
N GLU A 44 -0.38 -11.76 -3.53
CA GLU A 44 -1.45 -12.75 -3.62
C GLU A 44 -2.66 -12.28 -2.81
N ALA A 45 -2.37 -11.70 -1.66
CA ALA A 45 -3.38 -11.07 -0.84
C ALA A 45 -2.93 -9.67 -0.47
N LEU A 46 -3.17 -8.72 -1.36
CA LEU A 46 -2.77 -7.33 -1.15
C LEU A 46 -3.36 -6.78 0.14
N VAL A 47 -4.60 -7.17 0.43
CA VAL A 47 -5.27 -6.76 1.66
C VAL A 47 -4.53 -7.30 2.88
N GLY A 48 -3.91 -8.47 2.74
CA GLY A 48 -3.16 -9.06 3.83
C GLY A 48 -1.87 -8.30 4.10
N THR A 49 -1.15 -7.99 3.02
CA THR A 49 0.04 -7.15 3.11
C THR A 49 -0.30 -5.78 3.71
N LEU A 50 -1.41 -5.20 3.26
CA LEU A 50 -1.89 -3.93 3.80
C LEU A 50 -2.20 -4.07 5.28
N LYS A 51 -2.91 -5.15 5.63
CA LYS A 51 -3.27 -5.44 7.01
C LYS A 51 -2.03 -5.47 7.89
N ALA A 52 -1.00 -6.16 7.43
CA ALA A 52 0.25 -6.31 8.17
C ALA A 52 0.88 -4.95 8.44
N ALA A 53 1.08 -4.18 7.39
CA ALA A 53 1.77 -2.90 7.50
C ALA A 53 0.90 -1.87 8.23
N LYS A 54 -0.41 -1.94 8.06
CA LYS A 54 -1.31 -1.01 8.73
C LYS A 54 -1.27 -1.23 10.24
N ARG A 55 -1.25 -2.49 10.64
CA ARG A 55 -1.23 -2.83 12.05
C ARG A 55 0.16 -2.62 12.65
N ARG A 56 1.16 -2.46 11.78
CA ARG A 56 2.49 -2.06 12.21
C ARG A 56 2.65 -0.55 12.15
N LYS A 57 1.59 0.13 11.72
CA LYS A 57 1.59 1.59 11.56
C LYS A 57 2.61 2.03 10.52
N ILE A 58 2.85 1.18 9.55
CA ILE A 58 3.69 1.51 8.41
C ILE A 58 2.84 2.20 7.35
N VAL A 59 1.63 1.70 7.20
CA VAL A 59 0.66 2.28 6.28
C VAL A 59 -0.67 2.47 6.98
N THR A 60 -1.57 3.17 6.34
CA THR A 60 -2.93 3.31 6.84
C THR A 60 -3.87 3.52 5.67
N TYR A 61 -5.10 3.02 5.80
CA TYR A 61 -6.10 3.16 4.75
C TYR A 61 -7.50 3.02 5.34
N PRO A 62 -8.39 3.93 4.96
CA PRO A 62 -9.79 3.95 5.42
C PRO A 62 -10.61 2.78 4.86
N GLY A 63 -11.67 2.42 5.56
CA GLY A 63 -12.55 1.38 5.08
C GLY A 63 -12.28 0.04 5.72
N GLU A 64 -11.07 -0.47 5.51
CA GLU A 64 -10.62 -1.76 6.03
C GLU A 64 -11.30 -2.92 5.28
N LEU A 65 -12.63 -2.92 5.29
CA LEU A 65 -13.40 -3.93 4.57
C LEU A 65 -13.23 -3.75 3.07
N LEU A 66 -13.47 -2.53 2.61
CA LEU A 66 -13.35 -2.16 1.20
C LEU A 66 -14.42 -2.84 0.34
N LEU A 67 -14.53 -2.35 -0.89
CA LEU A 67 -15.42 -2.91 -1.89
C LEU A 67 -14.81 -2.69 -3.26
N GLN A 68 -14.77 -3.75 -4.07
CA GLN A 68 -14.10 -3.72 -5.36
C GLN A 68 -14.62 -2.59 -6.25
N GLY A 69 -13.69 -1.80 -6.77
CA GLY A 69 -14.04 -0.80 -7.75
C GLY A 69 -14.40 0.55 -7.14
N VAL A 70 -15.02 0.54 -5.97
CA VAL A 70 -15.58 1.77 -5.42
C VAL A 70 -14.60 2.45 -4.48
N HIS A 71 -13.63 1.71 -3.99
CA HIS A 71 -12.65 2.29 -3.08
C HIS A 71 -11.24 2.25 -3.65
N ASP A 72 -11.16 2.00 -4.95
CA ASP A 72 -9.87 2.03 -5.65
C ASP A 72 -9.35 3.46 -5.69
N ASP A 73 -10.24 4.40 -5.40
CA ASP A 73 -9.88 5.81 -5.37
C ASP A 73 -9.46 6.21 -3.95
N VAL A 74 -9.40 5.23 -3.06
CA VAL A 74 -8.97 5.47 -1.68
C VAL A 74 -7.44 5.58 -1.61
N ASP A 75 -6.99 6.62 -0.94
CA ASP A 75 -5.56 6.87 -0.78
C ASP A 75 -4.99 5.97 0.30
N ILE A 76 -4.02 5.15 -0.07
CA ILE A 76 -3.28 4.35 0.88
C ILE A 76 -2.07 5.16 1.35
N ILE A 77 -2.07 5.55 2.61
CA ILE A 77 -1.06 6.46 3.12
C ILE A 77 0.08 5.68 3.79
N LEU A 78 1.30 5.98 3.38
CA LEU A 78 2.48 5.39 3.98
C LEU A 78 2.95 6.28 5.13
N LEU A 79 2.81 5.78 6.34
CA LEU A 79 3.16 6.53 7.54
C LEU A 79 4.65 6.42 7.82
N GLN A 80 5.19 5.21 7.66
CA GLN A 80 6.60 4.98 7.92
C GLN A 80 7.37 4.86 6.62
N ASP A 81 8.47 5.59 6.53
CA ASP A 81 9.35 5.48 5.38
C ASP A 81 10.40 4.40 5.64
N LEU A 82 10.01 3.16 5.41
CA LEU A 82 10.90 2.02 5.58
C LEU A 82 12.08 2.13 4.62
N GLU A 83 11.78 2.48 3.38
CA GLU A 83 12.81 2.69 2.39
C GLU A 83 13.63 3.91 2.78
N HIS A 84 14.93 3.71 2.99
CA HIS A 84 15.81 4.80 3.42
C HIS A 84 16.26 5.64 2.23
N HIS A 85 15.64 5.37 1.07
CA HIS A 85 15.84 6.16 -0.14
C HIS A 85 17.30 6.17 -0.57
N MET A 1 3.93 -14.79 -0.45
CA MET A 1 5.35 -15.05 -0.16
C MET A 1 5.56 -14.94 1.36
N ASN A 2 6.80 -14.84 1.81
CA ASN A 2 7.08 -14.59 3.22
C ASN A 2 6.70 -13.16 3.54
N VAL A 3 5.62 -13.00 4.29
CA VAL A 3 4.86 -11.74 4.39
C VAL A 3 5.73 -10.52 4.68
N ASP A 4 6.78 -10.70 5.46
CA ASP A 4 7.67 -9.59 5.81
C ASP A 4 8.26 -8.95 4.56
N HIS A 5 8.43 -9.74 3.50
CA HIS A 5 9.03 -9.24 2.27
C HIS A 5 8.03 -8.48 1.41
N GLU A 6 6.81 -8.99 1.26
CA GLU A 6 5.79 -8.23 0.52
C GLU A 6 5.46 -6.93 1.23
N VAL A 7 5.61 -6.89 2.55
CA VAL A 7 5.45 -5.65 3.29
C VAL A 7 6.49 -4.61 2.84
N ASN A 8 7.74 -5.06 2.70
CA ASN A 8 8.81 -4.18 2.21
C ASN A 8 8.59 -3.83 0.75
N LEU A 9 8.07 -4.78 0.01
CA LEU A 9 7.73 -4.57 -1.39
C LEU A 9 6.63 -3.51 -1.51
N LEU A 10 5.64 -3.63 -0.63
CA LEU A 10 4.52 -2.69 -0.58
C LEU A 10 5.01 -1.27 -0.37
N VAL A 11 5.83 -1.08 0.66
CA VAL A 11 6.31 0.25 1.01
C VAL A 11 7.26 0.79 -0.07
N GLU A 12 7.97 -0.10 -0.74
CA GLU A 12 8.84 0.29 -1.84
C GLU A 12 8.00 0.76 -3.03
N GLU A 13 6.91 0.07 -3.30
CA GLU A 13 6.01 0.43 -4.38
C GLU A 13 5.26 1.73 -4.06
N ILE A 14 4.92 1.92 -2.80
CA ILE A 14 4.27 3.16 -2.36
C ILE A 14 5.20 4.34 -2.60
N HIS A 15 6.50 4.11 -2.43
CA HIS A 15 7.50 5.14 -2.74
C HIS A 15 7.62 5.35 -4.24
N ARG A 16 7.39 4.29 -5.02
CA ARG A 16 7.60 4.34 -6.46
C ARG A 16 6.40 4.94 -7.18
N LEU A 17 5.21 4.48 -6.84
CA LEU A 17 3.99 4.91 -7.51
C LEU A 17 3.35 6.09 -6.80
N GLY A 18 3.60 6.18 -5.50
CA GLY A 18 2.95 7.19 -4.70
C GLY A 18 3.64 8.53 -4.76
N SER A 19 3.00 9.53 -4.19
CA SER A 19 3.51 10.88 -4.18
C SER A 19 3.38 11.46 -2.78
N LYS A 20 4.18 12.47 -2.46
CA LYS A 20 4.11 13.10 -1.16
C LYS A 20 2.91 14.04 -1.10
N ASN A 21 2.19 13.94 -0.01
CA ASN A 21 1.04 14.80 0.23
C ASN A 21 1.49 16.09 0.91
N ALA A 22 0.52 16.91 1.29
CA ALA A 22 0.81 18.21 1.90
C ALA A 22 1.45 18.04 3.29
N ASP A 23 1.36 16.83 3.84
CA ASP A 23 1.95 16.53 5.13
C ASP A 23 3.40 16.07 4.96
N GLY A 24 3.74 15.68 3.74
CA GLY A 24 5.07 15.18 3.47
C GLY A 24 5.14 13.66 3.51
N LYS A 25 4.00 13.02 3.66
CA LYS A 25 3.94 11.57 3.70
C LYS A 25 3.70 11.03 2.29
N LEU A 26 4.17 9.83 2.02
CA LEU A 26 3.86 9.16 0.76
C LEU A 26 2.43 8.67 0.77
N SER A 27 1.74 8.89 -0.34
CA SER A 27 0.40 8.40 -0.51
C SER A 27 0.18 7.97 -1.96
N VAL A 28 -0.56 6.90 -2.15
CA VAL A 28 -0.86 6.41 -3.49
C VAL A 28 -2.28 5.87 -3.54
N LYS A 29 -2.99 6.20 -4.62
CA LYS A 29 -4.34 5.70 -4.80
C LYS A 29 -4.33 4.18 -4.91
N PHE A 30 -5.13 3.54 -4.07
CA PHE A 30 -5.24 2.09 -4.06
C PHE A 30 -5.56 1.56 -5.45
N GLY A 31 -6.41 2.27 -6.18
CA GLY A 31 -6.79 1.85 -7.51
C GLY A 31 -5.61 1.72 -8.46
N VAL A 32 -4.59 2.53 -8.24
CA VAL A 32 -3.39 2.49 -9.07
C VAL A 32 -2.53 1.28 -8.71
N LEU A 33 -2.30 1.10 -7.41
CA LEU A 33 -1.48 0.00 -6.91
C LEU A 33 -2.17 -1.34 -7.20
N PHE A 34 -3.49 -1.35 -7.03
CA PHE A 34 -4.30 -2.54 -7.25
C PHE A 34 -4.21 -2.98 -8.71
N ARG A 35 -4.18 -2.01 -9.61
CA ARG A 35 -4.08 -2.29 -11.04
C ARG A 35 -2.68 -2.80 -11.39
N ASP A 36 -1.67 -2.20 -10.77
CA ASP A 36 -0.29 -2.56 -11.05
C ASP A 36 -0.01 -4.00 -10.65
N ASP A 37 -0.43 -4.37 -9.45
CA ASP A 37 -0.24 -5.73 -8.96
C ASP A 37 -0.94 -6.76 -9.84
N LYS A 38 -2.09 -6.39 -10.40
CA LYS A 38 -2.84 -7.31 -11.26
C LYS A 38 -2.00 -7.79 -12.44
N SER A 39 -1.02 -6.99 -12.83
CA SER A 39 -0.18 -7.34 -13.96
C SER A 39 1.01 -8.20 -13.51
N ALA A 40 1.56 -7.89 -12.34
CA ALA A 40 2.79 -8.54 -11.89
C ALA A 40 2.52 -9.72 -10.96
N ASN A 41 1.44 -9.62 -10.18
CA ASN A 41 1.06 -10.65 -9.20
C ASN A 41 2.09 -10.76 -8.09
N LEU A 42 2.52 -9.60 -7.61
CA LEU A 42 3.53 -9.53 -6.57
C LEU A 42 2.91 -9.79 -5.21
N PHE A 43 1.77 -9.15 -4.98
CA PHE A 43 1.06 -9.29 -3.72
C PHE A 43 0.00 -10.36 -3.84
N GLU A 44 0.35 -11.58 -3.43
CA GLU A 44 -0.57 -12.71 -3.49
C GLU A 44 -1.89 -12.36 -2.80
N ALA A 45 -1.78 -11.83 -1.60
CA ALA A 45 -2.95 -11.32 -0.88
C ALA A 45 -2.71 -9.85 -0.53
N LEU A 46 -3.07 -8.97 -1.44
CA LEU A 46 -2.82 -7.54 -1.29
C LEU A 46 -3.48 -7.01 -0.02
N VAL A 47 -4.69 -7.48 0.26
CA VAL A 47 -5.39 -7.07 1.48
C VAL A 47 -4.60 -7.51 2.71
N GLY A 48 -3.99 -8.70 2.63
CA GLY A 48 -3.21 -9.20 3.74
C GLY A 48 -1.94 -8.39 3.94
N THR A 49 -1.29 -8.03 2.84
CA THR A 49 -0.10 -7.19 2.89
C THR A 49 -0.44 -5.83 3.49
N LEU A 50 -1.59 -5.29 3.11
CA LEU A 50 -2.06 -4.02 3.65
C LEU A 50 -2.31 -4.14 5.14
N LYS A 51 -3.01 -5.19 5.55
CA LYS A 51 -3.29 -5.44 6.96
C LYS A 51 -1.99 -5.56 7.75
N ALA A 52 -1.02 -6.26 7.17
CA ALA A 52 0.27 -6.47 7.80
C ALA A 52 0.96 -5.14 8.11
N ALA A 53 0.97 -4.24 7.13
CA ALA A 53 1.62 -2.95 7.29
C ALA A 53 0.77 -2.00 8.11
N LYS A 54 -0.55 -2.15 8.03
CA LYS A 54 -1.46 -1.34 8.84
C LYS A 54 -1.33 -1.75 10.31
N ARG A 55 -1.12 -3.03 10.53
CA ARG A 55 -0.94 -3.59 11.86
C ARG A 55 0.41 -3.14 12.43
N ARG A 56 1.42 -3.02 11.57
CA ARG A 56 2.74 -2.60 11.99
C ARG A 56 2.85 -1.07 12.02
N LYS A 57 1.71 -0.40 11.86
CA LYS A 57 1.62 1.06 11.94
C LYS A 57 2.44 1.72 10.83
N ILE A 58 2.65 0.98 9.75
CA ILE A 58 3.45 1.45 8.63
C ILE A 58 2.59 2.26 7.67
N VAL A 59 1.39 1.78 7.41
CA VAL A 59 0.47 2.48 6.51
C VAL A 59 -0.91 2.57 7.15
N THR A 60 -1.73 3.48 6.66
CA THR A 60 -3.10 3.58 7.13
C THR A 60 -4.04 3.74 5.96
N TYR A 61 -5.24 3.19 6.10
CA TYR A 61 -6.29 3.32 5.11
C TYR A 61 -7.62 2.93 5.73
N PRO A 62 -8.66 3.73 5.49
CA PRO A 62 -9.99 3.47 6.04
C PRO A 62 -10.73 2.40 5.24
N GLY A 63 -11.42 1.52 5.95
CA GLY A 63 -12.19 0.48 5.30
C GLY A 63 -11.35 -0.58 4.61
N GLU A 64 -11.49 -1.82 5.06
CA GLU A 64 -10.85 -2.94 4.38
C GLU A 64 -11.70 -3.40 3.20
N LEU A 65 -12.99 -3.09 3.26
CA LEU A 65 -13.91 -3.42 2.17
C LEU A 65 -13.59 -2.60 0.92
N LEU A 66 -13.42 -3.28 -0.21
CA LEU A 66 -13.04 -2.61 -1.45
C LEU A 66 -13.48 -3.41 -2.66
N LEU A 67 -14.41 -4.34 -2.46
CA LEU A 67 -14.84 -5.23 -3.53
C LEU A 67 -15.69 -4.51 -4.56
N GLN A 68 -16.29 -3.41 -4.15
CA GLN A 68 -17.16 -2.63 -5.03
C GLN A 68 -16.36 -1.56 -5.78
N GLY A 69 -15.03 -1.63 -5.68
CA GLY A 69 -14.18 -0.67 -6.36
C GLY A 69 -14.32 0.73 -5.80
N VAL A 70 -14.72 0.80 -4.53
CA VAL A 70 -14.94 2.08 -3.87
C VAL A 70 -13.62 2.64 -3.31
N HIS A 71 -12.56 1.87 -3.46
CA HIS A 71 -11.26 2.25 -2.90
C HIS A 71 -10.29 2.70 -3.97
N ASP A 72 -10.78 2.91 -5.19
CA ASP A 72 -9.91 3.32 -6.29
C ASP A 72 -9.33 4.70 -6.02
N ASP A 73 -10.13 5.59 -5.46
CA ASP A 73 -9.71 6.95 -5.24
C ASP A 73 -9.20 7.15 -3.81
N VAL A 74 -9.05 6.04 -3.11
CA VAL A 74 -8.56 6.08 -1.74
C VAL A 74 -7.04 6.03 -1.72
N ASP A 75 -6.43 7.09 -1.24
CA ASP A 75 -4.98 7.16 -1.12
C ASP A 75 -4.52 6.44 0.13
N ILE A 76 -3.62 5.49 -0.05
CA ILE A 76 -3.03 4.78 1.08
C ILE A 76 -1.86 5.59 1.60
N ILE A 77 -1.96 6.05 2.84
CA ILE A 77 -0.99 6.97 3.39
C ILE A 77 0.06 6.24 4.23
N LEU A 78 1.32 6.53 3.96
CA LEU A 78 2.44 5.96 4.69
C LEU A 78 2.65 6.69 6.01
N LEU A 79 2.57 5.95 7.11
CA LEU A 79 2.76 6.52 8.43
C LEU A 79 4.20 6.33 8.90
N GLN A 80 4.76 5.17 8.60
CA GLN A 80 6.11 4.84 9.02
C GLN A 80 6.95 4.52 7.79
N ASP A 81 8.13 5.10 7.71
CA ASP A 81 8.95 4.97 6.52
C ASP A 81 10.19 4.13 6.78
N LEU A 82 10.26 3.00 6.10
CA LEU A 82 11.45 2.16 6.11
C LEU A 82 11.88 1.85 4.69
N GLU A 83 10.89 1.55 3.85
CA GLU A 83 11.09 1.16 2.45
C GLU A 83 11.96 -0.10 2.34
N HIS A 84 13.27 0.07 2.27
CA HIS A 84 14.17 -1.03 2.01
C HIS A 84 15.53 -0.76 2.63
N HIS A 85 16.10 -1.76 3.29
CA HIS A 85 17.43 -1.66 3.85
C HIS A 85 18.10 -3.03 3.88
N MET A 1 5.23 -15.26 0.75
CA MET A 1 6.37 -16.05 1.26
C MET A 1 6.65 -15.66 2.70
N ASN A 2 7.48 -14.64 2.87
CA ASN A 2 7.71 -14.04 4.18
C ASN A 2 7.04 -12.69 4.20
N VAL A 3 5.95 -12.57 4.96
CA VAL A 3 5.11 -11.38 4.91
C VAL A 3 5.90 -10.10 5.12
N ASP A 4 6.97 -10.18 5.90
CA ASP A 4 7.84 -9.03 6.17
C ASP A 4 8.47 -8.51 4.89
N HIS A 5 8.69 -9.40 3.92
CA HIS A 5 9.33 -9.00 2.67
C HIS A 5 8.29 -8.35 1.79
N GLU A 6 7.12 -8.95 1.80
CA GLU A 6 5.98 -8.45 1.06
C GLU A 6 5.60 -7.05 1.51
N VAL A 7 5.64 -6.83 2.82
CA VAL A 7 5.39 -5.50 3.38
C VAL A 7 6.45 -4.49 2.91
N ASN A 8 7.71 -4.93 2.89
CA ASN A 8 8.80 -4.08 2.41
C ASN A 8 8.68 -3.85 0.90
N LEU A 9 8.09 -4.82 0.21
CA LEU A 9 7.80 -4.67 -1.21
C LEU A 9 6.67 -3.64 -1.38
N LEU A 10 5.67 -3.75 -0.52
CA LEU A 10 4.55 -2.83 -0.52
C LEU A 10 5.03 -1.38 -0.36
N VAL A 11 5.88 -1.15 0.63
CA VAL A 11 6.36 0.20 0.89
C VAL A 11 7.22 0.73 -0.26
N GLU A 12 7.99 -0.16 -0.91
CA GLU A 12 8.79 0.25 -2.04
C GLU A 12 7.89 0.72 -3.18
N GLU A 13 6.78 0.02 -3.39
CA GLU A 13 5.80 0.41 -4.40
C GLU A 13 5.15 1.73 -4.03
N ILE A 14 4.94 1.95 -2.74
CA ILE A 14 4.38 3.21 -2.27
C ILE A 14 5.38 4.35 -2.50
N HIS A 15 6.67 4.05 -2.39
CA HIS A 15 7.71 5.02 -2.73
C HIS A 15 7.76 5.24 -4.24
N ARG A 16 7.41 4.20 -5.00
CA ARG A 16 7.51 4.22 -6.45
C ARG A 16 6.34 4.96 -7.09
N LEU A 17 5.13 4.61 -6.68
CA LEU A 17 3.92 5.14 -7.31
C LEU A 17 3.25 6.17 -6.42
N GLY A 18 3.81 6.39 -5.25
CA GLY A 18 3.21 7.29 -4.30
C GLY A 18 3.68 8.72 -4.46
N SER A 19 2.84 9.64 -4.03
CA SER A 19 3.15 11.07 -4.05
C SER A 19 3.07 11.61 -2.63
N LYS A 20 3.77 12.70 -2.36
CA LYS A 20 3.78 13.26 -1.01
C LYS A 20 2.59 14.16 -0.76
N ASN A 21 1.93 13.94 0.37
CA ASN A 21 0.82 14.79 0.80
C ASN A 21 1.37 16.05 1.44
N ALA A 22 0.48 16.97 1.77
CA ALA A 22 0.88 18.19 2.46
C ALA A 22 1.36 17.89 3.87
N ASP A 23 1.03 16.69 4.34
CA ASP A 23 1.44 16.22 5.67
C ASP A 23 2.90 15.76 5.64
N GLY A 24 3.43 15.55 4.44
CA GLY A 24 4.82 15.14 4.31
C GLY A 24 4.98 13.64 4.22
N LYS A 25 3.88 12.93 4.02
CA LYS A 25 3.92 11.48 3.91
C LYS A 25 3.55 11.04 2.50
N LEU A 26 4.07 9.89 2.10
CA LEU A 26 3.80 9.33 0.79
C LEU A 26 2.45 8.63 0.79
N SER A 27 1.72 8.79 -0.30
CA SER A 27 0.44 8.15 -0.46
C SER A 27 0.21 7.74 -1.90
N VAL A 28 -0.42 6.60 -2.07
CA VAL A 28 -0.74 6.07 -3.38
C VAL A 28 -2.13 5.45 -3.36
N LYS A 29 -2.91 5.70 -4.39
CA LYS A 29 -4.27 5.19 -4.43
C LYS A 29 -4.28 3.69 -4.63
N PHE A 30 -5.18 3.03 -3.91
CA PHE A 30 -5.34 1.58 -3.99
C PHE A 30 -5.55 1.13 -5.43
N GLY A 31 -6.30 1.93 -6.18
CA GLY A 31 -6.58 1.61 -7.57
C GLY A 31 -5.33 1.56 -8.42
N VAL A 32 -4.30 2.30 -8.02
CA VAL A 32 -3.05 2.33 -8.77
C VAL A 32 -2.27 1.05 -8.50
N LEU A 33 -2.15 0.71 -7.22
CA LEU A 33 -1.47 -0.51 -6.81
C LEU A 33 -2.21 -1.74 -7.32
N PHE A 34 -3.53 -1.74 -7.14
CA PHE A 34 -4.37 -2.86 -7.54
C PHE A 34 -4.29 -3.07 -9.05
N ARG A 35 -4.12 -1.97 -9.77
CA ARG A 35 -3.96 -2.01 -11.23
C ARG A 35 -2.67 -2.72 -11.62
N ASP A 36 -1.56 -2.28 -11.05
CA ASP A 36 -0.26 -2.84 -11.41
C ASP A 36 -0.13 -4.26 -10.87
N ASP A 37 -0.70 -4.51 -9.70
CA ASP A 37 -0.68 -5.84 -9.10
C ASP A 37 -1.41 -6.84 -9.99
N LYS A 38 -2.53 -6.44 -10.57
CA LYS A 38 -3.27 -7.31 -11.46
C LYS A 38 -2.51 -7.54 -12.77
N SER A 39 -1.57 -6.65 -13.06
CA SER A 39 -0.76 -6.76 -14.25
C SER A 39 0.50 -7.61 -13.99
N ALA A 40 1.20 -7.34 -12.90
CA ALA A 40 2.49 -7.97 -12.63
C ALA A 40 2.36 -9.14 -11.64
N ASN A 41 1.31 -9.11 -10.82
CA ASN A 41 1.11 -10.11 -9.77
C ASN A 41 2.23 -10.06 -8.75
N LEU A 42 2.43 -8.87 -8.19
CA LEU A 42 3.47 -8.65 -7.21
C LEU A 42 3.01 -9.12 -5.83
N PHE A 43 1.76 -8.83 -5.52
CA PHE A 43 1.20 -9.17 -4.23
C PHE A 43 0.11 -10.22 -4.40
N GLU A 44 0.46 -11.48 -4.17
CA GLU A 44 -0.48 -12.58 -4.33
C GLU A 44 -1.71 -12.37 -3.45
N ALA A 45 -1.49 -11.68 -2.33
CA ALA A 45 -2.58 -11.24 -1.48
C ALA A 45 -2.33 -9.81 -1.03
N LEU A 46 -2.69 -8.85 -1.88
CA LEU A 46 -2.46 -7.44 -1.60
C LEU A 46 -3.20 -7.01 -0.33
N VAL A 47 -4.40 -7.53 -0.16
CA VAL A 47 -5.21 -7.22 1.01
C VAL A 47 -4.47 -7.62 2.28
N GLY A 48 -3.84 -8.79 2.26
CA GLY A 48 -3.10 -9.27 3.41
C GLY A 48 -1.89 -8.41 3.72
N THR A 49 -1.15 -8.04 2.69
CA THR A 49 -0.01 -7.16 2.82
C THR A 49 -0.44 -5.81 3.42
N LEU A 50 -1.58 -5.31 2.98
CA LEU A 50 -2.13 -4.06 3.50
C LEU A 50 -2.51 -4.21 4.97
N LYS A 51 -3.20 -5.30 5.30
CA LYS A 51 -3.57 -5.60 6.68
C LYS A 51 -2.31 -5.62 7.56
N ALA A 52 -1.30 -6.34 7.10
CA ALA A 52 -0.04 -6.47 7.84
C ALA A 52 0.55 -5.11 8.16
N ALA A 53 0.71 -4.30 7.11
CA ALA A 53 1.35 -3.01 7.26
C ALA A 53 0.48 -2.04 8.06
N LYS A 54 -0.82 -2.09 7.86
CA LYS A 54 -1.72 -1.19 8.59
C LYS A 54 -1.68 -1.50 10.08
N ARG A 55 -1.77 -2.78 10.41
CA ARG A 55 -1.76 -3.20 11.80
C ARG A 55 -0.39 -3.00 12.43
N ARG A 56 0.65 -3.01 11.58
CA ARG A 56 2.00 -2.79 12.01
C ARG A 56 2.30 -1.29 12.07
N LYS A 57 1.28 -0.49 11.73
CA LYS A 57 1.39 0.97 11.73
C LYS A 57 2.41 1.46 10.71
N ILE A 58 2.63 0.65 9.68
CA ILE A 58 3.49 1.04 8.57
C ILE A 58 2.73 1.97 7.65
N VAL A 59 1.48 1.61 7.39
CA VAL A 59 0.61 2.39 6.52
C VAL A 59 -0.74 2.60 7.18
N THR A 60 -1.55 3.45 6.59
CA THR A 60 -2.91 3.67 7.04
C THR A 60 -3.81 3.97 5.85
N TYR A 61 -5.07 3.62 5.97
CA TYR A 61 -6.05 3.89 4.92
C TYR A 61 -7.45 3.79 5.50
N PRO A 62 -8.35 4.67 5.05
CA PRO A 62 -9.75 4.63 5.46
C PRO A 62 -10.37 3.26 5.21
N GLY A 63 -11.19 2.81 6.15
CA GLY A 63 -11.74 1.47 6.07
C GLY A 63 -10.66 0.40 6.18
N GLU A 64 -10.98 -0.80 5.74
CA GLU A 64 -10.01 -1.88 5.74
C GLU A 64 -10.47 -3.04 4.87
N LEU A 65 -11.56 -2.81 4.12
CA LEU A 65 -12.08 -3.82 3.21
C LEU A 65 -12.49 -3.18 1.89
N LEU A 66 -12.95 -4.01 0.97
CA LEU A 66 -13.43 -3.53 -0.32
C LEU A 66 -14.46 -4.50 -0.88
N LEU A 67 -14.03 -5.73 -1.18
CA LEU A 67 -14.93 -6.80 -1.64
C LEU A 67 -15.66 -6.39 -2.91
N GLN A 68 -15.09 -5.44 -3.62
CA GLN A 68 -15.72 -4.87 -4.80
C GLN A 68 -14.68 -4.11 -5.63
N GLY A 69 -14.23 -2.99 -5.09
CA GLY A 69 -13.27 -2.16 -5.81
C GLY A 69 -13.46 -0.69 -5.52
N VAL A 70 -14.47 -0.36 -4.72
CA VAL A 70 -14.76 1.03 -4.35
C VAL A 70 -13.60 1.69 -3.59
N HIS A 71 -12.64 0.88 -3.18
CA HIS A 71 -11.52 1.36 -2.39
C HIS A 71 -10.41 1.90 -3.29
N ASP A 72 -10.67 1.89 -4.59
CA ASP A 72 -9.67 2.21 -5.61
C ASP A 72 -9.23 3.67 -5.58
N ASP A 73 -10.17 4.57 -5.31
CA ASP A 73 -9.86 5.99 -5.34
C ASP A 73 -9.27 6.44 -4.01
N VAL A 74 -9.29 5.52 -3.04
CA VAL A 74 -8.80 5.81 -1.71
C VAL A 74 -7.28 5.79 -1.68
N ASP A 75 -6.72 6.82 -1.06
CA ASP A 75 -5.28 6.96 -0.94
C ASP A 75 -4.75 6.15 0.24
N ILE A 76 -3.74 5.34 -0.01
CA ILE A 76 -3.08 4.59 1.05
C ILE A 76 -1.88 5.38 1.54
N ILE A 77 -1.91 5.79 2.81
CA ILE A 77 -0.92 6.70 3.34
C ILE A 77 0.15 5.94 4.13
N LEU A 78 1.41 6.25 3.84
CA LEU A 78 2.54 5.63 4.53
C LEU A 78 2.84 6.37 5.83
N LEU A 79 2.78 5.65 6.95
CA LEU A 79 3.01 6.26 8.25
C LEU A 79 4.46 6.09 8.69
N GLN A 80 5.00 4.88 8.48
CA GLN A 80 6.38 4.61 8.83
C GLN A 80 7.22 4.47 7.57
N ASP A 81 8.35 5.15 7.54
CA ASP A 81 9.24 5.07 6.42
C ASP A 81 10.39 4.10 6.72
N LEU A 82 10.25 2.88 6.19
CA LEU A 82 11.26 1.85 6.35
C LEU A 82 12.58 2.36 5.80
N GLU A 83 12.55 2.78 4.55
CA GLU A 83 13.65 3.47 3.93
C GLU A 83 13.24 4.91 3.68
N HIS A 84 14.20 5.82 3.61
CA HIS A 84 13.87 7.24 3.51
C HIS A 84 13.76 7.65 2.04
N HIS A 85 14.89 8.05 1.46
CA HIS A 85 14.93 8.49 0.06
C HIS A 85 16.33 8.96 -0.28
N MET A 1 3.52 -15.17 -0.44
CA MET A 1 4.47 -16.23 -0.03
C MET A 1 5.28 -15.78 1.18
N ASN A 2 6.33 -15.00 0.94
CA ASN A 2 7.12 -14.48 2.05
C ASN A 2 6.56 -13.13 2.45
N VAL A 3 5.84 -13.10 3.57
CA VAL A 3 5.11 -11.91 3.96
C VAL A 3 6.06 -10.81 4.44
N ASP A 4 7.17 -11.22 5.04
CA ASP A 4 8.19 -10.28 5.50
C ASP A 4 8.74 -9.47 4.33
N HIS A 5 8.96 -10.15 3.21
CA HIS A 5 9.49 -9.50 2.02
C HIS A 5 8.40 -8.71 1.31
N GLU A 6 7.16 -9.13 1.46
CA GLU A 6 6.03 -8.44 0.84
C GLU A 6 5.73 -7.13 1.56
N VAL A 7 5.98 -7.09 2.86
CA VAL A 7 5.76 -5.87 3.64
C VAL A 7 6.68 -4.74 3.16
N ASN A 8 7.97 -5.03 3.01
CA ASN A 8 8.91 -4.02 2.52
C ASN A 8 8.69 -3.78 1.04
N LEU A 9 8.26 -4.82 0.33
CA LEU A 9 7.94 -4.69 -1.07
C LEU A 9 6.81 -3.69 -1.25
N LEU A 10 5.80 -3.79 -0.39
CA LEU A 10 4.68 -2.89 -0.39
C LEU A 10 5.14 -1.44 -0.24
N VAL A 11 5.97 -1.19 0.76
CA VAL A 11 6.42 0.17 1.03
C VAL A 11 7.31 0.68 -0.10
N GLU A 12 8.04 -0.23 -0.75
CA GLU A 12 8.89 0.16 -1.86
C GLU A 12 8.07 0.51 -3.09
N GLU A 13 6.98 -0.21 -3.32
CA GLU A 13 6.07 0.13 -4.40
C GLU A 13 5.46 1.50 -4.14
N ILE A 14 5.18 1.78 -2.88
CA ILE A 14 4.71 3.09 -2.46
C ILE A 14 5.81 4.13 -2.67
N HIS A 15 7.07 3.71 -2.50
CA HIS A 15 8.20 4.60 -2.79
C HIS A 15 8.18 5.05 -4.24
N ARG A 16 7.74 4.17 -5.14
CA ARG A 16 7.68 4.49 -6.56
C ARG A 16 6.38 5.19 -6.95
N LEU A 17 5.26 4.64 -6.53
CA LEU A 17 3.95 5.12 -6.97
C LEU A 17 3.34 6.14 -6.01
N GLY A 18 4.04 6.40 -4.91
CA GLY A 18 3.49 7.27 -3.88
C GLY A 18 3.74 8.72 -4.13
N SER A 19 2.71 9.53 -3.98
CA SER A 19 2.81 10.97 -4.08
C SER A 19 2.97 11.56 -2.67
N LYS A 20 3.73 12.63 -2.56
CA LYS A 20 4.02 13.21 -1.26
C LYS A 20 2.86 14.05 -0.72
N ASN A 21 2.49 13.77 0.52
CA ASN A 21 1.54 14.59 1.25
C ASN A 21 2.27 15.72 1.95
N ALA A 22 1.54 16.60 2.63
CA ALA A 22 2.14 17.72 3.33
C ALA A 22 3.05 17.24 4.46
N ASP A 23 2.89 15.99 4.84
CA ASP A 23 3.71 15.37 5.88
C ASP A 23 5.07 14.96 5.36
N GLY A 24 5.20 14.88 4.04
CA GLY A 24 6.36 14.24 3.45
C GLY A 24 6.15 12.75 3.36
N LYS A 25 4.96 12.32 3.76
CA LYS A 25 4.57 10.92 3.70
C LYS A 25 4.07 10.60 2.30
N LEU A 26 4.20 9.35 1.89
CA LEU A 26 3.81 8.94 0.56
C LEU A 26 2.40 8.33 0.57
N SER A 27 1.53 8.87 -0.26
CA SER A 27 0.20 8.33 -0.42
C SER A 27 0.04 7.81 -1.83
N VAL A 28 -0.67 6.72 -1.98
CA VAL A 28 -0.90 6.20 -3.30
C VAL A 28 -2.34 5.72 -3.44
N LYS A 29 -2.95 6.02 -4.57
CA LYS A 29 -4.32 5.59 -4.82
C LYS A 29 -4.40 4.09 -4.87
N PHE A 30 -5.41 3.55 -4.21
CA PHE A 30 -5.64 2.12 -4.18
C PHE A 30 -5.77 1.59 -5.60
N GLY A 31 -6.44 2.36 -6.45
CA GLY A 31 -6.57 1.97 -7.83
C GLY A 31 -5.24 1.82 -8.51
N VAL A 32 -4.35 2.80 -8.33
CA VAL A 32 -3.04 2.76 -8.96
C VAL A 32 -2.24 1.56 -8.48
N LEU A 33 -2.25 1.36 -7.17
CA LEU A 33 -1.53 0.26 -6.55
C LEU A 33 -2.12 -1.08 -6.98
N PHE A 34 -3.44 -1.18 -6.94
CA PHE A 34 -4.12 -2.43 -7.26
C PHE A 34 -4.00 -2.76 -8.74
N ARG A 35 -4.07 -1.75 -9.60
CA ARG A 35 -3.98 -1.96 -11.04
C ARG A 35 -2.56 -2.34 -11.45
N ASP A 36 -1.58 -1.86 -10.70
CA ASP A 36 -0.19 -2.25 -10.95
C ASP A 36 -0.02 -3.73 -10.58
N ASP A 37 -0.52 -4.10 -9.40
CA ASP A 37 -0.49 -5.50 -8.95
C ASP A 37 -1.39 -6.36 -9.83
N LYS A 38 -2.44 -5.78 -10.35
CA LYS A 38 -3.35 -6.46 -11.26
C LYS A 38 -2.59 -7.01 -12.46
N SER A 39 -1.56 -6.28 -12.88
CA SER A 39 -0.74 -6.68 -14.01
C SER A 39 0.45 -7.57 -13.59
N ALA A 40 1.01 -7.31 -12.41
CA ALA A 40 2.23 -7.98 -11.98
C ALA A 40 1.97 -9.12 -10.99
N ASN A 41 0.97 -8.93 -10.14
CA ASN A 41 0.69 -9.84 -9.02
C ASN A 41 1.93 -10.05 -8.16
N LEU A 42 2.35 -8.97 -7.52
CA LEU A 42 3.49 -9.01 -6.61
C LEU A 42 3.05 -9.52 -5.26
N PHE A 43 1.80 -9.22 -4.92
CA PHE A 43 1.23 -9.62 -3.66
C PHE A 43 0.10 -10.63 -3.89
N GLU A 44 0.24 -11.82 -3.32
CA GLU A 44 -0.82 -12.83 -3.44
C GLU A 44 -2.08 -12.35 -2.72
N ALA A 45 -1.87 -11.75 -1.56
CA ALA A 45 -2.95 -11.17 -0.80
C ALA A 45 -2.63 -9.73 -0.44
N LEU A 46 -2.97 -8.82 -1.35
CA LEU A 46 -2.69 -7.41 -1.16
C LEU A 46 -3.40 -6.90 0.09
N VAL A 47 -4.61 -7.39 0.31
CA VAL A 47 -5.38 -7.03 1.51
C VAL A 47 -4.64 -7.48 2.77
N GLY A 48 -3.93 -8.59 2.66
CA GLY A 48 -3.15 -9.11 3.78
C GLY A 48 -1.91 -8.29 4.02
N THR A 49 -1.17 -8.00 2.96
CA THR A 49 0.02 -7.15 3.06
C THR A 49 -0.33 -5.77 3.62
N LEU A 50 -1.42 -5.19 3.11
CA LEU A 50 -1.91 -3.91 3.61
C LEU A 50 -2.29 -4.03 5.08
N LYS A 51 -2.81 -5.19 5.46
CA LYS A 51 -3.24 -5.44 6.82
C LYS A 51 -2.04 -5.49 7.77
N ALA A 52 -1.00 -6.18 7.33
CA ALA A 52 0.22 -6.32 8.12
C ALA A 52 0.85 -4.96 8.41
N ALA A 53 0.94 -4.15 7.36
CA ALA A 53 1.57 -2.85 7.49
C ALA A 53 0.66 -1.85 8.21
N LYS A 54 -0.64 -2.03 8.11
CA LYS A 54 -1.58 -1.18 8.84
C LYS A 54 -1.50 -1.47 10.33
N ARG A 55 -1.29 -2.74 10.67
CA ARG A 55 -1.09 -3.14 12.04
C ARG A 55 0.19 -2.54 12.61
N ARG A 56 1.21 -2.42 11.77
CA ARG A 56 2.48 -1.86 12.19
C ARG A 56 2.51 -0.34 12.01
N LYS A 57 1.36 0.23 11.66
CA LYS A 57 1.20 1.67 11.45
C LYS A 57 2.16 2.18 10.37
N ILE A 58 2.55 1.27 9.50
CA ILE A 58 3.40 1.58 8.38
C ILE A 58 2.58 2.32 7.33
N VAL A 59 1.36 1.83 7.13
CA VAL A 59 0.42 2.47 6.23
C VAL A 59 -0.95 2.52 6.89
N THR A 60 -1.80 3.39 6.40
CA THR A 60 -3.16 3.46 6.86
C THR A 60 -4.09 3.66 5.68
N TYR A 61 -5.28 3.10 5.77
CA TYR A 61 -6.27 3.21 4.72
C TYR A 61 -7.65 2.93 5.28
N PRO A 62 -8.63 3.75 4.89
CA PRO A 62 -10.02 3.56 5.30
C PRO A 62 -10.68 2.40 4.55
N GLY A 63 -11.47 1.64 5.26
CA GLY A 63 -12.18 0.54 4.64
C GLY A 63 -11.44 -0.77 4.74
N GLU A 64 -11.68 -1.49 5.83
CA GLU A 64 -11.16 -2.84 6.00
C GLU A 64 -11.80 -3.75 4.98
N LEU A 65 -13.07 -3.49 4.70
CA LEU A 65 -13.79 -4.19 3.65
C LEU A 65 -13.88 -3.30 2.42
N LEU A 66 -13.08 -3.62 1.42
CA LEU A 66 -13.08 -2.86 0.17
C LEU A 66 -14.20 -3.32 -0.75
N LEU A 67 -14.74 -4.51 -0.46
CA LEU A 67 -15.84 -5.10 -1.23
C LEU A 67 -15.38 -5.49 -2.64
N GLN A 68 -15.29 -4.51 -3.52
CA GLN A 68 -14.93 -4.74 -4.90
C GLN A 68 -13.87 -3.73 -5.34
N GLY A 69 -13.55 -3.73 -6.63
CA GLY A 69 -12.55 -2.80 -7.15
C GLY A 69 -13.13 -1.42 -7.39
N VAL A 70 -13.98 -0.97 -6.48
CA VAL A 70 -14.57 0.37 -6.54
C VAL A 70 -13.81 1.33 -5.66
N HIS A 71 -12.79 0.79 -5.00
CA HIS A 71 -12.00 1.53 -4.01
C HIS A 71 -10.87 2.32 -4.68
N ASP A 72 -10.98 2.49 -6.00
CA ASP A 72 -9.89 3.05 -6.83
C ASP A 72 -9.33 4.37 -6.29
N ASP A 73 -10.20 5.24 -5.80
CA ASP A 73 -9.79 6.59 -5.44
C ASP A 73 -9.44 6.72 -3.97
N VAL A 74 -9.38 5.60 -3.27
CA VAL A 74 -9.01 5.61 -1.86
C VAL A 74 -7.50 5.69 -1.73
N ASP A 75 -7.03 6.72 -1.04
CA ASP A 75 -5.60 6.94 -0.85
C ASP A 75 -5.08 6.04 0.26
N ILE A 76 -4.09 5.23 -0.08
CA ILE A 76 -3.39 4.42 0.91
C ILE A 76 -2.17 5.21 1.37
N ILE A 77 -2.22 5.69 2.60
CA ILE A 77 -1.20 6.60 3.10
C ILE A 77 -0.13 5.88 3.89
N LEU A 78 1.11 6.00 3.46
CA LEU A 78 2.23 5.43 4.18
C LEU A 78 2.64 6.37 5.31
N LEU A 79 2.46 5.92 6.54
CA LEU A 79 2.73 6.73 7.72
C LEU A 79 4.16 6.54 8.18
N GLN A 80 4.61 5.30 8.16
CA GLN A 80 5.93 4.95 8.65
C GLN A 80 6.73 4.30 7.54
N ASP A 81 7.95 4.77 7.35
CA ASP A 81 8.79 4.22 6.29
C ASP A 81 9.76 3.21 6.89
N LEU A 82 9.41 1.94 6.75
CA LEU A 82 10.22 0.86 7.32
C LEU A 82 11.52 0.70 6.56
N GLU A 83 11.51 1.06 5.29
CA GLU A 83 12.65 0.81 4.43
C GLU A 83 13.64 1.97 4.52
N HIS A 84 13.32 3.06 3.83
CA HIS A 84 14.16 4.26 3.83
C HIS A 84 13.28 5.47 3.57
N HIS A 85 13.12 5.80 2.29
CA HIS A 85 12.17 6.83 1.85
C HIS A 85 12.33 7.06 0.36
N MET A 1 4.16 -15.06 -1.35
CA MET A 1 5.40 -15.77 -0.94
C MET A 1 5.62 -15.59 0.56
N ASN A 2 6.51 -14.65 0.91
CA ASN A 2 6.75 -14.31 2.31
C ASN A 2 6.18 -12.94 2.58
N VAL A 3 5.09 -12.88 3.35
CA VAL A 3 4.34 -11.64 3.54
C VAL A 3 5.20 -10.57 4.23
N ASP A 4 6.14 -11.00 5.05
CA ASP A 4 7.01 -10.07 5.76
C ASP A 4 7.85 -9.27 4.76
N HIS A 5 8.43 -9.97 3.80
CA HIS A 5 9.18 -9.33 2.73
C HIS A 5 8.25 -8.56 1.81
N GLU A 6 7.03 -9.07 1.64
CA GLU A 6 6.04 -8.43 0.78
C GLU A 6 5.60 -7.09 1.35
N VAL A 7 5.62 -6.96 2.68
CA VAL A 7 5.33 -5.68 3.34
C VAL A 7 6.34 -4.61 2.91
N ASN A 8 7.62 -4.99 2.92
CA ASN A 8 8.70 -4.10 2.50
C ASN A 8 8.59 -3.79 1.01
N LEU A 9 8.07 -4.74 0.25
CA LEU A 9 7.80 -4.52 -1.15
C LEU A 9 6.66 -3.51 -1.30
N LEU A 10 5.64 -3.67 -0.46
CA LEU A 10 4.48 -2.79 -0.46
C LEU A 10 4.90 -1.34 -0.21
N VAL A 11 5.68 -1.13 0.85
CA VAL A 11 6.10 0.22 1.22
C VAL A 11 6.96 0.85 0.12
N GLU A 12 7.69 0.00 -0.60
CA GLU A 12 8.49 0.47 -1.73
C GLU A 12 7.59 0.89 -2.89
N GLU A 13 6.64 0.03 -3.26
CA GLU A 13 5.73 0.34 -4.34
C GLU A 13 4.90 1.58 -4.03
N ILE A 14 4.47 1.70 -2.79
CA ILE A 14 3.69 2.86 -2.35
C ILE A 14 4.48 4.15 -2.54
N HIS A 15 5.71 4.18 -2.03
CA HIS A 15 6.52 5.39 -2.13
C HIS A 15 6.99 5.64 -3.56
N ARG A 16 7.18 4.55 -4.30
CA ARG A 16 7.69 4.63 -5.66
C ARG A 16 6.61 5.04 -6.66
N LEU A 17 5.41 4.51 -6.51
CA LEU A 17 4.30 4.84 -7.39
C LEU A 17 3.56 6.08 -6.90
N GLY A 18 3.72 6.38 -5.61
CA GLY A 18 2.95 7.44 -5.01
C GLY A 18 3.62 8.79 -5.05
N SER A 19 3.10 9.71 -4.27
CA SER A 19 3.56 11.08 -4.24
C SER A 19 3.53 11.62 -2.81
N LYS A 20 4.30 12.65 -2.53
CA LYS A 20 4.37 13.22 -1.19
C LYS A 20 3.17 14.10 -0.90
N ASN A 21 2.63 13.94 0.29
CA ASN A 21 1.61 14.85 0.81
C ASN A 21 2.31 16.02 1.48
N ALA A 22 1.55 17.05 1.85
CA ALA A 22 2.10 18.21 2.54
C ALA A 22 2.72 17.80 3.89
N ASP A 23 2.27 16.67 4.39
CA ASP A 23 2.74 16.15 5.68
C ASP A 23 4.11 15.52 5.52
N GLY A 24 4.50 15.24 4.27
CA GLY A 24 5.78 14.62 4.00
C GLY A 24 5.67 13.11 3.89
N LYS A 25 4.46 12.60 4.06
CA LYS A 25 4.22 11.18 3.93
C LYS A 25 3.97 10.82 2.47
N LEU A 26 4.32 9.59 2.11
CA LEU A 26 4.19 9.13 0.74
C LEU A 26 2.88 8.38 0.55
N SER A 27 2.03 8.88 -0.33
CA SER A 27 0.71 8.31 -0.53
C SER A 27 0.51 7.89 -1.97
N VAL A 28 -0.21 6.80 -2.16
CA VAL A 28 -0.57 6.37 -3.50
C VAL A 28 -2.00 5.86 -3.53
N LYS A 29 -2.68 6.09 -4.65
CA LYS A 29 -4.06 5.64 -4.80
C LYS A 29 -4.13 4.12 -4.80
N PHE A 30 -5.10 3.58 -4.08
CA PHE A 30 -5.33 2.14 -4.02
C PHE A 30 -5.56 1.58 -5.42
N GLY A 31 -6.33 2.31 -6.23
CA GLY A 31 -6.64 1.85 -7.57
C GLY A 31 -5.40 1.70 -8.44
N VAL A 32 -4.40 2.54 -8.20
CA VAL A 32 -3.17 2.50 -8.95
C VAL A 32 -2.39 1.22 -8.63
N LEU A 33 -2.21 0.97 -7.35
CA LEU A 33 -1.51 -0.22 -6.89
C LEU A 33 -2.29 -1.48 -7.28
N PHE A 34 -3.60 -1.41 -7.09
CA PHE A 34 -4.49 -2.53 -7.40
C PHE A 34 -4.40 -2.90 -8.88
N ARG A 35 -4.34 -1.89 -9.73
CA ARG A 35 -4.23 -2.09 -11.17
C ARG A 35 -2.90 -2.75 -11.53
N ASP A 36 -1.82 -2.17 -11.02
CA ASP A 36 -0.47 -2.60 -11.38
C ASP A 36 -0.14 -3.97 -10.79
N ASP A 37 -0.60 -4.26 -9.58
CA ASP A 37 -0.35 -5.56 -8.98
C ASP A 37 -1.06 -6.66 -9.75
N LYS A 38 -2.25 -6.37 -10.25
CA LYS A 38 -2.98 -7.33 -11.08
C LYS A 38 -2.19 -7.69 -12.32
N SER A 39 -1.31 -6.79 -12.73
CA SER A 39 -0.56 -6.96 -13.97
C SER A 39 0.67 -7.83 -13.78
N ALA A 40 1.25 -7.82 -12.59
CA ALA A 40 2.49 -8.54 -12.33
C ALA A 40 2.34 -9.61 -11.24
N ASN A 41 1.36 -9.41 -10.36
CA ASN A 41 1.17 -10.26 -9.19
C ASN A 41 2.41 -10.27 -8.32
N LEU A 42 2.76 -9.09 -7.84
CA LEU A 42 3.93 -8.92 -6.99
C LEU A 42 3.60 -9.32 -5.58
N PHE A 43 2.38 -9.02 -5.18
CA PHE A 43 1.89 -9.39 -3.87
C PHE A 43 1.01 -10.62 -3.99
N GLU A 44 1.29 -11.63 -3.17
CA GLU A 44 0.50 -12.84 -3.19
C GLU A 44 -0.87 -12.54 -2.63
N ALA A 45 -0.88 -11.97 -1.43
CA ALA A 45 -2.10 -11.53 -0.81
C ALA A 45 -2.08 -10.02 -0.62
N LEU A 46 -2.47 -9.30 -1.66
CA LEU A 46 -2.44 -7.83 -1.65
C LEU A 46 -3.18 -7.26 -0.45
N VAL A 47 -4.35 -7.80 -0.17
CA VAL A 47 -5.16 -7.34 0.95
C VAL A 47 -4.46 -7.67 2.28
N GLY A 48 -3.78 -8.80 2.33
CA GLY A 48 -3.08 -9.21 3.54
C GLY A 48 -1.86 -8.34 3.79
N THR A 49 -1.14 -8.03 2.73
CA THR A 49 0.02 -7.15 2.82
C THR A 49 -0.39 -5.77 3.34
N LEU A 50 -1.54 -5.29 2.86
CA LEU A 50 -2.11 -4.03 3.33
C LEU A 50 -2.43 -4.10 4.81
N LYS A 51 -3.13 -5.16 5.20
CA LYS A 51 -3.48 -5.41 6.60
C LYS A 51 -2.24 -5.42 7.48
N ALA A 52 -1.23 -6.17 7.07
CA ALA A 52 -0.01 -6.34 7.84
C ALA A 52 0.67 -5.00 8.09
N ALA A 53 0.86 -4.21 7.04
CA ALA A 53 1.54 -2.93 7.16
C ALA A 53 0.70 -1.92 7.93
N LYS A 54 -0.62 -2.04 7.80
CA LYS A 54 -1.53 -1.16 8.53
C LYS A 54 -1.45 -1.45 10.03
N ARG A 55 -1.37 -2.73 10.38
CA ARG A 55 -1.28 -3.14 11.77
C ARG A 55 0.10 -2.84 12.35
N ARG A 56 1.09 -2.73 11.48
CA ARG A 56 2.43 -2.35 11.91
C ARG A 56 2.57 -0.84 11.96
N LYS A 57 1.45 -0.15 11.70
CA LYS A 57 1.42 1.32 11.73
C LYS A 57 2.32 1.91 10.65
N ILE A 58 2.56 1.13 9.61
CA ILE A 58 3.42 1.55 8.52
C ILE A 58 2.61 2.30 7.47
N VAL A 59 1.37 1.88 7.27
CA VAL A 59 0.49 2.53 6.31
C VAL A 59 -0.91 2.69 6.91
N THR A 60 -1.70 3.58 6.33
CA THR A 60 -3.06 3.76 6.76
C THR A 60 -3.97 3.95 5.56
N TYR A 61 -5.20 3.46 5.69
CA TYR A 61 -6.21 3.61 4.66
C TYR A 61 -7.58 3.29 5.24
N PRO A 62 -8.58 4.14 4.94
CA PRO A 62 -9.94 3.96 5.45
C PRO A 62 -10.59 2.67 4.92
N GLY A 63 -11.31 2.00 5.79
CA GLY A 63 -11.98 0.78 5.40
C GLY A 63 -11.16 -0.46 5.75
N GLU A 64 -11.84 -1.46 6.30
CA GLU A 64 -11.21 -2.74 6.59
C GLU A 64 -11.64 -3.79 5.57
N LEU A 65 -12.69 -3.45 4.84
CA LEU A 65 -13.24 -4.34 3.82
C LEU A 65 -13.57 -3.57 2.56
N LEU A 66 -13.68 -4.29 1.46
CA LEU A 66 -14.07 -3.72 0.19
C LEU A 66 -14.62 -4.82 -0.70
N LEU A 67 -15.55 -4.46 -1.58
CA LEU A 67 -16.15 -5.44 -2.48
C LEU A 67 -15.47 -5.40 -3.83
N GLN A 68 -15.80 -4.38 -4.63
CA GLN A 68 -15.19 -4.18 -5.92
C GLN A 68 -14.08 -3.14 -5.81
N GLY A 69 -13.56 -2.70 -6.95
CA GLY A 69 -12.50 -1.71 -6.95
C GLY A 69 -13.01 -0.29 -6.76
N VAL A 70 -14.02 -0.14 -5.91
CA VAL A 70 -14.63 1.16 -5.65
C VAL A 70 -13.73 2.00 -4.75
N HIS A 71 -12.79 1.34 -4.09
CA HIS A 71 -11.87 2.01 -3.18
C HIS A 71 -10.72 2.68 -3.93
N ASP A 72 -10.90 2.86 -5.23
CA ASP A 72 -9.91 3.53 -6.08
C ASP A 72 -9.57 4.92 -5.54
N ASP A 73 -10.56 5.56 -4.93
CA ASP A 73 -10.39 6.94 -4.45
C ASP A 73 -9.73 6.95 -3.07
N VAL A 74 -9.50 5.76 -2.53
CA VAL A 74 -8.80 5.63 -1.26
C VAL A 74 -7.30 5.68 -1.49
N ASP A 75 -6.65 6.64 -0.85
CA ASP A 75 -5.21 6.76 -0.94
C ASP A 75 -4.55 6.03 0.22
N ILE A 76 -3.62 5.16 -0.09
CA ILE A 76 -2.88 4.43 0.92
C ILE A 76 -1.69 5.28 1.36
N ILE A 77 -1.76 5.80 2.58
CA ILE A 77 -0.76 6.73 3.07
C ILE A 77 0.31 6.00 3.88
N LEU A 78 1.57 6.21 3.49
CA LEU A 78 2.69 5.62 4.22
C LEU A 78 2.98 6.45 5.47
N LEU A 79 2.71 5.87 6.63
CA LEU A 79 2.90 6.54 7.90
C LEU A 79 4.34 6.41 8.38
N GLN A 80 4.92 5.25 8.11
CA GLN A 80 6.27 4.97 8.56
C GLN A 80 7.16 4.66 7.36
N ASP A 81 8.32 5.31 7.31
CA ASP A 81 9.26 5.09 6.21
C ASP A 81 10.20 3.95 6.56
N LEU A 82 9.98 2.81 5.93
CA LEU A 82 10.77 1.63 6.22
C LEU A 82 11.93 1.51 5.25
N GLU A 83 11.62 1.31 3.98
CA GLU A 83 12.63 1.23 2.94
C GLU A 83 12.78 2.57 2.26
N HIS A 84 13.78 3.33 2.69
CA HIS A 84 13.99 4.68 2.17
C HIS A 84 14.92 4.63 0.96
N HIS A 85 14.35 4.76 -0.22
CA HIS A 85 15.13 4.79 -1.45
C HIS A 85 14.63 5.91 -2.33
N MET A 1 4.87 -17.96 1.03
CA MET A 1 5.93 -16.93 1.07
C MET A 1 5.88 -16.19 2.40
N ASN A 2 7.02 -15.66 2.83
CA ASN A 2 7.08 -14.87 4.06
C ASN A 2 6.36 -13.55 3.85
N VAL A 3 5.31 -13.33 4.62
CA VAL A 3 4.46 -12.15 4.47
C VAL A 3 5.25 -10.86 4.68
N ASP A 4 6.30 -10.95 5.49
CA ASP A 4 7.16 -9.79 5.76
C ASP A 4 7.73 -9.20 4.47
N HIS A 5 8.13 -10.06 3.55
CA HIS A 5 8.66 -9.61 2.26
C HIS A 5 7.59 -8.86 1.48
N GLU A 6 6.36 -9.36 1.56
CA GLU A 6 5.23 -8.69 0.92
C GLU A 6 5.04 -7.29 1.49
N VAL A 7 5.19 -7.18 2.81
CA VAL A 7 5.04 -5.91 3.51
C VAL A 7 6.07 -4.89 3.04
N ASN A 8 7.34 -5.32 3.00
CA ASN A 8 8.42 -4.45 2.56
C ASN A 8 8.32 -4.16 1.08
N LEU A 9 7.72 -5.09 0.34
CA LEU A 9 7.44 -4.88 -1.07
C LEU A 9 6.38 -3.79 -1.21
N LEU A 10 5.39 -3.83 -0.34
CA LEU A 10 4.32 -2.83 -0.31
C LEU A 10 4.88 -1.43 -0.13
N VAL A 11 5.76 -1.26 0.86
CA VAL A 11 6.34 0.05 1.14
C VAL A 11 7.18 0.52 -0.05
N GLU A 12 7.81 -0.43 -0.73
CA GLU A 12 8.63 -0.13 -1.90
C GLU A 12 7.75 0.42 -3.02
N GLU A 13 6.65 -0.27 -3.30
CA GLU A 13 5.74 0.13 -4.37
C GLU A 13 5.16 1.51 -4.08
N ILE A 14 4.82 1.78 -2.82
CA ILE A 14 4.28 3.08 -2.44
C ILE A 14 5.34 4.17 -2.58
N HIS A 15 6.59 3.82 -2.31
CA HIS A 15 7.70 4.76 -2.49
C HIS A 15 7.81 5.22 -3.94
N ARG A 16 7.63 4.30 -4.87
CA ARG A 16 7.77 4.60 -6.29
C ARG A 16 6.48 5.12 -6.92
N LEU A 17 5.38 4.43 -6.67
CA LEU A 17 4.09 4.77 -7.29
C LEU A 17 3.39 5.89 -6.53
N GLY A 18 3.80 6.10 -5.30
CA GLY A 18 3.13 7.06 -4.45
C GLY A 18 3.55 8.48 -4.72
N SER A 19 2.75 9.40 -4.26
CA SER A 19 3.03 10.82 -4.40
C SER A 19 3.05 11.46 -3.01
N LYS A 20 3.78 12.55 -2.86
CA LYS A 20 3.86 13.21 -1.57
C LYS A 20 2.65 14.10 -1.34
N ASN A 21 2.05 13.92 -0.17
CA ASN A 21 0.89 14.71 0.22
C ASN A 21 1.34 16.00 0.91
N ALA A 22 0.38 16.76 1.42
CA ALA A 22 0.68 18.03 2.08
C ALA A 22 1.39 17.79 3.41
N ASP A 23 1.18 16.61 3.97
CA ASP A 23 1.79 16.26 5.26
C ASP A 23 3.25 15.88 5.07
N GLY A 24 3.64 15.63 3.83
CA GLY A 24 5.02 15.32 3.51
C GLY A 24 5.30 13.84 3.45
N LYS A 25 4.25 13.04 3.30
CA LYS A 25 4.40 11.59 3.23
C LYS A 25 3.85 11.05 1.92
N LEU A 26 4.18 9.80 1.61
CA LEU A 26 3.74 9.16 0.39
C LEU A 26 2.30 8.71 0.51
N SER A 27 1.54 8.91 -0.54
CA SER A 27 0.19 8.41 -0.62
C SER A 27 -0.11 7.97 -2.04
N VAL A 28 -0.87 6.90 -2.19
CA VAL A 28 -1.23 6.40 -3.50
C VAL A 28 -2.64 5.82 -3.49
N LYS A 29 -3.41 6.10 -4.53
CA LYS A 29 -4.73 5.50 -4.69
C LYS A 29 -4.58 4.00 -4.85
N PHE A 30 -5.32 3.24 -4.04
CA PHE A 30 -5.28 1.79 -4.08
C PHE A 30 -5.57 1.29 -5.50
N GLY A 31 -6.50 1.96 -6.18
CA GLY A 31 -6.85 1.57 -7.52
C GLY A 31 -5.67 1.65 -8.47
N VAL A 32 -4.76 2.58 -8.22
CA VAL A 32 -3.58 2.75 -9.06
C VAL A 32 -2.56 1.65 -8.77
N LEU A 33 -2.31 1.43 -7.48
CA LEU A 33 -1.36 0.41 -7.04
C LEU A 33 -1.86 -0.99 -7.42
N PHE A 34 -3.14 -1.25 -7.14
CA PHE A 34 -3.75 -2.53 -7.39
C PHE A 34 -3.74 -2.87 -8.88
N ARG A 35 -4.06 -1.88 -9.70
CA ARG A 35 -4.10 -2.05 -11.14
C ARG A 35 -2.72 -2.41 -11.67
N ASP A 36 -1.70 -1.71 -11.19
CA ASP A 36 -0.35 -1.94 -11.65
C ASP A 36 0.16 -3.29 -11.16
N ASP A 37 -0.17 -3.62 -9.91
CA ASP A 37 0.18 -4.92 -9.35
C ASP A 37 -0.45 -6.04 -10.14
N LYS A 38 -1.74 -5.95 -10.42
CA LYS A 38 -2.44 -7.00 -11.16
C LYS A 38 -1.91 -7.13 -12.57
N SER A 39 -1.13 -6.14 -13.02
CA SER A 39 -0.51 -6.20 -14.33
C SER A 39 0.85 -6.93 -14.27
N ALA A 40 1.39 -7.08 -13.06
CA ALA A 40 2.71 -7.69 -12.87
C ALA A 40 2.64 -8.94 -12.00
N ASN A 41 1.71 -8.93 -11.05
CA ASN A 41 1.54 -9.99 -10.06
C ASN A 41 2.67 -9.96 -9.05
N LEU A 42 2.82 -8.80 -8.41
CA LEU A 42 3.86 -8.59 -7.43
C LEU A 42 3.45 -9.14 -6.08
N PHE A 43 2.25 -8.77 -5.65
CA PHE A 43 1.75 -9.15 -4.35
C PHE A 43 0.94 -10.44 -4.43
N GLU A 44 1.32 -11.43 -3.63
CA GLU A 44 0.57 -12.66 -3.55
C GLU A 44 -0.74 -12.37 -2.82
N ALA A 45 -0.62 -11.78 -1.64
CA ALA A 45 -1.78 -11.39 -0.86
C ALA A 45 -1.71 -9.90 -0.54
N LEU A 46 -2.17 -9.08 -1.46
CA LEU A 46 -2.12 -7.62 -1.31
C LEU A 46 -2.95 -7.19 -0.11
N VAL A 47 -4.15 -7.74 0.02
CA VAL A 47 -5.05 -7.39 1.12
C VAL A 47 -4.43 -7.77 2.46
N GLY A 48 -3.81 -8.94 2.51
CA GLY A 48 -3.15 -9.38 3.73
C GLY A 48 -1.95 -8.51 4.06
N THR A 49 -1.26 -8.05 3.02
CA THR A 49 -0.12 -7.17 3.17
C THR A 49 -0.56 -5.81 3.71
N LEU A 50 -1.71 -5.33 3.25
CA LEU A 50 -2.28 -4.08 3.73
C LEU A 50 -2.51 -4.15 5.24
N LYS A 51 -3.12 -5.23 5.69
CA LYS A 51 -3.36 -5.42 7.12
C LYS A 51 -2.05 -5.51 7.88
N ALA A 52 -1.11 -6.26 7.33
CA ALA A 52 0.21 -6.42 7.95
C ALA A 52 0.89 -5.08 8.18
N ALA A 53 0.90 -4.24 7.16
CA ALA A 53 1.54 -2.94 7.25
C ALA A 53 0.69 -1.97 8.07
N LYS A 54 -0.62 -2.19 8.12
CA LYS A 54 -1.48 -1.36 8.95
C LYS A 54 -1.32 -1.75 10.42
N ARG A 55 -1.06 -3.02 10.68
CA ARG A 55 -0.80 -3.50 12.03
C ARG A 55 0.55 -2.99 12.52
N ARG A 56 1.48 -2.79 11.59
CA ARG A 56 2.79 -2.23 11.92
C ARG A 56 2.73 -0.71 11.95
N LYS A 57 1.57 -0.16 11.58
CA LYS A 57 1.39 1.28 11.48
C LYS A 57 2.36 1.89 10.48
N ILE A 58 2.65 1.10 9.44
CA ILE A 58 3.48 1.54 8.33
C ILE A 58 2.64 2.42 7.41
N VAL A 59 1.44 1.93 7.13
CA VAL A 59 0.53 2.63 6.24
C VAL A 59 -0.86 2.72 6.86
N THR A 60 -1.67 3.62 6.35
CA THR A 60 -3.04 3.73 6.79
C THR A 60 -3.98 3.96 5.62
N TYR A 61 -5.19 3.44 5.74
CA TYR A 61 -6.23 3.64 4.76
C TYR A 61 -7.58 3.36 5.39
N PRO A 62 -8.58 4.22 5.11
CA PRO A 62 -9.93 4.06 5.64
C PRO A 62 -10.64 2.86 5.02
N GLY A 63 -11.41 2.15 5.84
CA GLY A 63 -12.16 1.01 5.35
C GLY A 63 -11.53 -0.30 5.72
N GLU A 64 -12.14 -1.00 6.68
CA GLU A 64 -11.71 -2.34 7.05
C GLU A 64 -12.30 -3.36 6.10
N LEU A 65 -13.29 -2.93 5.34
CA LEU A 65 -13.92 -3.76 4.33
C LEU A 65 -13.94 -3.04 3.00
N LEU A 66 -13.09 -3.47 2.08
CA LEU A 66 -12.97 -2.82 0.79
C LEU A 66 -14.06 -3.29 -0.16
N LEU A 67 -14.98 -2.39 -0.47
CA LEU A 67 -16.02 -2.67 -1.46
C LEU A 67 -15.49 -2.42 -2.86
N GLN A 68 -16.36 -2.51 -3.86
CA GLN A 68 -15.95 -2.44 -5.27
C GLN A 68 -15.31 -1.09 -5.62
N GLY A 69 -16.15 -0.08 -5.81
CA GLY A 69 -15.67 1.18 -6.33
C GLY A 69 -15.26 2.16 -5.27
N VAL A 70 -15.20 1.70 -4.02
CA VAL A 70 -14.85 2.55 -2.91
C VAL A 70 -13.35 2.51 -2.63
N HIS A 71 -12.66 1.53 -3.21
CA HIS A 71 -11.26 1.34 -2.90
C HIS A 71 -10.36 1.95 -3.98
N ASP A 72 -10.93 2.33 -5.10
CA ASP A 72 -10.11 2.76 -6.23
C ASP A 72 -9.39 4.08 -5.94
N ASP A 73 -10.08 4.99 -5.28
CA ASP A 73 -9.50 6.29 -5.00
C ASP A 73 -9.05 6.38 -3.54
N VAL A 74 -9.05 5.25 -2.83
CA VAL A 74 -8.65 5.29 -1.43
C VAL A 74 -7.14 5.45 -1.35
N ASP A 75 -6.70 6.53 -0.72
CA ASP A 75 -5.29 6.84 -0.62
C ASP A 75 -4.64 6.03 0.50
N ILE A 76 -3.68 5.22 0.12
CA ILE A 76 -2.88 4.49 1.09
C ILE A 76 -1.74 5.39 1.53
N ILE A 77 -1.81 5.88 2.75
CA ILE A 77 -0.85 6.85 3.24
C ILE A 77 0.27 6.16 4.01
N LEU A 78 1.50 6.47 3.65
CA LEU A 78 2.67 5.92 4.33
C LEU A 78 2.93 6.73 5.61
N LEU A 79 2.70 6.10 6.74
CA LEU A 79 2.88 6.75 8.03
C LEU A 79 4.32 6.59 8.51
N GLN A 80 4.93 5.47 8.15
CA GLN A 80 6.27 5.16 8.59
C GLN A 80 7.13 4.79 7.39
N ASP A 81 8.32 5.36 7.33
CA ASP A 81 9.30 4.94 6.34
C ASP A 81 10.49 4.34 7.06
N LEU A 82 10.89 3.15 6.64
CA LEU A 82 12.00 2.47 7.30
C LEU A 82 13.30 2.82 6.60
N GLU A 83 13.23 2.95 5.28
CA GLU A 83 14.41 3.13 4.46
C GLU A 83 15.08 4.46 4.76
N HIS A 84 14.28 5.53 4.79
CA HIS A 84 14.78 6.90 4.95
C HIS A 84 15.63 7.32 3.75
N HIS A 85 16.85 6.82 3.69
CA HIS A 85 17.74 7.09 2.59
C HIS A 85 18.72 5.94 2.43
N MET A 1 8.48 -16.11 0.03
CA MET A 1 7.74 -14.87 0.31
C MET A 1 7.12 -14.91 1.70
N ASN A 2 7.69 -14.12 2.60
CA ASN A 2 7.13 -13.97 3.93
C ASN A 2 6.50 -12.58 4.05
N VAL A 3 5.31 -12.53 4.61
CA VAL A 3 4.50 -11.31 4.63
C VAL A 3 5.28 -10.11 5.18
N ASP A 4 6.13 -10.36 6.17
CA ASP A 4 6.91 -9.30 6.81
C ASP A 4 7.84 -8.60 5.81
N HIS A 5 8.45 -9.37 4.92
CA HIS A 5 9.34 -8.83 3.92
C HIS A 5 8.55 -8.23 2.76
N GLU A 6 7.37 -8.78 2.51
CA GLU A 6 6.50 -8.28 1.46
C GLU A 6 5.99 -6.88 1.82
N VAL A 7 5.87 -6.62 3.13
CA VAL A 7 5.52 -5.29 3.62
C VAL A 7 6.54 -4.26 3.11
N ASN A 8 7.81 -4.62 3.15
CA ASN A 8 8.88 -3.76 2.63
C ASN A 8 8.67 -3.53 1.15
N LEU A 9 8.30 -4.59 0.45
CA LEU A 9 8.05 -4.51 -0.98
C LEU A 9 6.89 -3.54 -1.25
N LEU A 10 5.85 -3.63 -0.44
CA LEU A 10 4.73 -2.73 -0.50
C LEU A 10 5.21 -1.29 -0.35
N VAL A 11 6.06 -1.06 0.63
CA VAL A 11 6.64 0.25 0.88
C VAL A 11 7.39 0.77 -0.35
N GLU A 12 8.16 -0.11 -0.98
CA GLU A 12 8.91 0.24 -2.18
C GLU A 12 7.96 0.68 -3.31
N GLU A 13 6.91 -0.11 -3.51
CA GLU A 13 5.91 0.21 -4.53
C GLU A 13 5.18 1.51 -4.22
N ILE A 14 4.94 1.75 -2.94
CA ILE A 14 4.33 3.01 -2.51
C ILE A 14 5.23 4.20 -2.84
N HIS A 15 6.53 3.98 -2.78
CA HIS A 15 7.50 5.01 -3.12
C HIS A 15 7.40 5.41 -4.60
N ARG A 16 7.25 4.42 -5.46
CA ARG A 16 7.23 4.67 -6.90
C ARG A 16 5.83 5.03 -7.41
N LEU A 17 4.81 4.39 -6.86
CA LEU A 17 3.45 4.59 -7.34
C LEU A 17 2.73 5.66 -6.54
N GLY A 18 3.40 6.18 -5.51
CA GLY A 18 2.76 7.16 -4.65
C GLY A 18 3.49 8.49 -4.63
N SER A 19 2.89 9.46 -3.95
CA SER A 19 3.45 10.81 -3.86
C SER A 19 3.32 11.33 -2.43
N LYS A 20 4.15 12.30 -2.06
CA LYS A 20 4.11 12.85 -0.71
C LYS A 20 2.92 13.80 -0.54
N ASN A 21 2.23 13.64 0.58
CA ASN A 21 1.11 14.50 0.93
C ASN A 21 1.58 15.72 1.72
N ALA A 22 0.65 16.49 2.26
CA ALA A 22 0.97 17.73 2.95
C ALA A 22 1.76 17.50 4.24
N ASP A 23 1.74 16.27 4.73
CA ASP A 23 2.47 15.91 5.94
C ASP A 23 3.89 15.45 5.59
N GLY A 24 4.09 15.16 4.33
CA GLY A 24 5.39 14.68 3.87
C GLY A 24 5.43 13.16 3.80
N LYS A 25 4.33 12.53 4.16
CA LYS A 25 4.22 11.08 4.06
C LYS A 25 3.79 10.71 2.65
N LEU A 26 4.06 9.49 2.26
CA LEU A 26 3.68 9.03 0.93
C LEU A 26 2.25 8.54 0.93
N SER A 27 1.56 8.77 -0.15
CA SER A 27 0.23 8.24 -0.32
C SER A 27 0.05 7.75 -1.76
N VAL A 28 -0.64 6.65 -1.93
CA VAL A 28 -0.81 6.05 -3.23
C VAL A 28 -2.26 5.66 -3.44
N LYS A 29 -2.79 5.90 -4.63
CA LYS A 29 -4.15 5.49 -4.94
C LYS A 29 -4.24 3.99 -4.94
N PHE A 30 -5.30 3.49 -4.34
CA PHE A 30 -5.53 2.06 -4.32
C PHE A 30 -5.69 1.54 -5.74
N GLY A 31 -6.36 2.32 -6.57
CA GLY A 31 -6.59 1.94 -7.94
C GLY A 31 -5.33 1.72 -8.75
N VAL A 32 -4.40 2.66 -8.67
CA VAL A 32 -3.18 2.58 -9.48
C VAL A 32 -2.29 1.44 -9.01
N LEU A 33 -2.32 1.16 -7.71
CA LEU A 33 -1.54 0.07 -7.15
C LEU A 33 -2.18 -1.27 -7.53
N PHE A 34 -3.50 -1.36 -7.37
CA PHE A 34 -4.23 -2.58 -7.70
C PHE A 34 -4.12 -2.87 -9.20
N ARG A 35 -4.12 -1.81 -9.98
CA ARG A 35 -3.90 -1.89 -11.43
C ARG A 35 -2.61 -2.65 -11.75
N ASP A 36 -1.52 -2.24 -11.12
CA ASP A 36 -0.22 -2.81 -11.41
C ASP A 36 -0.14 -4.24 -10.90
N ASP A 37 -0.74 -4.48 -9.73
CA ASP A 37 -0.73 -5.81 -9.13
C ASP A 37 -1.56 -6.79 -9.96
N LYS A 38 -2.63 -6.30 -10.61
CA LYS A 38 -3.41 -7.16 -11.50
C LYS A 38 -2.56 -7.63 -12.67
N SER A 39 -1.62 -6.79 -13.09
CA SER A 39 -0.82 -7.09 -14.26
C SER A 39 0.42 -7.91 -13.89
N ALA A 40 1.11 -7.51 -12.83
CA ALA A 40 2.36 -8.15 -12.44
C ALA A 40 2.16 -9.23 -11.38
N ASN A 41 1.12 -9.07 -10.58
CA ASN A 41 0.91 -9.91 -9.39
C ASN A 41 2.13 -9.82 -8.48
N LEU A 42 2.34 -8.64 -7.93
CA LEU A 42 3.49 -8.40 -7.06
C LEU A 42 3.17 -8.93 -5.66
N PHE A 43 1.92 -8.75 -5.27
CA PHE A 43 1.45 -9.20 -3.98
C PHE A 43 0.42 -10.29 -4.18
N GLU A 44 0.78 -11.53 -3.86
CA GLU A 44 -0.13 -12.66 -3.99
C GLU A 44 -1.37 -12.40 -3.14
N ALA A 45 -1.19 -11.67 -2.05
CA ALA A 45 -2.30 -11.18 -1.26
C ALA A 45 -2.10 -9.70 -0.98
N LEU A 46 -2.51 -8.86 -1.93
CA LEU A 46 -2.36 -7.41 -1.79
C LEU A 46 -3.09 -6.94 -0.54
N VAL A 47 -4.31 -7.43 -0.37
CA VAL A 47 -5.11 -7.12 0.81
C VAL A 47 -4.36 -7.51 2.07
N GLY A 48 -3.86 -8.73 2.11
CA GLY A 48 -3.13 -9.22 3.27
C GLY A 48 -1.90 -8.38 3.57
N THR A 49 -1.22 -7.94 2.52
CA THR A 49 -0.04 -7.10 2.66
C THR A 49 -0.43 -5.74 3.27
N LEU A 50 -1.58 -5.22 2.85
CA LEU A 50 -2.10 -3.98 3.40
C LEU A 50 -2.42 -4.13 4.88
N LYS A 51 -3.09 -5.23 5.22
CA LYS A 51 -3.46 -5.51 6.61
C LYS A 51 -2.20 -5.60 7.47
N ALA A 52 -1.19 -6.28 6.95
CA ALA A 52 0.08 -6.46 7.66
C ALA A 52 0.70 -5.13 8.03
N ALA A 53 0.85 -4.27 7.03
CA ALA A 53 1.48 -2.96 7.23
C ALA A 53 0.59 -2.05 8.06
N LYS A 54 -0.71 -2.16 7.89
CA LYS A 54 -1.65 -1.35 8.65
C LYS A 54 -1.53 -1.67 10.14
N ARG A 55 -1.44 -2.95 10.46
CA ARG A 55 -1.35 -3.39 11.85
C ARG A 55 0.03 -3.09 12.42
N ARG A 56 1.03 -3.04 11.55
CA ARG A 56 2.40 -2.74 11.94
C ARG A 56 2.67 -1.23 11.87
N LYS A 57 1.58 -0.46 11.77
CA LYS A 57 1.62 1.02 11.67
C LYS A 57 2.56 1.49 10.56
N ILE A 58 2.77 0.65 9.56
CA ILE A 58 3.59 1.01 8.40
C ILE A 58 2.80 1.92 7.50
N VAL A 59 1.55 1.56 7.30
CA VAL A 59 0.64 2.33 6.46
C VAL A 59 -0.73 2.43 7.13
N THR A 60 -1.59 3.26 6.59
CA THR A 60 -2.96 3.36 7.05
C THR A 60 -3.88 3.72 5.90
N TYR A 61 -5.13 3.32 6.00
CA TYR A 61 -6.13 3.63 5.01
C TYR A 61 -7.52 3.42 5.60
N PRO A 62 -8.43 4.37 5.36
CA PRO A 62 -9.81 4.29 5.85
C PRO A 62 -10.52 3.05 5.33
N GLY A 63 -11.31 2.42 6.20
CA GLY A 63 -12.00 1.21 5.83
C GLY A 63 -11.22 -0.02 6.23
N GLU A 64 -11.82 -1.18 6.08
CA GLU A 64 -11.18 -2.43 6.46
C GLU A 64 -11.32 -3.46 5.34
N LEU A 65 -12.38 -3.33 4.57
CA LEU A 65 -12.61 -4.20 3.42
C LEU A 65 -12.72 -3.36 2.15
N LEU A 66 -12.44 -3.97 1.02
CA LEU A 66 -12.41 -3.26 -0.26
C LEU A 66 -13.35 -3.88 -1.29
N LEU A 67 -13.79 -5.11 -1.02
CA LEU A 67 -14.59 -5.88 -1.97
C LEU A 67 -13.79 -6.14 -3.25
N GLN A 68 -13.82 -5.19 -4.16
CA GLN A 68 -13.00 -5.22 -5.36
C GLN A 68 -12.26 -3.90 -5.50
N GLY A 69 -13.00 -2.84 -5.80
CA GLY A 69 -12.40 -1.53 -5.91
C GLY A 69 -13.32 -0.42 -5.46
N VAL A 70 -14.01 -0.64 -4.35
CA VAL A 70 -14.91 0.38 -3.81
C VAL A 70 -14.10 1.44 -3.05
N HIS A 71 -12.84 1.13 -2.82
CA HIS A 71 -11.91 2.05 -2.16
C HIS A 71 -10.79 2.44 -3.13
N ASP A 72 -11.06 2.22 -4.41
CA ASP A 72 -10.11 2.51 -5.49
C ASP A 72 -9.55 3.94 -5.41
N ASP A 73 -10.41 4.89 -5.06
CA ASP A 73 -10.03 6.29 -5.03
C ASP A 73 -9.41 6.69 -3.69
N VAL A 74 -9.20 5.72 -2.81
CA VAL A 74 -8.64 5.99 -1.50
C VAL A 74 -7.12 6.02 -1.58
N ASP A 75 -6.55 7.05 -0.97
CA ASP A 75 -5.09 7.17 -0.85
C ASP A 75 -4.60 6.36 0.34
N ILE A 76 -3.75 5.39 0.07
CA ILE A 76 -3.15 4.60 1.13
C ILE A 76 -1.92 5.33 1.64
N ILE A 77 -1.98 5.77 2.88
CA ILE A 77 -0.94 6.63 3.44
C ILE A 77 0.14 5.81 4.14
N LEU A 78 1.37 6.02 3.71
CA LEU A 78 2.53 5.39 4.32
C LEU A 78 2.92 6.16 5.58
N LEU A 79 2.72 5.54 6.73
CA LEU A 79 3.00 6.18 8.02
C LEU A 79 4.48 6.07 8.35
N GLN A 80 5.04 4.89 8.10
CA GLN A 80 6.44 4.67 8.37
C GLN A 80 7.20 4.45 7.07
N ASP A 81 8.30 5.16 6.92
CA ASP A 81 9.14 5.02 5.75
C ASP A 81 10.56 4.71 6.17
N LEU A 82 11.08 3.60 5.67
CA LEU A 82 12.39 3.14 6.09
C LEU A 82 13.44 3.35 5.00
N GLU A 83 13.02 3.90 3.85
CA GLU A 83 13.97 4.16 2.78
C GLU A 83 14.81 5.39 3.14
N HIS A 84 15.98 5.15 3.72
CA HIS A 84 16.79 6.24 4.21
C HIS A 84 17.81 6.68 3.16
N HIS A 85 17.72 7.93 2.76
CA HIS A 85 18.63 8.49 1.77
C HIS A 85 19.83 9.12 2.45
N MET A 1 3.41 -14.65 -1.02
CA MET A 1 4.85 -14.92 -0.80
C MET A 1 5.12 -14.93 0.70
N ASN A 2 6.35 -14.64 1.08
CA ASN A 2 6.68 -14.43 2.48
C ASN A 2 6.16 -13.06 2.89
N VAL A 3 5.18 -13.04 3.78
CA VAL A 3 4.45 -11.81 4.08
C VAL A 3 5.37 -10.72 4.65
N ASP A 4 6.35 -11.12 5.45
CA ASP A 4 7.30 -10.18 6.02
C ASP A 4 8.08 -9.49 4.90
N HIS A 5 8.37 -10.25 3.86
CA HIS A 5 9.05 -9.74 2.67
C HIS A 5 8.09 -8.91 1.82
N GLU A 6 6.83 -9.34 1.75
CA GLU A 6 5.82 -8.64 0.96
C GLU A 6 5.55 -7.25 1.54
N VAL A 7 5.69 -7.12 2.85
CA VAL A 7 5.56 -5.81 3.50
C VAL A 7 6.63 -4.85 2.98
N ASN A 8 7.85 -5.36 2.80
CA ASN A 8 8.95 -4.57 2.27
C ASN A 8 8.71 -4.26 0.80
N LEU A 9 8.02 -5.15 0.12
CA LEU A 9 7.64 -4.92 -1.27
C LEU A 9 6.56 -3.85 -1.33
N LEU A 10 5.63 -3.92 -0.39
CA LEU A 10 4.55 -2.94 -0.31
C LEU A 10 5.11 -1.53 -0.16
N VAL A 11 5.99 -1.35 0.82
CA VAL A 11 6.58 -0.04 1.07
C VAL A 11 7.43 0.42 -0.12
N GLU A 12 8.00 -0.54 -0.85
CA GLU A 12 8.76 -0.23 -2.05
C GLU A 12 7.84 0.35 -3.12
N GLU A 13 6.70 -0.31 -3.33
CA GLU A 13 5.73 0.11 -4.34
C GLU A 13 5.11 1.45 -3.95
N ILE A 14 4.89 1.65 -2.65
CA ILE A 14 4.37 2.92 -2.16
C ILE A 14 5.39 4.03 -2.38
N HIS A 15 6.67 3.70 -2.32
CA HIS A 15 7.73 4.68 -2.58
C HIS A 15 7.72 5.11 -4.04
N ARG A 16 7.55 4.18 -4.97
CA ARG A 16 7.62 4.50 -6.39
C ARG A 16 6.27 4.98 -6.96
N LEU A 17 5.17 4.36 -6.53
CA LEU A 17 3.83 4.76 -7.00
C LEU A 17 3.27 5.89 -6.17
N GLY A 18 3.83 6.08 -4.99
CA GLY A 18 3.31 7.05 -4.07
C GLY A 18 3.50 8.47 -4.53
N SER A 19 2.46 9.26 -4.35
CA SER A 19 2.52 10.67 -4.64
C SER A 19 2.75 11.43 -3.34
N LYS A 20 3.30 12.63 -3.43
CA LYS A 20 3.52 13.44 -2.25
C LYS A 20 2.24 14.08 -1.78
N ASN A 21 1.91 13.80 -0.53
CA ASN A 21 0.74 14.36 0.11
C ASN A 21 0.99 15.82 0.43
N ALA A 22 0.00 16.49 0.99
CA ALA A 22 0.13 17.90 1.36
C ALA A 22 1.01 18.03 2.59
N ASP A 23 1.22 16.91 3.27
CA ASP A 23 2.04 16.87 4.48
C ASP A 23 3.49 16.51 4.16
N GLY A 24 3.73 16.01 2.95
CA GLY A 24 5.04 15.49 2.63
C GLY A 24 5.11 13.99 2.83
N LYS A 25 3.98 13.39 3.18
CA LYS A 25 3.89 11.94 3.32
C LYS A 25 3.64 11.31 1.96
N LEU A 26 4.12 10.10 1.78
CA LEU A 26 3.86 9.37 0.55
C LEU A 26 2.52 8.67 0.66
N SER A 27 1.71 8.83 -0.37
CA SER A 27 0.40 8.21 -0.39
C SER A 27 0.08 7.73 -1.80
N VAL A 28 -0.57 6.58 -1.89
CA VAL A 28 -0.89 6.02 -3.19
C VAL A 28 -2.35 5.55 -3.21
N LYS A 29 -3.05 5.84 -4.29
CA LYS A 29 -4.42 5.43 -4.44
C LYS A 29 -4.50 3.94 -4.71
N PHE A 30 -5.48 3.29 -4.10
CA PHE A 30 -5.67 1.85 -4.21
C PHE A 30 -5.82 1.44 -5.68
N GLY A 31 -6.54 2.23 -6.45
CA GLY A 31 -6.77 1.91 -7.85
C GLY A 31 -5.48 1.91 -8.65
N VAL A 32 -4.62 2.88 -8.37
CA VAL A 32 -3.35 3.01 -9.08
C VAL A 32 -2.44 1.83 -8.72
N LEU A 33 -2.41 1.50 -7.44
CA LEU A 33 -1.59 0.40 -6.95
C LEU A 33 -2.14 -0.92 -7.48
N PHE A 34 -3.46 -1.09 -7.39
CA PHE A 34 -4.11 -2.32 -7.81
C PHE A 34 -3.90 -2.58 -9.28
N ARG A 35 -3.99 -1.55 -10.11
CA ARG A 35 -3.82 -1.71 -11.55
C ARG A 35 -2.39 -2.11 -11.88
N ASP A 36 -1.43 -1.52 -11.18
CA ASP A 36 -0.02 -1.82 -11.42
C ASP A 36 0.29 -3.23 -10.93
N ASP A 37 -0.24 -3.57 -9.75
CA ASP A 37 -0.06 -4.89 -9.18
C ASP A 37 -0.71 -5.95 -10.03
N LYS A 38 -1.99 -5.78 -10.32
CA LYS A 38 -2.80 -6.84 -10.96
C LYS A 38 -2.19 -7.30 -12.29
N SER A 39 -1.44 -6.43 -12.92
CA SER A 39 -0.81 -6.75 -14.19
C SER A 39 0.26 -7.83 -14.03
N ALA A 40 0.86 -7.90 -12.85
CA ALA A 40 1.90 -8.90 -12.57
C ALA A 40 1.51 -9.81 -11.42
N ASN A 41 0.61 -9.30 -10.59
CA ASN A 41 0.28 -9.85 -9.29
C ASN A 41 1.54 -10.02 -8.46
N LEU A 42 2.03 -8.90 -7.97
CA LEU A 42 3.24 -8.85 -7.19
C LEU A 42 2.95 -9.25 -5.76
N PHE A 43 1.83 -8.73 -5.25
CA PHE A 43 1.38 -9.08 -3.91
C PHE A 43 0.47 -10.29 -3.98
N GLU A 44 0.91 -11.39 -3.38
CA GLU A 44 0.17 -12.63 -3.44
C GLU A 44 -1.13 -12.51 -2.65
N ALA A 45 -1.07 -11.70 -1.60
CA ALA A 45 -2.25 -11.37 -0.84
C ALA A 45 -2.27 -9.88 -0.53
N LEU A 46 -2.76 -9.09 -1.49
CA LEU A 46 -2.74 -7.64 -1.41
C LEU A 46 -3.37 -7.13 -0.12
N VAL A 47 -4.56 -7.64 0.19
CA VAL A 47 -5.27 -7.25 1.41
C VAL A 47 -4.47 -7.64 2.64
N GLY A 48 -3.85 -8.82 2.60
CA GLY A 48 -3.06 -9.30 3.72
C GLY A 48 -1.84 -8.43 3.97
N THR A 49 -1.16 -8.06 2.89
CA THR A 49 0.01 -7.19 2.98
C THR A 49 -0.38 -5.84 3.59
N LEU A 50 -1.52 -5.31 3.18
CA LEU A 50 -2.03 -4.05 3.70
C LEU A 50 -2.29 -4.16 5.20
N LYS A 51 -2.93 -5.26 5.60
CA LYS A 51 -3.23 -5.52 7.00
C LYS A 51 -1.94 -5.54 7.83
N ALA A 52 -0.95 -6.26 7.33
CA ALA A 52 0.33 -6.42 8.03
C ALA A 52 1.00 -5.08 8.30
N ALA A 53 1.05 -4.23 7.28
CA ALA A 53 1.71 -2.94 7.42
C ALA A 53 0.86 -1.96 8.22
N LYS A 54 -0.45 -2.15 8.21
CA LYS A 54 -1.34 -1.34 9.02
C LYS A 54 -1.21 -1.74 10.49
N ARG A 55 -0.98 -3.02 10.72
CA ARG A 55 -0.75 -3.54 12.07
C ARG A 55 0.58 -3.05 12.61
N ARG A 56 1.55 -2.84 11.72
CA ARG A 56 2.85 -2.34 12.12
C ARG A 56 2.89 -0.81 12.10
N LYS A 57 1.72 -0.19 11.88
CA LYS A 57 1.58 1.26 11.86
C LYS A 57 2.46 1.89 10.77
N ILE A 58 2.73 1.11 9.75
CA ILE A 58 3.54 1.57 8.63
C ILE A 58 2.69 2.38 7.68
N VAL A 59 1.53 1.85 7.35
CA VAL A 59 0.60 2.53 6.46
C VAL A 59 -0.82 2.44 7.01
N THR A 60 -1.67 3.36 6.60
CA THR A 60 -3.07 3.26 6.92
C THR A 60 -3.91 3.63 5.71
N TYR A 61 -5.06 3.01 5.60
CA TYR A 61 -5.95 3.25 4.48
C TYR A 61 -7.39 3.23 4.97
N PRO A 62 -8.21 4.18 4.52
CA PRO A 62 -9.63 4.22 4.82
C PRO A 62 -10.35 2.99 4.27
N GLY A 63 -11.28 2.45 5.04
CA GLY A 63 -11.97 1.25 4.65
C GLY A 63 -11.19 -0.01 5.00
N GLU A 64 -11.87 -0.96 5.63
CA GLU A 64 -11.21 -2.20 6.05
C GLU A 64 -11.66 -3.38 5.19
N LEU A 65 -12.66 -3.13 4.34
CA LEU A 65 -13.15 -4.15 3.43
C LEU A 65 -13.50 -3.53 2.09
N LEU A 66 -13.15 -4.22 1.02
CA LEU A 66 -13.43 -3.74 -0.32
C LEU A 66 -13.87 -4.89 -1.21
N LEU A 67 -14.69 -4.58 -2.21
CA LEU A 67 -15.15 -5.58 -3.15
C LEU A 67 -14.40 -5.45 -4.47
N GLN A 68 -14.81 -4.49 -5.28
CA GLN A 68 -14.17 -4.25 -6.57
C GLN A 68 -14.53 -2.84 -7.05
N GLY A 69 -13.50 -2.03 -7.30
CA GLY A 69 -13.72 -0.71 -7.87
C GLY A 69 -14.06 0.35 -6.84
N VAL A 70 -14.93 0.00 -5.89
CA VAL A 70 -15.44 0.95 -4.90
C VAL A 70 -14.32 1.54 -4.01
N HIS A 71 -13.16 0.91 -4.01
CA HIS A 71 -12.05 1.36 -3.16
C HIS A 71 -10.96 2.02 -4.00
N ASP A 72 -11.28 2.29 -5.26
CA ASP A 72 -10.30 2.78 -6.24
C ASP A 72 -9.73 4.15 -5.87
N ASP A 73 -10.58 5.03 -5.36
CA ASP A 73 -10.17 6.41 -5.08
C ASP A 73 -9.69 6.58 -3.66
N VAL A 74 -9.53 5.48 -2.95
CA VAL A 74 -9.06 5.52 -1.58
C VAL A 74 -7.53 5.50 -1.52
N ASP A 75 -6.97 6.50 -0.86
CA ASP A 75 -5.53 6.65 -0.78
C ASP A 75 -4.96 5.93 0.45
N ILE A 76 -3.86 5.23 0.24
CA ILE A 76 -3.13 4.59 1.33
C ILE A 76 -1.99 5.51 1.73
N ILE A 77 -1.98 5.93 2.99
CA ILE A 77 -1.02 6.91 3.47
C ILE A 77 0.09 6.26 4.30
N LEU A 78 1.32 6.62 3.98
CA LEU A 78 2.49 6.11 4.68
C LEU A 78 2.68 6.86 6.01
N LEU A 79 2.55 6.15 7.11
CA LEU A 79 2.72 6.73 8.44
C LEU A 79 4.15 6.53 8.92
N GLN A 80 4.67 5.33 8.69
CA GLN A 80 6.02 4.98 9.08
C GLN A 80 6.80 4.55 7.85
N ASP A 81 7.99 5.09 7.69
CA ASP A 81 8.81 4.75 6.52
C ASP A 81 9.86 3.72 6.89
N LEU A 82 9.74 2.55 6.29
CA LEU A 82 10.63 1.44 6.58
C LEU A 82 11.70 1.31 5.51
N GLU A 83 11.31 1.49 4.26
CA GLU A 83 12.20 1.25 3.14
C GLU A 83 13.27 2.35 3.05
N HIS A 84 14.50 1.94 2.81
CA HIS A 84 15.62 2.85 2.72
C HIS A 84 15.74 3.40 1.30
N HIS A 85 14.93 4.41 1.00
CA HIS A 85 14.97 5.06 -0.30
C HIS A 85 14.05 6.28 -0.27
N MET A 1 5.82 -16.58 -0.60
CA MET A 1 5.51 -17.34 0.64
C MET A 1 5.69 -16.47 1.88
N ASN A 2 6.53 -15.44 1.77
CA ASN A 2 6.83 -14.59 2.92
C ASN A 2 6.07 -13.27 2.82
N VAL A 3 5.09 -13.11 3.69
CA VAL A 3 4.24 -11.92 3.68
C VAL A 3 5.01 -10.70 4.19
N ASP A 4 5.98 -10.94 5.06
CA ASP A 4 6.78 -9.86 5.64
C ASP A 4 7.53 -9.10 4.55
N HIS A 5 8.07 -9.83 3.58
CA HIS A 5 8.76 -9.23 2.46
C HIS A 5 7.79 -8.42 1.62
N GLU A 6 6.54 -8.87 1.55
CA GLU A 6 5.52 -8.17 0.80
C GLU A 6 5.19 -6.84 1.46
N VAL A 7 5.22 -6.82 2.79
CA VAL A 7 4.98 -5.61 3.56
C VAL A 7 6.05 -4.57 3.24
N ASN A 8 7.30 -4.98 3.29
CA ASN A 8 8.41 -4.10 2.97
C ASN A 8 8.39 -3.72 1.50
N LEU A 9 7.99 -4.66 0.65
CA LEU A 9 7.81 -4.38 -0.77
C LEU A 9 6.73 -3.33 -0.96
N LEU A 10 5.67 -3.43 -0.17
CA LEU A 10 4.56 -2.49 -0.20
C LEU A 10 5.05 -1.06 0.04
N VAL A 11 5.98 -0.91 0.98
CA VAL A 11 6.51 0.41 1.30
C VAL A 11 7.34 0.95 0.13
N GLU A 12 8.00 0.05 -0.58
CA GLU A 12 8.77 0.41 -1.75
C GLU A 12 7.84 0.77 -2.91
N GLU A 13 6.74 0.02 -3.03
CA GLU A 13 5.75 0.26 -4.06
C GLU A 13 5.12 1.65 -3.89
N ILE A 14 4.73 1.97 -2.67
CA ILE A 14 4.15 3.28 -2.39
C ILE A 14 5.17 4.39 -2.67
N HIS A 15 6.44 4.09 -2.45
CA HIS A 15 7.50 5.06 -2.71
C HIS A 15 7.67 5.32 -4.21
N ARG A 16 7.57 4.28 -5.03
CA ARG A 16 7.78 4.44 -6.47
C ARG A 16 6.50 4.84 -7.19
N LEU A 17 5.39 4.24 -6.81
CA LEU A 17 4.13 4.43 -7.51
C LEU A 17 3.33 5.58 -6.92
N GLY A 18 3.58 5.87 -5.66
CA GLY A 18 2.86 6.92 -4.99
C GLY A 18 3.57 8.25 -5.12
N SER A 19 3.02 9.25 -4.46
CA SER A 19 3.56 10.60 -4.52
C SER A 19 3.76 11.15 -3.11
N LYS A 20 4.67 12.10 -2.98
CA LYS A 20 4.82 12.81 -1.71
C LYS A 20 3.73 13.83 -1.57
N ASN A 21 3.21 13.89 -0.38
CA ASN A 21 2.14 14.82 -0.06
C ASN A 21 2.73 16.14 0.39
N ALA A 22 1.89 17.17 0.44
CA ALA A 22 2.26 18.42 1.10
C ALA A 22 2.39 18.17 2.60
N ASP A 23 1.87 17.01 2.99
CA ASP A 23 1.95 16.53 4.36
C ASP A 23 3.34 15.94 4.65
N GLY A 24 4.09 15.62 3.59
CA GLY A 24 5.44 15.15 3.76
C GLY A 24 5.55 13.63 3.78
N LYS A 25 4.43 12.93 3.66
CA LYS A 25 4.46 11.48 3.60
C LYS A 25 4.02 11.00 2.23
N LEU A 26 4.24 9.70 1.97
CA LEU A 26 3.87 9.10 0.70
C LEU A 26 2.42 8.66 0.70
N SER A 27 1.75 8.86 -0.43
CA SER A 27 0.40 8.36 -0.60
C SER A 27 0.19 7.91 -2.04
N VAL A 28 -0.63 6.88 -2.22
CA VAL A 28 -0.92 6.34 -3.53
C VAL A 28 -2.37 5.86 -3.59
N LYS A 29 -2.99 5.99 -4.74
CA LYS A 29 -4.37 5.54 -4.90
C LYS A 29 -4.44 4.02 -4.92
N PHE A 30 -5.51 3.50 -4.35
CA PHE A 30 -5.73 2.06 -4.29
C PHE A 30 -5.87 1.49 -5.71
N GLY A 31 -6.60 2.23 -6.55
CA GLY A 31 -6.78 1.81 -7.93
C GLY A 31 -5.47 1.73 -8.69
N VAL A 32 -4.55 2.63 -8.37
CA VAL A 32 -3.25 2.67 -9.04
C VAL A 32 -2.39 1.49 -8.60
N LEU A 33 -2.28 1.30 -7.29
CA LEU A 33 -1.47 0.23 -6.74
C LEU A 33 -2.01 -1.13 -7.20
N PHE A 34 -3.32 -1.28 -7.13
CA PHE A 34 -3.98 -2.52 -7.52
C PHE A 34 -3.81 -2.77 -9.02
N ARG A 35 -3.76 -1.69 -9.80
CA ARG A 35 -3.62 -1.81 -11.25
C ARG A 35 -2.26 -2.40 -11.63
N ASP A 36 -1.20 -1.91 -11.02
CA ASP A 36 0.13 -2.41 -11.32
C ASP A 36 0.31 -3.83 -10.79
N ASP A 37 -0.28 -4.10 -9.63
CA ASP A 37 -0.24 -5.44 -9.05
C ASP A 37 -1.00 -6.41 -9.93
N LYS A 38 -2.11 -5.96 -10.50
CA LYS A 38 -2.88 -6.78 -11.44
C LYS A 38 -2.09 -7.07 -12.71
N SER A 39 -1.02 -6.30 -12.92
CA SER A 39 -0.17 -6.48 -14.08
C SER A 39 0.92 -7.51 -13.80
N ALA A 40 1.59 -7.38 -12.67
CA ALA A 40 2.77 -8.21 -12.38
C ALA A 40 2.47 -9.32 -11.37
N ASN A 41 1.36 -9.21 -10.66
CA ASN A 41 1.03 -10.13 -9.56
C ASN A 41 2.14 -10.10 -8.53
N LEU A 42 2.30 -8.95 -7.91
CA LEU A 42 3.40 -8.69 -6.99
C LEU A 42 3.08 -9.26 -5.62
N PHE A 43 1.90 -8.96 -5.14
CA PHE A 43 1.47 -9.40 -3.82
C PHE A 43 0.57 -10.62 -3.94
N GLU A 44 0.82 -11.64 -3.12
CA GLU A 44 0.03 -12.85 -3.13
C GLU A 44 -1.37 -12.56 -2.57
N ALA A 45 -1.40 -11.80 -1.50
CA ALA A 45 -2.65 -11.34 -0.92
C ALA A 45 -2.52 -9.87 -0.54
N LEU A 46 -2.93 -9.00 -1.46
CA LEU A 46 -2.74 -7.56 -1.31
C LEU A 46 -3.43 -7.03 -0.06
N VAL A 47 -4.64 -7.53 0.21
CA VAL A 47 -5.38 -7.11 1.40
C VAL A 47 -4.60 -7.46 2.66
N GLY A 48 -4.06 -8.67 2.70
CA GLY A 48 -3.27 -9.11 3.83
C GLY A 48 -2.00 -8.30 3.98
N THR A 49 -1.40 -7.93 2.86
CA THR A 49 -0.21 -7.08 2.86
C THR A 49 -0.54 -5.70 3.43
N LEU A 50 -1.64 -5.12 2.96
CA LEU A 50 -2.12 -3.83 3.46
C LEU A 50 -2.40 -3.90 4.96
N LYS A 51 -3.16 -4.93 5.33
CA LYS A 51 -3.57 -5.15 6.71
C LYS A 51 -2.36 -5.33 7.63
N ALA A 52 -1.36 -6.06 7.15
CA ALA A 52 -0.14 -6.29 7.91
C ALA A 52 0.57 -4.97 8.18
N ALA A 53 0.75 -4.18 7.13
CA ALA A 53 1.43 -2.90 7.25
C ALA A 53 0.60 -1.92 8.07
N LYS A 54 -0.72 -2.05 8.00
CA LYS A 54 -1.61 -1.18 8.76
C LYS A 54 -1.39 -1.37 10.26
N ARG A 55 -1.33 -2.62 10.69
CA ARG A 55 -1.12 -2.94 12.11
C ARG A 55 0.31 -2.67 12.55
N ARG A 56 1.23 -2.69 11.59
CA ARG A 56 2.62 -2.42 11.87
C ARG A 56 2.90 -0.92 11.85
N LYS A 57 1.83 -0.13 11.67
CA LYS A 57 1.91 1.33 11.56
C LYS A 57 2.80 1.74 10.39
N ILE A 58 2.83 0.93 9.36
CA ILE A 58 3.54 1.26 8.14
C ILE A 58 2.68 2.15 7.28
N VAL A 59 1.44 1.72 7.07
CA VAL A 59 0.51 2.45 6.24
C VAL A 59 -0.85 2.52 6.92
N THR A 60 -1.75 3.30 6.37
CA THR A 60 -3.10 3.35 6.86
C THR A 60 -4.08 3.47 5.71
N TYR A 61 -5.25 2.90 5.89
CA TYR A 61 -6.32 2.94 4.91
C TYR A 61 -7.61 2.58 5.60
N PRO A 62 -8.76 3.12 5.14
CA PRO A 62 -10.04 2.88 5.80
C PRO A 62 -10.42 1.41 5.80
N GLY A 63 -10.92 0.95 6.94
CA GLY A 63 -11.28 -0.45 7.11
C GLY A 63 -10.18 -1.40 6.69
N GLU A 64 -10.57 -2.63 6.41
CA GLU A 64 -9.67 -3.62 5.83
C GLU A 64 -10.46 -4.49 4.85
N LEU A 65 -11.62 -3.98 4.49
CA LEU A 65 -12.49 -4.63 3.52
C LEU A 65 -13.18 -3.56 2.67
N LEU A 66 -12.69 -3.39 1.47
CA LEU A 66 -13.19 -2.34 0.59
C LEU A 66 -14.21 -2.88 -0.40
N LEU A 67 -15.14 -2.04 -0.79
CA LEU A 67 -16.13 -2.39 -1.79
C LEU A 67 -15.68 -1.89 -3.16
N GLN A 68 -16.29 -2.41 -4.21
CA GLN A 68 -15.96 -2.00 -5.57
C GLN A 68 -16.35 -0.55 -5.81
N GLY A 69 -15.52 0.18 -6.54
CA GLY A 69 -15.82 1.56 -6.89
C GLY A 69 -15.40 2.55 -5.82
N VAL A 70 -15.84 2.31 -4.60
CA VAL A 70 -15.60 3.25 -3.51
C VAL A 70 -14.13 3.29 -3.12
N HIS A 71 -13.41 2.22 -3.40
CA HIS A 71 -12.03 2.09 -2.96
C HIS A 71 -11.07 2.71 -3.97
N ASP A 72 -11.59 3.06 -5.14
CA ASP A 72 -10.74 3.47 -6.25
C ASP A 72 -10.07 4.82 -6.00
N ASP A 73 -10.78 5.73 -5.35
CA ASP A 73 -10.24 7.07 -5.08
C ASP A 73 -9.58 7.12 -3.70
N VAL A 74 -9.42 5.97 -3.08
CA VAL A 74 -8.82 5.89 -1.75
C VAL A 74 -7.32 6.11 -1.83
N ASP A 75 -6.83 7.10 -1.10
CA ASP A 75 -5.40 7.35 -1.01
C ASP A 75 -4.82 6.62 0.19
N ILE A 76 -3.95 5.66 -0.06
CA ILE A 76 -3.31 4.92 1.01
C ILE A 76 -2.07 5.68 1.47
N ILE A 77 -2.03 6.02 2.73
CA ILE A 77 -0.99 6.88 3.26
C ILE A 77 0.06 6.09 4.03
N LEU A 78 1.32 6.33 3.68
CA LEU A 78 2.44 5.72 4.36
C LEU A 78 2.72 6.48 5.66
N LEU A 79 2.49 5.82 6.78
CA LEU A 79 2.65 6.45 8.08
C LEU A 79 4.10 6.37 8.55
N GLN A 80 4.76 5.26 8.23
CA GLN A 80 6.14 5.07 8.59
C GLN A 80 7.00 4.95 7.34
N ASP A 81 8.09 5.69 7.30
CA ASP A 81 8.97 5.63 6.14
C ASP A 81 10.13 4.70 6.41
N LEU A 82 10.08 3.55 5.76
CA LEU A 82 11.12 2.53 5.90
C LEU A 82 11.97 2.45 4.64
N GLU A 83 11.53 3.14 3.61
CA GLU A 83 12.13 2.97 2.30
C GLU A 83 13.21 4.02 2.04
N HIS A 84 14.20 3.66 1.24
CA HIS A 84 15.33 4.54 0.97
C HIS A 84 15.62 4.64 -0.53
N HIS A 85 15.46 3.52 -1.24
CA HIS A 85 15.98 3.38 -2.59
C HIS A 85 17.47 3.70 -2.59
N MET A 1 3.95 -15.39 0.21
CA MET A 1 5.06 -16.29 0.64
C MET A 1 5.60 -15.84 1.99
N ASN A 2 6.55 -14.90 1.96
CA ASN A 2 7.10 -14.33 3.19
C ASN A 2 6.63 -12.89 3.33
N VAL A 3 5.70 -12.67 4.26
CA VAL A 3 5.01 -11.39 4.35
C VAL A 3 5.95 -10.25 4.72
N ASP A 4 6.98 -10.54 5.51
CA ASP A 4 7.95 -9.52 5.91
C ASP A 4 8.61 -8.87 4.70
N HIS A 5 8.86 -9.68 3.68
CA HIS A 5 9.46 -9.18 2.45
C HIS A 5 8.42 -8.43 1.63
N GLU A 6 7.18 -8.89 1.71
CA GLU A 6 6.09 -8.31 0.94
C GLU A 6 5.68 -6.94 1.50
N VAL A 7 5.79 -6.77 2.81
CA VAL A 7 5.48 -5.49 3.44
C VAL A 7 6.50 -4.44 3.02
N ASN A 8 7.78 -4.78 3.08
CA ASN A 8 8.86 -3.89 2.61
C ASN A 8 8.67 -3.59 1.13
N LEU A 9 8.29 -4.61 0.38
CA LEU A 9 8.02 -4.48 -1.04
C LEU A 9 6.90 -3.45 -1.26
N LEU A 10 5.84 -3.59 -0.47
CA LEU A 10 4.72 -2.66 -0.51
C LEU A 10 5.19 -1.23 -0.28
N VAL A 11 6.02 -1.05 0.76
CA VAL A 11 6.58 0.24 1.11
C VAL A 11 7.33 0.86 -0.07
N GLU A 12 8.15 0.06 -0.74
CA GLU A 12 8.93 0.54 -1.87
C GLU A 12 8.04 0.87 -3.06
N GLU A 13 7.00 0.07 -3.28
CA GLU A 13 6.06 0.34 -4.37
C GLU A 13 5.33 1.66 -4.12
N ILE A 14 4.95 1.90 -2.87
CA ILE A 14 4.31 3.15 -2.48
C ILE A 14 5.27 4.32 -2.69
N HIS A 15 6.56 4.07 -2.48
CA HIS A 15 7.58 5.09 -2.68
C HIS A 15 7.59 5.59 -4.11
N ARG A 16 7.56 4.67 -5.08
CA ARG A 16 7.72 5.04 -6.47
C ARG A 16 6.40 5.43 -7.14
N LEU A 17 5.29 4.90 -6.64
CA LEU A 17 4.00 5.12 -7.29
C LEU A 17 3.14 6.12 -6.52
N GLY A 18 3.65 6.60 -5.39
CA GLY A 18 2.86 7.44 -4.55
C GLY A 18 3.26 8.90 -4.61
N SER A 19 2.38 9.76 -4.11
CA SER A 19 2.63 11.19 -4.03
C SER A 19 2.52 11.62 -2.58
N LYS A 20 3.17 12.72 -2.22
CA LYS A 20 3.22 13.15 -0.83
C LYS A 20 1.99 13.97 -0.43
N ASN A 21 1.48 13.64 0.75
CA ASN A 21 0.35 14.36 1.33
C ASN A 21 0.80 15.70 1.89
N ALA A 22 -0.14 16.44 2.47
CA ALA A 22 0.20 17.68 3.16
C ALA A 22 0.94 17.38 4.45
N ASP A 23 0.86 16.13 4.89
CA ASP A 23 1.60 15.67 6.06
C ASP A 23 3.06 15.39 5.68
N GLY A 24 3.29 15.28 4.38
CA GLY A 24 4.64 15.04 3.89
C GLY A 24 4.93 13.56 3.70
N LYS A 25 3.96 12.72 4.04
CA LYS A 25 4.09 11.28 3.87
C LYS A 25 3.55 10.86 2.51
N LEU A 26 4.10 9.79 1.97
CA LEU A 26 3.69 9.28 0.66
C LEU A 26 2.38 8.53 0.73
N SER A 27 1.57 8.71 -0.28
CA SER A 27 0.32 8.00 -0.41
C SER A 27 0.15 7.48 -1.82
N VAL A 28 -0.44 6.32 -1.94
CA VAL A 28 -0.68 5.74 -3.23
C VAL A 28 -2.15 5.34 -3.34
N LYS A 29 -2.73 5.48 -4.52
CA LYS A 29 -4.14 5.18 -4.70
C LYS A 29 -4.38 3.69 -4.78
N PHE A 30 -5.53 3.27 -4.32
CA PHE A 30 -5.90 1.87 -4.31
C PHE A 30 -6.06 1.35 -5.73
N GLY A 31 -6.66 2.15 -6.59
CA GLY A 31 -6.94 1.73 -7.95
C GLY A 31 -5.67 1.47 -8.75
N VAL A 32 -4.72 2.39 -8.67
CA VAL A 32 -3.49 2.29 -9.45
C VAL A 32 -2.65 1.11 -8.96
N LEU A 33 -2.60 0.92 -7.65
CA LEU A 33 -1.83 -0.16 -7.05
C LEU A 33 -2.47 -1.50 -7.40
N PHE A 34 -3.79 -1.58 -7.22
CA PHE A 34 -4.54 -2.82 -7.47
C PHE A 34 -4.39 -3.25 -8.93
N ARG A 35 -4.38 -2.28 -9.83
CA ARG A 35 -4.19 -2.55 -11.25
C ARG A 35 -2.76 -3.00 -11.52
N ASP A 36 -1.80 -2.27 -10.95
CA ASP A 36 -0.40 -2.47 -11.25
C ASP A 36 0.09 -3.84 -10.80
N ASP A 37 -0.35 -4.27 -9.61
CA ASP A 37 0.06 -5.56 -9.08
C ASP A 37 -0.42 -6.70 -9.97
N LYS A 38 -1.61 -6.55 -10.55
CA LYS A 38 -2.21 -7.61 -11.36
C LYS A 38 -1.31 -8.03 -12.52
N SER A 39 -0.34 -7.19 -12.88
CA SER A 39 0.58 -7.50 -13.97
C SER A 39 1.80 -8.29 -13.48
N ALA A 40 2.09 -8.21 -12.18
CA ALA A 40 3.29 -8.84 -11.64
C ALA A 40 2.96 -9.88 -10.57
N ASN A 41 1.83 -9.68 -9.90
CA ASN A 41 1.38 -10.55 -8.82
C ASN A 41 2.43 -10.65 -7.73
N LEU A 42 2.81 -9.48 -7.22
CA LEU A 42 3.78 -9.41 -6.14
C LEU A 42 3.08 -9.67 -4.83
N PHE A 43 1.87 -9.14 -4.71
CA PHE A 43 1.05 -9.32 -3.54
C PHE A 43 -0.07 -10.31 -3.85
N GLU A 44 0.15 -11.56 -3.48
CA GLU A 44 -0.83 -12.63 -3.74
C GLU A 44 -2.14 -12.31 -3.02
N ALA A 45 -2.03 -11.62 -1.90
CA ALA A 45 -3.19 -11.12 -1.19
C ALA A 45 -2.94 -9.67 -0.79
N LEU A 46 -3.24 -8.76 -1.71
CA LEU A 46 -2.97 -7.33 -1.51
C LEU A 46 -3.64 -6.83 -0.23
N VAL A 47 -4.87 -7.25 -0.01
CA VAL A 47 -5.61 -6.84 1.19
C VAL A 47 -4.89 -7.34 2.44
N GLY A 48 -4.31 -8.53 2.35
CA GLY A 48 -3.58 -9.09 3.46
C GLY A 48 -2.30 -8.31 3.73
N THR A 49 -1.54 -8.02 2.69
CA THR A 49 -0.31 -7.26 2.82
C THR A 49 -0.60 -5.85 3.36
N LEU A 50 -1.70 -5.26 2.89
CA LEU A 50 -2.14 -3.96 3.38
C LEU A 50 -2.44 -4.01 4.88
N LYS A 51 -3.20 -5.03 5.28
CA LYS A 51 -3.53 -5.22 6.69
C LYS A 51 -2.29 -5.48 7.52
N ALA A 52 -1.37 -6.25 6.95
CA ALA A 52 -0.10 -6.54 7.61
C ALA A 52 0.63 -5.26 7.99
N ALA A 53 0.80 -4.39 7.01
CA ALA A 53 1.50 -3.13 7.22
C ALA A 53 0.65 -2.16 8.03
N LYS A 54 -0.67 -2.23 7.87
CA LYS A 54 -1.59 -1.39 8.63
C LYS A 54 -1.52 -1.74 10.12
N ARG A 55 -1.43 -3.03 10.41
CA ARG A 55 -1.32 -3.53 11.78
C ARG A 55 0.08 -3.26 12.35
N ARG A 56 1.05 -3.10 11.48
CA ARG A 56 2.40 -2.75 11.90
C ARG A 56 2.58 -1.24 11.94
N LYS A 57 1.50 -0.52 11.62
CA LYS A 57 1.50 0.94 11.63
C LYS A 57 2.48 1.50 10.62
N ILE A 58 2.73 0.71 9.58
CA ILE A 58 3.62 1.11 8.51
C ILE A 58 2.85 1.90 7.46
N VAL A 59 1.61 1.48 7.23
CA VAL A 59 0.72 2.19 6.31
C VAL A 59 -0.65 2.31 6.93
N THR A 60 -1.49 3.14 6.35
CA THR A 60 -2.87 3.22 6.75
C THR A 60 -3.72 3.76 5.60
N TYR A 61 -4.98 3.39 5.61
CA TYR A 61 -5.91 3.83 4.58
C TYR A 61 -7.33 3.71 5.12
N PRO A 62 -8.23 4.62 4.74
CA PRO A 62 -9.61 4.60 5.20
C PRO A 62 -10.35 3.34 4.74
N GLY A 63 -11.15 2.77 5.63
CA GLY A 63 -11.87 1.57 5.31
C GLY A 63 -11.18 0.34 5.86
N GLU A 64 -11.96 -0.67 6.21
CA GLU A 64 -11.42 -1.91 6.74
C GLU A 64 -11.89 -3.08 5.88
N LEU A 65 -13.10 -2.97 5.37
CA LEU A 65 -13.66 -3.99 4.49
C LEU A 65 -13.82 -3.44 3.08
N LEU A 66 -13.61 -4.30 2.10
CA LEU A 66 -13.74 -3.93 0.70
C LEU A 66 -13.80 -5.19 -0.15
N LEU A 67 -14.25 -5.03 -1.39
CA LEU A 67 -14.31 -6.17 -2.31
C LEU A 67 -14.07 -5.69 -3.74
N GLN A 68 -14.89 -4.74 -4.19
CA GLN A 68 -14.74 -4.22 -5.54
C GLN A 68 -14.04 -2.87 -5.53
N GLY A 69 -13.63 -2.42 -6.71
CA GLY A 69 -12.92 -1.17 -6.84
C GLY A 69 -13.84 0.03 -6.75
N VAL A 70 -14.41 0.24 -5.58
CA VAL A 70 -15.18 1.45 -5.29
C VAL A 70 -14.29 2.45 -4.54
N HIS A 71 -13.17 1.96 -4.04
CA HIS A 71 -12.30 2.73 -3.16
C HIS A 71 -10.99 3.10 -3.84
N ASP A 72 -10.98 3.07 -5.16
CA ASP A 72 -9.80 3.43 -5.95
C ASP A 72 -9.20 4.76 -5.50
N ASP A 73 -10.05 5.66 -5.02
CA ASP A 73 -9.64 7.00 -4.61
C ASP A 73 -9.14 7.03 -3.16
N VAL A 74 -9.15 5.88 -2.52
CA VAL A 74 -8.59 5.76 -1.19
C VAL A 74 -7.07 5.77 -1.26
N ASP A 75 -6.49 6.74 -0.58
CA ASP A 75 -5.04 6.89 -0.56
C ASP A 75 -4.44 6.09 0.58
N ILE A 76 -3.57 5.16 0.23
CA ILE A 76 -2.85 4.38 1.21
C ILE A 76 -1.61 5.17 1.62
N ILE A 77 -1.63 5.67 2.84
CA ILE A 77 -0.59 6.56 3.31
C ILE A 77 0.47 5.78 4.08
N LEU A 78 1.72 5.98 3.69
CA LEU A 78 2.85 5.35 4.35
C LEU A 78 3.19 6.13 5.61
N LEU A 79 2.94 5.51 6.75
CA LEU A 79 3.15 6.16 8.04
C LEU A 79 4.57 5.95 8.52
N GLN A 80 5.13 4.80 8.20
CA GLN A 80 6.48 4.47 8.62
C GLN A 80 7.29 3.96 7.44
N ASP A 81 8.49 4.48 7.29
CA ASP A 81 9.39 4.02 6.25
C ASP A 81 10.39 3.04 6.84
N LEU A 82 10.12 1.75 6.69
CA LEU A 82 11.04 0.73 7.17
C LEU A 82 12.37 0.89 6.44
N GLU A 83 12.31 0.83 5.13
CA GLU A 83 13.43 1.22 4.31
C GLU A 83 13.38 2.73 4.12
N HIS A 84 13.98 3.45 5.04
CA HIS A 84 13.80 4.89 5.13
C HIS A 84 14.74 5.63 4.17
N HIS A 85 14.36 5.63 2.90
CA HIS A 85 15.08 6.38 1.87
C HIS A 85 14.13 6.68 0.72
N MET A 1 4.14 -14.81 0.19
CA MET A 1 4.97 -15.88 0.79
C MET A 1 5.56 -15.42 2.12
N ASN A 2 6.67 -14.68 2.08
CA ASN A 2 7.27 -14.17 3.31
C ASN A 2 6.83 -12.72 3.51
N VAL A 3 5.93 -12.52 4.44
CA VAL A 3 5.21 -11.26 4.55
C VAL A 3 6.11 -10.09 4.94
N ASP A 4 7.11 -10.35 5.78
CA ASP A 4 7.98 -9.28 6.27
C ASP A 4 8.63 -8.54 5.12
N HIS A 5 9.10 -9.26 4.12
CA HIS A 5 9.73 -8.64 2.98
C HIS A 5 8.68 -8.09 2.01
N GLU A 6 7.51 -8.73 1.98
CA GLU A 6 6.44 -8.31 1.08
C GLU A 6 5.84 -6.99 1.55
N VAL A 7 5.88 -6.75 2.85
CA VAL A 7 5.49 -5.45 3.40
C VAL A 7 6.50 -4.39 2.98
N ASN A 8 7.79 -4.74 3.03
CA ASN A 8 8.85 -3.86 2.52
C ASN A 8 8.66 -3.61 1.03
N LEU A 9 8.22 -4.64 0.33
CA LEU A 9 7.90 -4.52 -1.09
C LEU A 9 6.73 -3.56 -1.28
N LEU A 10 5.74 -3.69 -0.41
CA LEU A 10 4.59 -2.82 -0.41
C LEU A 10 5.00 -1.36 -0.28
N VAL A 11 5.84 -1.08 0.71
CA VAL A 11 6.30 0.29 0.94
C VAL A 11 7.19 0.75 -0.22
N GLU A 12 7.89 -0.18 -0.85
CA GLU A 12 8.76 0.14 -1.97
C GLU A 12 7.93 0.60 -3.16
N GLU A 13 6.86 -0.11 -3.43
CA GLU A 13 5.94 0.26 -4.50
C GLU A 13 5.34 1.64 -4.21
N ILE A 14 5.02 1.88 -2.95
CA ILE A 14 4.51 3.18 -2.53
C ILE A 14 5.58 4.26 -2.69
N HIS A 15 6.84 3.89 -2.47
CA HIS A 15 7.96 4.83 -2.65
C HIS A 15 7.94 5.41 -4.06
N ARG A 16 7.79 4.55 -5.06
CA ARG A 16 7.86 4.97 -6.45
C ARG A 16 6.52 5.44 -6.99
N LEU A 17 5.46 4.69 -6.71
CA LEU A 17 4.14 4.98 -7.28
C LEU A 17 3.45 6.10 -6.53
N GLY A 18 3.75 6.23 -5.25
CA GLY A 18 3.07 7.20 -4.43
C GLY A 18 3.77 8.54 -4.44
N SER A 19 3.05 9.56 -4.03
CA SER A 19 3.59 10.91 -3.96
C SER A 19 3.55 11.41 -2.53
N LYS A 20 4.42 12.35 -2.20
CA LYS A 20 4.42 12.95 -0.88
C LYS A 20 3.36 14.01 -0.79
N ASN A 21 2.49 13.87 0.19
CA ASN A 21 1.43 14.83 0.45
C ASN A 21 2.00 16.03 1.18
N ALA A 22 1.17 17.04 1.40
CA ALA A 22 1.55 18.19 2.22
C ALA A 22 1.71 17.76 3.67
N ASP A 23 1.30 16.52 3.94
CA ASP A 23 1.42 15.90 5.25
C ASP A 23 2.83 15.28 5.40
N GLY A 24 3.63 15.42 4.35
CA GLY A 24 5.00 14.96 4.38
C GLY A 24 5.11 13.45 4.35
N LYS A 25 4.11 12.79 3.79
CA LYS A 25 4.09 11.33 3.74
C LYS A 25 3.65 10.85 2.37
N LEU A 26 4.15 9.68 1.99
CA LEU A 26 3.80 9.07 0.70
C LEU A 26 2.43 8.48 0.73
N SER A 27 1.67 8.70 -0.32
CA SER A 27 0.37 8.09 -0.46
C SER A 27 0.09 7.74 -1.91
N VAL A 28 -0.65 6.67 -2.12
CA VAL A 28 -0.98 6.21 -3.45
C VAL A 28 -2.35 5.54 -3.42
N LYS A 29 -3.18 5.83 -4.41
CA LYS A 29 -4.52 5.29 -4.43
C LYS A 29 -4.52 3.79 -4.71
N PHE A 30 -5.43 3.09 -4.06
CA PHE A 30 -5.57 1.66 -4.20
C PHE A 30 -5.76 1.28 -5.66
N GLY A 31 -6.58 2.06 -6.37
CA GLY A 31 -6.86 1.77 -7.77
C GLY A 31 -5.62 1.80 -8.64
N VAL A 32 -4.64 2.62 -8.28
CA VAL A 32 -3.41 2.74 -9.06
C VAL A 32 -2.53 1.52 -8.84
N LEU A 33 -2.28 1.19 -7.58
CA LEU A 33 -1.45 0.06 -7.22
C LEU A 33 -2.11 -1.25 -7.65
N PHE A 34 -3.42 -1.34 -7.45
CA PHE A 34 -4.19 -2.53 -7.80
C PHE A 34 -4.04 -2.88 -9.28
N ARG A 35 -4.00 -1.85 -10.11
CA ARG A 35 -3.85 -2.02 -11.55
C ARG A 35 -2.54 -2.73 -11.88
N ASP A 36 -1.45 -2.22 -11.34
CA ASP A 36 -0.12 -2.79 -11.61
C ASP A 36 0.01 -4.16 -10.96
N ASP A 37 -0.49 -4.28 -9.74
CA ASP A 37 -0.44 -5.54 -8.99
C ASP A 37 -1.21 -6.63 -9.71
N LYS A 38 -2.37 -6.31 -10.24
CA LYS A 38 -3.19 -7.31 -10.91
C LYS A 38 -2.56 -7.76 -12.23
N SER A 39 -1.66 -6.95 -12.76
CA SER A 39 -0.96 -7.32 -13.97
C SER A 39 0.30 -8.12 -13.65
N ALA A 40 1.08 -7.64 -12.69
CA ALA A 40 2.37 -8.24 -12.38
C ALA A 40 2.26 -9.36 -11.35
N ASN A 41 1.19 -9.32 -10.56
CA ASN A 41 1.03 -10.21 -9.41
C ASN A 41 2.16 -10.01 -8.41
N LEU A 42 2.22 -8.80 -7.89
CA LEU A 42 3.25 -8.45 -6.92
C LEU A 42 2.86 -8.95 -5.55
N PHE A 43 1.62 -8.68 -5.17
CA PHE A 43 1.10 -9.12 -3.90
C PHE A 43 0.01 -10.13 -4.13
N GLU A 44 0.32 -11.41 -3.91
CA GLU A 44 -0.63 -12.49 -4.10
C GLU A 44 -1.91 -12.22 -3.31
N ALA A 45 -1.75 -11.77 -2.08
CA ALA A 45 -2.87 -11.31 -1.28
C ALA A 45 -2.65 -9.86 -0.88
N LEU A 46 -3.04 -8.95 -1.77
CA LEU A 46 -2.82 -7.52 -1.58
C LEU A 46 -3.44 -7.04 -0.27
N VAL A 47 -4.65 -7.52 0.01
CA VAL A 47 -5.33 -7.15 1.24
C VAL A 47 -4.54 -7.59 2.47
N GLY A 48 -3.95 -8.79 2.40
CA GLY A 48 -3.19 -9.30 3.52
C GLY A 48 -1.94 -8.49 3.80
N THR A 49 -1.23 -8.13 2.73
CA THR A 49 -0.05 -7.30 2.84
C THR A 49 -0.39 -5.95 3.46
N LEU A 50 -1.53 -5.40 3.06
CA LEU A 50 -2.00 -4.13 3.60
C LEU A 50 -2.39 -4.27 5.06
N LYS A 51 -3.08 -5.35 5.39
CA LYS A 51 -3.48 -5.63 6.76
C LYS A 51 -2.26 -5.69 7.69
N ALA A 52 -1.24 -6.40 7.22
CA ALA A 52 0.00 -6.53 7.98
C ALA A 52 0.61 -5.16 8.24
N ALA A 53 0.77 -4.37 7.18
CA ALA A 53 1.40 -3.07 7.28
C ALA A 53 0.55 -2.09 8.07
N LYS A 54 -0.77 -2.17 7.91
CA LYS A 54 -1.70 -1.29 8.62
C LYS A 54 -1.60 -1.52 10.12
N ARG A 55 -1.61 -2.79 10.53
CA ARG A 55 -1.56 -3.13 11.94
C ARG A 55 -0.14 -3.02 12.49
N ARG A 56 0.84 -3.03 11.60
CA ARG A 56 2.22 -2.78 11.96
C ARG A 56 2.48 -1.26 11.98
N LYS A 57 1.41 -0.52 11.66
CA LYS A 57 1.41 0.95 11.68
C LYS A 57 2.38 1.52 10.66
N ILE A 58 2.61 0.78 9.61
CA ILE A 58 3.46 1.22 8.52
C ILE A 58 2.64 2.03 7.52
N VAL A 59 1.43 1.57 7.24
CA VAL A 59 0.53 2.26 6.34
C VAL A 59 -0.84 2.40 6.96
N THR A 60 -1.67 3.23 6.36
CA THR A 60 -3.04 3.37 6.77
C THR A 60 -3.89 3.75 5.57
N TYR A 61 -5.16 3.38 5.62
CA TYR A 61 -6.09 3.71 4.56
C TYR A 61 -7.51 3.66 5.11
N PRO A 62 -8.42 4.47 4.54
CA PRO A 62 -9.81 4.53 4.98
C PRO A 62 -10.52 3.19 4.78
N GLY A 63 -11.33 2.82 5.75
CA GLY A 63 -12.00 1.54 5.73
C GLY A 63 -11.02 0.39 5.87
N GLU A 64 -11.40 -0.76 5.35
CA GLU A 64 -10.54 -1.95 5.38
C GLU A 64 -11.06 -2.99 4.39
N LEU A 65 -12.38 -3.14 4.34
CA LEU A 65 -13.02 -4.05 3.40
C LEU A 65 -13.42 -3.28 2.15
N LEU A 66 -12.56 -3.33 1.15
CA LEU A 66 -12.76 -2.54 -0.06
C LEU A 66 -13.20 -3.41 -1.23
N LEU A 67 -14.32 -3.02 -1.85
CA LEU A 67 -14.82 -3.72 -3.02
C LEU A 67 -14.07 -3.26 -4.28
N GLN A 68 -14.53 -3.69 -5.44
CA GLN A 68 -13.80 -3.45 -6.68
C GLN A 68 -13.81 -1.97 -7.07
N GLY A 69 -14.97 -1.45 -7.42
CA GLY A 69 -15.05 -0.12 -8.00
C GLY A 69 -15.03 1.00 -6.98
N VAL A 70 -15.14 0.66 -5.71
CA VAL A 70 -15.23 1.68 -4.67
C VAL A 70 -13.86 2.03 -4.11
N HIS A 71 -12.88 1.16 -4.32
CA HIS A 71 -11.58 1.32 -3.66
C HIS A 71 -10.66 2.31 -4.39
N ASP A 72 -11.16 2.94 -5.45
CA ASP A 72 -10.33 3.84 -6.24
C ASP A 72 -10.03 5.12 -5.49
N ASP A 73 -10.96 5.54 -4.65
CA ASP A 73 -10.83 6.77 -3.90
C ASP A 73 -10.09 6.54 -2.60
N VAL A 74 -9.54 5.34 -2.45
CA VAL A 74 -8.80 4.99 -1.26
C VAL A 74 -7.33 5.32 -1.43
N ASP A 75 -6.84 6.26 -0.64
CA ASP A 75 -5.43 6.63 -0.68
C ASP A 75 -4.69 5.88 0.42
N ILE A 76 -3.72 5.06 0.02
CA ILE A 76 -2.95 4.30 0.98
C ILE A 76 -1.79 5.15 1.46
N ILE A 77 -1.88 5.59 2.70
CA ILE A 77 -0.95 6.57 3.24
C ILE A 77 0.13 5.89 4.09
N LEU A 78 1.38 6.15 3.74
CA LEU A 78 2.51 5.58 4.44
C LEU A 78 2.79 6.37 5.72
N LEU A 79 2.65 5.71 6.86
CA LEU A 79 2.88 6.34 8.15
C LEU A 79 4.31 6.11 8.61
N GLN A 80 4.80 4.91 8.37
CA GLN A 80 6.14 4.53 8.78
C GLN A 80 6.93 4.08 7.57
N ASP A 81 8.13 4.61 7.42
CA ASP A 81 8.97 4.26 6.29
C ASP A 81 10.23 3.58 6.79
N LEU A 82 10.21 2.25 6.80
CA LEU A 82 11.31 1.46 7.33
C LEU A 82 12.61 1.75 6.59
N GLU A 83 12.64 1.38 5.32
CA GLU A 83 13.79 1.64 4.50
C GLU A 83 13.64 3.02 3.86
N HIS A 84 14.01 4.04 4.62
CA HIS A 84 13.72 5.41 4.28
C HIS A 84 14.77 5.99 3.34
N HIS A 85 14.38 6.16 2.08
CA HIS A 85 15.26 6.78 1.10
C HIS A 85 14.78 8.20 0.82
N MET A 1 5.31 -14.12 -1.34
CA MET A 1 6.01 -15.25 -0.69
C MET A 1 5.86 -15.18 0.83
N ASN A 2 6.76 -14.47 1.49
CA ASN A 2 6.72 -14.37 2.94
C ASN A 2 6.28 -12.98 3.36
N VAL A 3 5.37 -12.92 4.32
CA VAL A 3 4.65 -11.68 4.66
C VAL A 3 5.60 -10.51 4.98
N ASP A 4 6.73 -10.80 5.61
CA ASP A 4 7.67 -9.74 6.01
C ASP A 4 8.21 -9.01 4.79
N HIS A 5 8.46 -9.75 3.71
CA HIS A 5 8.95 -9.16 2.47
C HIS A 5 7.81 -8.51 1.70
N GLU A 6 6.61 -9.08 1.80
CA GLU A 6 5.43 -8.53 1.14
C GLU A 6 5.20 -7.09 1.61
N VAL A 7 5.30 -6.89 2.92
CA VAL A 7 5.08 -5.59 3.53
C VAL A 7 6.10 -4.56 3.04
N ASN A 8 7.37 -4.97 2.99
CA ASN A 8 8.43 -4.08 2.54
C ASN A 8 8.27 -3.77 1.05
N LEU A 9 7.75 -4.74 0.31
CA LEU A 9 7.45 -4.55 -1.10
C LEU A 9 6.35 -3.50 -1.25
N LEU A 10 5.39 -3.53 -0.32
CA LEU A 10 4.31 -2.57 -0.28
C LEU A 10 4.85 -1.15 -0.17
N VAL A 11 5.81 -0.96 0.73
CA VAL A 11 6.39 0.36 0.94
C VAL A 11 7.18 0.79 -0.30
N GLU A 12 7.81 -0.19 -0.97
CA GLU A 12 8.57 0.08 -2.18
C GLU A 12 7.67 0.56 -3.31
N GLU A 13 6.48 -0.03 -3.40
CA GLU A 13 5.50 0.38 -4.38
C GLU A 13 5.02 1.80 -4.10
N ILE A 14 4.75 2.07 -2.83
CA ILE A 14 4.35 3.41 -2.41
C ILE A 14 5.48 4.41 -2.69
N HIS A 15 6.72 3.96 -2.56
CA HIS A 15 7.87 4.80 -2.87
C HIS A 15 7.81 5.32 -4.30
N ARG A 16 7.65 4.39 -5.26
CA ARG A 16 7.74 4.74 -6.68
C ARG A 16 6.42 5.24 -7.26
N LEU A 17 5.32 4.57 -6.94
CA LEU A 17 4.02 4.90 -7.52
C LEU A 17 3.31 5.98 -6.71
N GLY A 18 3.80 6.25 -5.52
CA GLY A 18 3.14 7.19 -4.65
C GLY A 18 3.61 8.62 -4.84
N SER A 19 2.87 9.53 -4.26
CA SER A 19 3.20 10.95 -4.29
C SER A 19 3.25 11.48 -2.87
N LYS A 20 3.92 12.61 -2.68
CA LYS A 20 4.06 13.17 -1.34
C LYS A 20 2.77 13.81 -0.89
N ASN A 21 2.36 13.41 0.29
CA ASN A 21 1.17 13.93 0.93
C ASN A 21 1.55 15.18 1.73
N ALA A 22 0.54 15.89 2.20
CA ALA A 22 0.74 17.19 2.85
C ALA A 22 1.70 17.12 4.04
N ASP A 23 1.70 15.99 4.74
CA ASP A 23 2.50 15.85 5.95
C ASP A 23 3.92 15.35 5.63
N GLY A 24 4.24 15.24 4.35
CA GLY A 24 5.54 14.70 3.97
C GLY A 24 5.52 13.18 3.96
N LYS A 25 4.31 12.64 3.87
CA LYS A 25 4.12 11.20 3.80
C LYS A 25 4.02 10.77 2.35
N LEU A 26 4.15 9.48 2.09
CA LEU A 26 4.00 8.96 0.74
C LEU A 26 2.65 8.30 0.60
N SER A 27 1.84 8.80 -0.34
CA SER A 27 0.49 8.29 -0.49
C SER A 27 0.24 7.84 -1.92
N VAL A 28 -0.52 6.78 -2.05
CA VAL A 28 -0.90 6.26 -3.36
C VAL A 28 -2.30 5.65 -3.31
N LYS A 29 -3.08 5.88 -4.35
CA LYS A 29 -4.45 5.37 -4.40
C LYS A 29 -4.47 3.85 -4.57
N PHE A 30 -5.49 3.24 -3.98
CA PHE A 30 -5.68 1.79 -4.07
C PHE A 30 -5.82 1.34 -5.52
N GLY A 31 -6.55 2.12 -6.31
CA GLY A 31 -6.84 1.74 -7.68
C GLY A 31 -5.58 1.64 -8.53
N VAL A 32 -4.69 2.61 -8.39
CA VAL A 32 -3.45 2.64 -9.16
C VAL A 32 -2.56 1.47 -8.76
N LEU A 33 -2.46 1.23 -7.46
CA LEU A 33 -1.66 0.14 -6.94
C LEU A 33 -2.24 -1.20 -7.39
N PHE A 34 -3.56 -1.33 -7.28
CA PHE A 34 -4.27 -2.54 -7.68
C PHE A 34 -4.03 -2.81 -9.17
N ARG A 35 -4.07 -1.75 -9.97
CA ARG A 35 -3.85 -1.84 -11.41
C ARG A 35 -2.50 -2.49 -11.72
N ASP A 36 -1.44 -2.03 -11.08
CA ASP A 36 -0.10 -2.55 -11.36
C ASP A 36 0.04 -3.98 -10.83
N ASP A 37 -0.42 -4.21 -9.61
CA ASP A 37 -0.32 -5.53 -8.98
C ASP A 37 -1.07 -6.58 -9.79
N LYS A 38 -2.16 -6.18 -10.43
CA LYS A 38 -2.91 -7.12 -11.26
C LYS A 38 -2.18 -7.38 -12.58
N SER A 39 -1.26 -6.49 -12.93
CA SER A 39 -0.48 -6.63 -14.16
C SER A 39 0.78 -7.46 -13.91
N ALA A 40 1.50 -7.13 -12.84
CA ALA A 40 2.79 -7.76 -12.55
C ALA A 40 2.65 -8.91 -11.57
N ASN A 41 1.56 -8.90 -10.80
CA ASN A 41 1.38 -9.82 -9.68
C ASN A 41 2.54 -9.69 -8.71
N LEU A 42 2.58 -8.54 -8.06
CA LEU A 42 3.67 -8.22 -7.15
C LEU A 42 3.46 -8.87 -5.79
N PHE A 43 2.25 -8.70 -5.27
CA PHE A 43 1.92 -9.19 -3.95
C PHE A 43 1.21 -10.53 -4.05
N GLU A 44 1.78 -11.55 -3.41
CA GLU A 44 1.16 -12.86 -3.39
C GLU A 44 -0.07 -12.81 -2.50
N ALA A 45 0.00 -11.99 -1.47
CA ALA A 45 -1.14 -11.73 -0.62
C ALA A 45 -1.39 -10.22 -0.56
N LEU A 46 -2.11 -9.71 -1.55
CA LEU A 46 -2.34 -8.27 -1.69
C LEU A 46 -3.03 -7.70 -0.46
N VAL A 47 -4.20 -8.23 -0.13
CA VAL A 47 -4.96 -7.72 1.00
C VAL A 47 -4.25 -8.01 2.31
N GLY A 48 -3.56 -9.14 2.37
CA GLY A 48 -2.82 -9.49 3.57
C GLY A 48 -1.72 -8.51 3.85
N THR A 49 -1.02 -8.09 2.80
CA THR A 49 0.03 -7.09 2.91
C THR A 49 -0.53 -5.79 3.48
N LEU A 50 -1.70 -5.39 2.99
CA LEU A 50 -2.37 -4.17 3.46
C LEU A 50 -2.77 -4.30 4.92
N LYS A 51 -3.44 -5.40 5.24
CA LYS A 51 -3.90 -5.66 6.61
C LYS A 51 -2.71 -5.75 7.57
N ALA A 52 -1.61 -6.32 7.08
CA ALA A 52 -0.39 -6.45 7.87
C ALA A 52 0.21 -5.08 8.18
N ALA A 53 0.45 -4.31 7.13
CA ALA A 53 1.12 -3.04 7.25
C ALA A 53 0.27 -2.02 8.00
N LYS A 54 -1.03 -2.06 7.80
CA LYS A 54 -1.93 -1.13 8.48
C LYS A 54 -1.90 -1.37 9.99
N ARG A 55 -1.95 -2.63 10.40
CA ARG A 55 -1.94 -2.97 11.81
C ARG A 55 -0.56 -2.73 12.41
N ARG A 56 0.46 -2.76 11.56
CA ARG A 56 1.83 -2.48 11.99
C ARG A 56 2.10 -0.98 12.01
N LYS A 57 1.09 -0.21 11.60
CA LYS A 57 1.22 1.23 11.44
C LYS A 57 2.34 1.58 10.45
N ILE A 58 2.57 0.67 9.50
CA ILE A 58 3.49 0.93 8.40
C ILE A 58 2.79 1.88 7.43
N VAL A 59 1.53 1.57 7.19
CA VAL A 59 0.68 2.38 6.32
C VAL A 59 -0.69 2.52 6.97
N THR A 60 -1.49 3.44 6.46
CA THR A 60 -2.84 3.60 6.95
C THR A 60 -3.78 3.98 5.80
N TYR A 61 -5.02 3.56 5.92
CA TYR A 61 -6.04 3.87 4.94
C TYR A 61 -7.42 3.74 5.58
N PRO A 62 -8.36 4.60 5.20
CA PRO A 62 -9.73 4.54 5.73
C PRO A 62 -10.41 3.22 5.38
N GLY A 63 -11.16 2.68 6.33
CA GLY A 63 -11.77 1.39 6.12
C GLY A 63 -10.76 0.27 6.22
N GLU A 64 -11.21 -0.94 5.94
CA GLU A 64 -10.30 -2.09 5.94
C GLU A 64 -10.91 -3.20 5.11
N LEU A 65 -11.81 -2.81 4.23
CA LEU A 65 -12.51 -3.73 3.36
C LEU A 65 -12.86 -3.02 2.07
N LEU A 66 -12.90 -3.77 0.98
CA LEU A 66 -13.26 -3.20 -0.31
C LEU A 66 -14.01 -4.21 -1.16
N LEU A 67 -14.84 -3.71 -2.05
CA LEU A 67 -15.59 -4.55 -2.95
C LEU A 67 -14.78 -4.82 -4.21
N GLN A 68 -14.35 -3.74 -4.85
CA GLN A 68 -13.59 -3.81 -6.09
C GLN A 68 -12.76 -2.54 -6.27
N GLY A 69 -12.45 -2.19 -7.52
CA GLY A 69 -11.64 -1.02 -7.82
C GLY A 69 -12.33 0.29 -7.47
N VAL A 70 -13.54 0.20 -6.94
CA VAL A 70 -14.29 1.38 -6.51
C VAL A 70 -13.62 2.06 -5.32
N HIS A 71 -12.64 1.38 -4.74
CA HIS A 71 -11.90 1.92 -3.60
C HIS A 71 -10.69 2.71 -4.08
N ASP A 72 -10.68 3.02 -5.39
CA ASP A 72 -9.61 3.80 -6.00
C ASP A 72 -9.59 5.23 -5.46
N ASP A 73 -10.71 5.66 -4.91
CA ASP A 73 -10.85 7.04 -4.45
C ASP A 73 -10.28 7.20 -3.05
N VAL A 74 -9.69 6.12 -2.55
CA VAL A 74 -9.07 6.11 -1.25
C VAL A 74 -7.55 5.96 -1.37
N ASP A 75 -6.83 6.89 -0.77
CA ASP A 75 -5.38 6.88 -0.80
C ASP A 75 -4.82 6.12 0.39
N ILE A 76 -3.83 5.29 0.13
CA ILE A 76 -3.13 4.57 1.19
C ILE A 76 -1.86 5.34 1.54
N ILE A 77 -1.74 5.74 2.79
CA ILE A 77 -0.64 6.61 3.21
C ILE A 77 0.42 5.84 3.98
N LEU A 78 1.67 6.02 3.57
CA LEU A 78 2.82 5.41 4.23
C LEU A 78 3.18 6.21 5.47
N LEU A 79 3.29 5.52 6.60
CA LEU A 79 3.61 6.14 7.87
C LEU A 79 5.05 5.83 8.29
N GLN A 80 5.44 4.58 8.08
CA GLN A 80 6.79 4.15 8.42
C GLN A 80 7.58 3.85 7.16
N ASP A 81 8.80 4.36 7.09
CA ASP A 81 9.68 4.06 5.96
C ASP A 81 10.72 3.05 6.40
N LEU A 82 10.39 1.77 6.23
CA LEU A 82 11.23 0.68 6.70
C LEU A 82 12.61 0.71 6.05
N GLU A 83 12.61 0.88 4.74
CA GLU A 83 13.86 0.93 4.00
C GLU A 83 13.77 1.94 2.87
N HIS A 84 14.50 3.03 3.02
CA HIS A 84 14.48 4.12 2.05
C HIS A 84 15.19 3.70 0.76
N HIS A 85 14.61 4.10 -0.36
CA HIS A 85 15.22 3.82 -1.65
C HIS A 85 16.00 5.03 -2.12
N MET A 1 6.89 -14.54 -0.34
CA MET A 1 7.98 -15.01 0.54
C MET A 1 7.48 -14.95 1.98
N ASN A 2 8.38 -14.68 2.92
CA ASN A 2 7.95 -14.34 4.27
C ASN A 2 7.31 -12.96 4.24
N VAL A 3 6.19 -12.81 4.93
CA VAL A 3 5.32 -11.63 4.78
C VAL A 3 6.08 -10.30 4.90
N ASP A 4 7.17 -10.31 5.66
CA ASP A 4 8.00 -9.12 5.84
C ASP A 4 8.55 -8.62 4.49
N HIS A 5 8.69 -9.52 3.52
CA HIS A 5 9.24 -9.15 2.23
C HIS A 5 8.17 -8.49 1.39
N GLU A 6 6.95 -8.97 1.55
CA GLU A 6 5.81 -8.42 0.85
C GLU A 6 5.43 -7.07 1.43
N VAL A 7 5.55 -6.94 2.75
CA VAL A 7 5.33 -5.67 3.42
C VAL A 7 6.38 -4.65 2.96
N ASN A 8 7.63 -5.09 2.90
CA ASN A 8 8.72 -4.25 2.40
C ASN A 8 8.49 -3.90 0.93
N LEU A 9 7.89 -4.84 0.20
CA LEU A 9 7.56 -4.62 -1.19
C LEU A 9 6.44 -3.59 -1.31
N LEU A 10 5.44 -3.71 -0.45
CA LEU A 10 4.34 -2.77 -0.40
C LEU A 10 4.87 -1.35 -0.19
N VAL A 11 5.82 -1.23 0.73
CA VAL A 11 6.48 0.03 1.00
C VAL A 11 7.21 0.56 -0.24
N GLU A 12 7.78 -0.36 -1.02
CA GLU A 12 8.46 -0.02 -2.26
C GLU A 12 7.47 0.56 -3.27
N GLU A 13 6.33 -0.10 -3.40
CA GLU A 13 5.32 0.30 -4.37
C GLU A 13 4.80 1.70 -4.06
N ILE A 14 4.72 2.00 -2.77
CA ILE A 14 4.33 3.34 -2.33
C ILE A 14 5.42 4.34 -2.69
N HIS A 15 6.67 3.90 -2.69
CA HIS A 15 7.78 4.75 -3.12
C HIS A 15 7.67 5.05 -4.61
N ARG A 16 7.23 4.05 -5.38
CA ARG A 16 7.19 4.15 -6.84
C ARG A 16 5.97 4.91 -7.32
N LEU A 17 4.80 4.53 -6.83
CA LEU A 17 3.54 5.07 -7.32
C LEU A 17 2.98 6.12 -6.37
N GLY A 18 3.67 6.33 -5.26
CA GLY A 18 3.18 7.22 -4.25
C GLY A 18 3.63 8.65 -4.44
N SER A 19 2.68 9.55 -4.34
CA SER A 19 2.96 10.98 -4.40
C SER A 19 3.00 11.53 -2.98
N LYS A 20 3.68 12.65 -2.79
CA LYS A 20 3.85 13.17 -1.43
C LYS A 20 2.60 13.84 -0.90
N ASN A 21 2.29 13.47 0.32
CA ASN A 21 1.12 13.95 1.03
C ASN A 21 1.47 15.22 1.79
N ALA A 22 0.47 15.82 2.43
CA ALA A 22 0.61 17.11 3.09
C ALA A 22 1.70 17.11 4.16
N ASP A 23 1.82 16.01 4.89
CA ASP A 23 2.78 15.93 5.99
C ASP A 23 4.19 15.66 5.48
N GLY A 24 4.31 15.39 4.19
CA GLY A 24 5.57 14.94 3.65
C GLY A 24 5.62 13.43 3.59
N LYS A 25 4.47 12.81 3.78
CA LYS A 25 4.34 11.37 3.71
C LYS A 25 4.15 10.94 2.27
N LEU A 26 4.25 9.66 1.99
CA LEU A 26 3.92 9.14 0.68
C LEU A 26 2.55 8.51 0.70
N SER A 27 1.76 8.79 -0.31
CA SER A 27 0.42 8.23 -0.40
C SER A 27 0.12 7.80 -1.83
N VAL A 28 -0.57 6.68 -1.98
CA VAL A 28 -0.91 6.15 -3.28
C VAL A 28 -2.33 5.59 -3.27
N LYS A 29 -3.08 5.85 -4.33
CA LYS A 29 -4.47 5.41 -4.41
C LYS A 29 -4.54 3.94 -4.79
N PHE A 30 -5.55 3.26 -4.26
CA PHE A 30 -5.74 1.84 -4.53
C PHE A 30 -5.80 1.56 -6.03
N GLY A 31 -6.50 2.42 -6.76
CA GLY A 31 -6.62 2.26 -8.20
C GLY A 31 -5.28 2.18 -8.90
N VAL A 32 -4.33 2.99 -8.44
CA VAL A 32 -3.01 3.03 -9.06
C VAL A 32 -2.18 1.80 -8.65
N LEU A 33 -2.25 1.46 -7.37
CA LEU A 33 -1.51 0.31 -6.84
C LEU A 33 -2.04 -0.98 -7.45
N PHE A 34 -3.37 -1.10 -7.48
CA PHE A 34 -4.03 -2.29 -8.01
C PHE A 34 -3.62 -2.53 -9.45
N ARG A 35 -3.51 -1.44 -10.22
CA ARG A 35 -3.04 -1.50 -11.60
C ARG A 35 -1.70 -2.22 -11.70
N ASP A 36 -0.77 -1.84 -10.82
CA ASP A 36 0.59 -2.38 -10.87
C ASP A 36 0.60 -3.84 -10.45
N ASP A 37 -0.19 -4.18 -9.44
CA ASP A 37 -0.28 -5.56 -8.99
C ASP A 37 -0.87 -6.46 -10.07
N LYS A 38 -1.92 -5.99 -10.73
CA LYS A 38 -2.59 -6.79 -11.78
C LYS A 38 -1.63 -7.12 -12.94
N SER A 39 -0.50 -6.42 -12.98
CA SER A 39 0.48 -6.63 -14.04
C SER A 39 1.35 -7.85 -13.76
N ALA A 40 1.77 -8.02 -12.51
CA ALA A 40 2.73 -9.07 -12.17
C ALA A 40 2.17 -10.05 -11.13
N ASN A 41 1.05 -9.69 -10.52
CA ASN A 41 0.54 -10.37 -9.33
C ASN A 41 1.61 -10.39 -8.27
N LEU A 42 1.87 -9.22 -7.72
CA LEU A 42 2.95 -9.02 -6.76
C LEU A 42 2.51 -9.46 -5.39
N PHE A 43 1.29 -9.11 -5.04
CA PHE A 43 0.74 -9.44 -3.74
C PHE A 43 -0.30 -10.53 -3.86
N GLU A 44 0.06 -11.73 -3.44
CA GLU A 44 -0.86 -12.86 -3.46
C GLU A 44 -2.13 -12.51 -2.66
N ALA A 45 -1.93 -11.85 -1.54
CA ALA A 45 -3.03 -11.33 -0.75
C ALA A 45 -2.79 -9.86 -0.47
N LEU A 46 -3.25 -9.01 -1.40
CA LEU A 46 -3.03 -7.57 -1.31
C LEU A 46 -3.60 -7.02 -0.01
N VAL A 47 -4.82 -7.44 0.32
CA VAL A 47 -5.46 -6.99 1.55
C VAL A 47 -4.67 -7.46 2.77
N GLY A 48 -4.12 -8.66 2.69
CA GLY A 48 -3.35 -9.21 3.79
C GLY A 48 -2.07 -8.42 4.06
N THR A 49 -1.34 -8.12 2.99
CA THR A 49 -0.14 -7.29 3.07
C THR A 49 -0.47 -5.92 3.65
N LEU A 50 -1.59 -5.34 3.21
CA LEU A 50 -2.06 -4.06 3.74
C LEU A 50 -2.33 -4.16 5.24
N LYS A 51 -3.07 -5.20 5.62
CA LYS A 51 -3.40 -5.45 7.02
C LYS A 51 -2.14 -5.61 7.87
N ALA A 52 -1.15 -6.32 7.33
CA ALA A 52 0.11 -6.54 8.02
C ALA A 52 0.79 -5.21 8.37
N ALA A 53 0.92 -4.36 7.36
CA ALA A 53 1.58 -3.09 7.54
C ALA A 53 0.69 -2.11 8.31
N LYS A 54 -0.62 -2.29 8.20
CA LYS A 54 -1.56 -1.45 8.93
C LYS A 54 -1.43 -1.71 10.44
N ARG A 55 -1.24 -2.98 10.79
CA ARG A 55 -1.02 -3.36 12.18
C ARG A 55 0.30 -2.78 12.70
N ARG A 56 1.31 -2.76 11.84
CA ARG A 56 2.63 -2.29 12.22
C ARG A 56 2.76 -0.77 12.09
N LYS A 57 1.64 -0.11 11.82
CA LYS A 57 1.59 1.35 11.68
C LYS A 57 2.46 1.82 10.52
N ILE A 58 2.72 0.93 9.59
CA ILE A 58 3.53 1.25 8.42
C ILE A 58 2.70 2.00 7.39
N VAL A 59 1.50 1.48 7.13
CA VAL A 59 0.58 2.12 6.20
C VAL A 59 -0.79 2.26 6.83
N THR A 60 -1.59 3.14 6.28
CA THR A 60 -2.96 3.28 6.72
C THR A 60 -3.88 3.55 5.54
N TYR A 61 -5.09 3.08 5.64
CA TYR A 61 -6.11 3.32 4.63
C TYR A 61 -7.48 3.21 5.28
N PRO A 62 -8.39 4.12 4.95
CA PRO A 62 -9.75 4.10 5.50
C PRO A 62 -10.49 2.82 5.12
N GLY A 63 -11.24 2.28 6.07
CA GLY A 63 -11.98 1.05 5.83
C GLY A 63 -11.12 -0.18 6.00
N GLU A 64 -11.74 -1.34 5.90
CA GLU A 64 -11.05 -2.61 5.99
C GLU A 64 -11.26 -3.39 4.70
N LEU A 65 -12.52 -3.71 4.42
CA LEU A 65 -12.89 -4.42 3.21
C LEU A 65 -13.17 -3.42 2.09
N LEU A 66 -13.38 -3.92 0.89
CA LEU A 66 -13.59 -3.04 -0.25
C LEU A 66 -14.93 -3.30 -0.93
N LEU A 67 -15.64 -2.22 -1.23
CA LEU A 67 -16.81 -2.30 -2.07
C LEU A 67 -16.41 -1.85 -3.47
N GLN A 68 -17.04 -2.42 -4.48
CA GLN A 68 -16.66 -2.18 -5.87
C GLN A 68 -16.96 -0.74 -6.27
N GLY A 69 -15.90 0.02 -6.57
CA GLY A 69 -16.07 1.35 -7.08
C GLY A 69 -15.88 2.44 -6.04
N VAL A 70 -15.98 2.08 -4.76
CA VAL A 70 -15.93 3.09 -3.70
C VAL A 70 -14.55 3.19 -3.10
N HIS A 71 -13.76 2.14 -3.22
CA HIS A 71 -12.49 2.06 -2.53
C HIS A 71 -11.32 2.26 -3.50
N ASP A 72 -11.65 2.43 -4.77
CA ASP A 72 -10.65 2.60 -5.82
C ASP A 72 -9.90 3.91 -5.66
N ASP A 73 -10.63 4.95 -5.26
CA ASP A 73 -10.05 6.28 -5.13
C ASP A 73 -9.50 6.51 -3.73
N VAL A 74 -9.47 5.46 -2.93
CA VAL A 74 -8.98 5.57 -1.56
C VAL A 74 -7.45 5.56 -1.54
N ASP A 75 -6.89 6.57 -0.88
CA ASP A 75 -5.45 6.73 -0.77
C ASP A 75 -4.89 5.93 0.41
N ILE A 76 -3.85 5.15 0.13
CA ILE A 76 -3.12 4.47 1.18
C ILE A 76 -1.93 5.32 1.58
N ILE A 77 -1.90 5.71 2.85
CA ILE A 77 -0.88 6.61 3.34
C ILE A 77 0.22 5.86 4.08
N LEU A 78 1.46 6.11 3.69
CA LEU A 78 2.61 5.52 4.35
C LEU A 78 2.95 6.32 5.60
N LEU A 79 2.74 5.71 6.77
CA LEU A 79 3.00 6.38 8.04
C LEU A 79 4.42 6.11 8.50
N GLN A 80 4.85 4.87 8.34
CA GLN A 80 6.16 4.44 8.79
C GLN A 80 6.92 3.81 7.63
N ASP A 81 8.17 4.20 7.47
CA ASP A 81 9.00 3.66 6.41
C ASP A 81 10.07 2.76 7.02
N LEU A 82 10.00 1.48 6.71
CA LEU A 82 10.93 0.53 7.28
C LEU A 82 12.17 0.33 6.40
N GLU A 83 12.18 0.94 5.23
CA GLU A 83 13.21 0.63 4.26
C GLU A 83 14.32 1.68 4.30
N HIS A 84 13.95 2.95 4.22
CA HIS A 84 14.96 4.00 4.06
C HIS A 84 14.65 5.23 4.90
N HIS A 85 13.39 5.56 5.09
CA HIS A 85 13.02 6.81 5.75
C HIS A 85 12.66 6.56 7.21
N MET A 1 7.22 -16.45 -0.24
CA MET A 1 6.69 -15.13 0.19
C MET A 1 6.60 -15.08 1.71
N ASN A 2 7.39 -14.20 2.31
CA ASN A 2 7.33 -13.97 3.74
C ASN A 2 6.72 -12.60 3.99
N VAL A 3 5.72 -12.55 4.87
CA VAL A 3 4.92 -11.34 5.06
C VAL A 3 5.78 -10.09 5.27
N ASP A 4 6.84 -10.19 6.06
CA ASP A 4 7.71 -9.05 6.32
C ASP A 4 8.35 -8.55 5.03
N HIS A 5 8.76 -9.49 4.19
CA HIS A 5 9.33 -9.16 2.88
C HIS A 5 8.27 -8.49 2.01
N GLU A 6 7.07 -9.04 2.04
CA GLU A 6 5.97 -8.52 1.23
C GLU A 6 5.61 -7.10 1.67
N VAL A 7 5.74 -6.84 2.96
CA VAL A 7 5.52 -5.49 3.49
C VAL A 7 6.61 -4.54 3.02
N ASN A 8 7.85 -5.04 2.97
CA ASN A 8 8.97 -4.26 2.43
C ASN A 8 8.74 -3.99 0.95
N LEU A 9 8.09 -4.92 0.28
CA LEU A 9 7.71 -4.76 -1.11
C LEU A 9 6.64 -3.69 -1.22
N LEU A 10 5.65 -3.77 -0.33
CA LEU A 10 4.56 -2.82 -0.28
C LEU A 10 5.08 -1.41 -0.12
N VAL A 11 5.93 -1.20 0.88
CA VAL A 11 6.46 0.14 1.17
C VAL A 11 7.34 0.64 0.02
N GLU A 12 7.98 -0.28 -0.68
CA GLU A 12 8.81 0.08 -1.81
C GLU A 12 7.96 0.54 -2.99
N GLU A 13 6.89 -0.20 -3.27
CA GLU A 13 5.99 0.17 -4.36
C GLU A 13 5.31 1.50 -4.07
N ILE A 14 5.04 1.76 -2.79
CA ILE A 14 4.49 3.04 -2.38
C ILE A 14 5.49 4.17 -2.64
N HIS A 15 6.78 3.85 -2.52
CA HIS A 15 7.82 4.81 -2.85
C HIS A 15 7.77 5.21 -4.33
N ARG A 16 7.57 4.23 -5.21
CA ARG A 16 7.58 4.51 -6.65
C ARG A 16 6.23 5.00 -7.16
N LEU A 17 5.16 4.31 -6.79
CA LEU A 17 3.83 4.62 -7.30
C LEU A 17 3.21 5.79 -6.55
N GLY A 18 3.72 6.07 -5.37
CA GLY A 18 3.13 7.07 -4.53
C GLY A 18 3.64 8.46 -4.83
N SER A 19 2.88 9.45 -4.37
CA SER A 19 3.23 10.85 -4.50
C SER A 19 3.19 11.49 -3.11
N LYS A 20 3.87 12.61 -2.93
CA LYS A 20 3.94 13.22 -1.61
C LYS A 20 2.65 13.90 -1.25
N ASN A 21 2.16 13.52 -0.09
CA ASN A 21 0.93 14.03 0.47
C ASN A 21 1.21 15.32 1.23
N ALA A 22 0.16 15.99 1.66
CA ALA A 22 0.26 17.28 2.32
C ALA A 22 1.05 17.18 3.63
N ASP A 23 1.04 16.00 4.22
CA ASP A 23 1.75 15.76 5.48
C ASP A 23 3.25 15.56 5.25
N GLY A 24 3.63 15.39 3.99
CA GLY A 24 4.99 14.99 3.68
C GLY A 24 5.10 13.47 3.61
N LYS A 25 3.94 12.83 3.79
CA LYS A 25 3.83 11.38 3.74
C LYS A 25 3.67 10.92 2.31
N LEU A 26 4.23 9.76 1.99
CA LEU A 26 4.02 9.16 0.68
C LEU A 26 2.66 8.48 0.65
N SER A 27 1.87 8.78 -0.36
CA SER A 27 0.55 8.20 -0.46
C SER A 27 0.26 7.77 -1.89
N VAL A 28 -0.45 6.66 -2.03
CA VAL A 28 -0.76 6.10 -3.33
C VAL A 28 -2.18 5.55 -3.34
N LYS A 29 -2.91 5.79 -4.42
CA LYS A 29 -4.30 5.35 -4.51
C LYS A 29 -4.38 3.86 -4.82
N PHE A 30 -5.35 3.21 -4.22
CA PHE A 30 -5.54 1.78 -4.37
C PHE A 30 -6.01 1.44 -5.77
N GLY A 31 -6.68 2.39 -6.41
CA GLY A 31 -7.16 2.17 -7.76
C GLY A 31 -6.02 1.97 -8.74
N VAL A 32 -5.03 2.85 -8.68
CA VAL A 32 -3.90 2.78 -9.58
C VAL A 32 -2.94 1.66 -9.19
N LEU A 33 -2.71 1.53 -7.88
CA LEU A 33 -1.85 0.46 -7.36
C LEU A 33 -2.41 -0.91 -7.75
N PHE A 34 -3.71 -1.09 -7.57
CA PHE A 34 -4.36 -2.35 -7.93
C PHE A 34 -4.33 -2.55 -9.44
N ARG A 35 -4.47 -1.45 -10.17
CA ARG A 35 -4.39 -1.49 -11.63
C ARG A 35 -3.02 -2.01 -12.09
N ASP A 36 -1.97 -1.45 -11.50
CA ASP A 36 -0.61 -1.88 -11.81
C ASP A 36 -0.38 -3.32 -11.38
N ASP A 37 -0.75 -3.63 -10.13
CA ASP A 37 -0.56 -4.97 -9.60
C ASP A 37 -1.36 -5.99 -10.40
N LYS A 38 -2.49 -5.57 -10.94
CA LYS A 38 -3.34 -6.46 -11.72
C LYS A 38 -2.59 -7.05 -12.92
N SER A 39 -1.61 -6.30 -13.41
CA SER A 39 -0.87 -6.70 -14.58
C SER A 39 0.34 -7.59 -14.23
N ALA A 40 0.73 -7.57 -12.96
CA ALA A 40 1.93 -8.29 -12.54
C ALA A 40 1.64 -9.35 -11.47
N ASN A 41 0.67 -9.07 -10.62
CA ASN A 41 0.35 -9.89 -9.46
C ASN A 41 1.58 -10.08 -8.58
N LEU A 42 2.07 -8.97 -8.04
CA LEU A 42 3.25 -9.00 -7.19
C LEU A 42 2.88 -9.44 -5.80
N PHE A 43 1.80 -8.87 -5.28
CA PHE A 43 1.35 -9.18 -3.94
C PHE A 43 0.42 -10.39 -3.95
N GLU A 44 0.93 -11.50 -3.43
CA GLU A 44 0.14 -12.74 -3.33
C GLU A 44 -1.15 -12.46 -2.56
N ALA A 45 -1.01 -11.88 -1.38
CA ALA A 45 -2.14 -11.44 -0.59
C ALA A 45 -2.08 -9.94 -0.39
N LEU A 46 -2.59 -9.20 -1.37
CA LEU A 46 -2.55 -7.74 -1.33
C LEU A 46 -3.26 -7.21 -0.08
N VAL A 47 -4.41 -7.79 0.23
CA VAL A 47 -5.16 -7.41 1.42
C VAL A 47 -4.40 -7.82 2.68
N GLY A 48 -3.67 -8.93 2.59
CA GLY A 48 -2.91 -9.42 3.72
C GLY A 48 -1.72 -8.53 4.04
N THR A 49 -1.01 -8.12 3.01
CA THR A 49 0.11 -7.20 3.15
C THR A 49 -0.36 -5.87 3.76
N LEU A 50 -1.49 -5.37 3.28
CA LEU A 50 -2.08 -4.15 3.82
C LEU A 50 -2.43 -4.34 5.30
N LYS A 51 -3.03 -5.48 5.61
CA LYS A 51 -3.42 -5.81 6.98
C LYS A 51 -2.21 -5.80 7.90
N ALA A 52 -1.13 -6.45 7.45
CA ALA A 52 0.11 -6.54 8.21
C ALA A 52 0.63 -5.15 8.58
N ALA A 53 0.74 -4.30 7.57
CA ALA A 53 1.30 -2.98 7.76
C ALA A 53 0.32 -2.05 8.48
N LYS A 54 -0.97 -2.29 8.34
CA LYS A 54 -1.97 -1.50 9.05
C LYS A 54 -1.91 -1.80 10.55
N ARG A 55 -1.66 -3.06 10.88
CA ARG A 55 -1.50 -3.47 12.27
C ARG A 55 -0.26 -2.83 12.88
N ARG A 56 0.80 -2.72 12.09
CA ARG A 56 2.05 -2.14 12.56
C ARG A 56 2.07 -0.64 12.37
N LYS A 57 1.00 -0.09 11.80
CA LYS A 57 0.91 1.32 11.47
C LYS A 57 2.06 1.75 10.56
N ILE A 58 2.47 0.81 9.70
CA ILE A 58 3.41 1.10 8.64
C ILE A 58 2.71 1.94 7.59
N VAL A 59 1.48 1.54 7.31
CA VAL A 59 0.61 2.24 6.38
C VAL A 59 -0.78 2.36 6.98
N THR A 60 -1.63 3.12 6.33
CA THR A 60 -3.01 3.23 6.76
C THR A 60 -3.89 3.57 5.56
N TYR A 61 -5.13 3.13 5.62
CA TYR A 61 -6.08 3.37 4.55
C TYR A 61 -7.49 3.27 5.10
N PRO A 62 -8.44 4.04 4.56
CA PRO A 62 -9.84 4.00 5.00
C PRO A 62 -10.42 2.60 4.94
N GLY A 63 -11.16 2.23 5.98
CA GLY A 63 -11.71 0.90 6.07
C GLY A 63 -10.66 -0.19 5.95
N GLU A 64 -11.09 -1.36 5.51
CA GLU A 64 -10.19 -2.45 5.19
C GLU A 64 -10.87 -3.46 4.27
N LEU A 65 -12.18 -3.27 4.06
CA LEU A 65 -12.91 -4.06 3.10
C LEU A 65 -13.24 -3.21 1.89
N LEU A 66 -12.39 -3.26 0.88
CA LEU A 66 -12.51 -2.38 -0.27
C LEU A 66 -12.68 -3.17 -1.57
N LEU A 67 -13.91 -3.28 -2.03
CA LEU A 67 -14.21 -3.98 -3.29
C LEU A 67 -13.96 -3.08 -4.49
N GLN A 68 -14.09 -3.64 -5.68
CA GLN A 68 -13.84 -2.89 -6.92
C GLN A 68 -14.85 -1.76 -7.10
N GLY A 69 -14.43 -0.71 -7.78
CA GLY A 69 -15.29 0.41 -8.05
C GLY A 69 -15.27 1.46 -6.94
N VAL A 70 -15.30 1.01 -5.70
CA VAL A 70 -15.42 1.93 -4.57
C VAL A 70 -14.06 2.26 -3.95
N HIS A 71 -13.00 1.58 -4.37
CA HIS A 71 -11.71 1.76 -3.71
C HIS A 71 -10.66 2.46 -4.59
N ASP A 72 -11.08 3.02 -5.71
CA ASP A 72 -10.13 3.54 -6.69
C ASP A 72 -9.42 4.80 -6.18
N ASP A 73 -10.14 5.62 -5.43
CA ASP A 73 -9.60 6.90 -4.95
C ASP A 73 -9.09 6.77 -3.52
N VAL A 74 -9.03 5.54 -3.02
CA VAL A 74 -8.56 5.31 -1.67
C VAL A 74 -7.05 5.48 -1.62
N ASP A 75 -6.59 6.48 -0.89
CA ASP A 75 -5.15 6.73 -0.78
C ASP A 75 -4.57 6.00 0.42
N ILE A 76 -3.63 5.12 0.16
CA ILE A 76 -2.90 4.44 1.22
C ILE A 76 -1.72 5.30 1.64
N ILE A 77 -1.73 5.73 2.88
CA ILE A 77 -0.71 6.64 3.38
C ILE A 77 0.40 5.86 4.10
N LEU A 78 1.63 6.08 3.67
CA LEU A 78 2.78 5.46 4.31
C LEU A 78 3.14 6.24 5.57
N LEU A 79 2.91 5.61 6.73
CA LEU A 79 3.17 6.26 8.00
C LEU A 79 4.60 6.01 8.44
N GLN A 80 5.07 4.78 8.26
CA GLN A 80 6.43 4.42 8.61
C GLN A 80 7.23 4.25 7.33
N ASP A 81 8.38 4.89 7.25
CA ASP A 81 9.16 4.83 6.03
C ASP A 81 10.57 4.34 6.32
N LEU A 82 10.72 3.03 6.35
CA LEU A 82 12.01 2.40 6.55
C LEU A 82 12.52 1.83 5.23
N GLU A 83 11.58 1.34 4.43
CA GLU A 83 11.88 0.62 3.20
C GLU A 83 12.79 -0.58 3.51
N HIS A 84 14.06 -0.48 3.07
CA HIS A 84 15.07 -1.51 3.35
C HIS A 84 16.33 -1.22 2.53
N HIS A 85 16.12 -0.81 1.27
CA HIS A 85 17.19 -0.59 0.31
C HIS A 85 18.15 -1.78 0.29
#